data_8P36
# 
_entry.id   8P36 
# 
_audit_conform.dict_name       mmcif_pdbx.dic 
_audit_conform.dict_version    5.397 
_audit_conform.dict_location   http://mmcif.pdb.org/dictionaries/ascii/mmcif_pdbx.dic 
# 
loop_
_database_2.database_id 
_database_2.database_code 
_database_2.pdbx_database_accession 
_database_2.pdbx_DOI 
PDB   8P36         pdb_00008p36 10.2210/pdb8p36/pdb 
WWPDB D_1292130571 ?            ?                   
EMDB  EMD-17384    ?            ?                   
# 
loop_
_pdbx_audit_revision_history.ordinal 
_pdbx_audit_revision_history.data_content_type 
_pdbx_audit_revision_history.major_revision 
_pdbx_audit_revision_history.minor_revision 
_pdbx_audit_revision_history.revision_date 
1 'Structure model' 1 0 2024-04-03 
2 'Structure model' 1 1 2024-10-16 
# 
_pdbx_audit_revision_details.ordinal             1 
_pdbx_audit_revision_details.revision_ordinal    1 
_pdbx_audit_revision_details.data_content_type   'Structure model' 
_pdbx_audit_revision_details.provider            repository 
_pdbx_audit_revision_details.type                'Initial release' 
_pdbx_audit_revision_details.description         ? 
_pdbx_audit_revision_details.details             ? 
# 
loop_
_pdbx_audit_revision_group.ordinal 
_pdbx_audit_revision_group.revision_ordinal 
_pdbx_audit_revision_group.data_content_type 
_pdbx_audit_revision_group.group 
1 2 'Structure model' 'Data collection'   
2 2 'Structure model' 'Structure summary' 
# 
loop_
_pdbx_audit_revision_category.ordinal 
_pdbx_audit_revision_category.revision_ordinal 
_pdbx_audit_revision_category.data_content_type 
_pdbx_audit_revision_category.category 
1 2 'Structure model' em_admin                  
2 2 'Structure model' pdbx_entry_details        
3 2 'Structure model' pdbx_modification_feature 
# 
loop_
_pdbx_audit_revision_item.ordinal 
_pdbx_audit_revision_item.revision_ordinal 
_pdbx_audit_revision_item.data_content_type 
_pdbx_audit_revision_item.item 
1 2 'Structure model' '_em_admin.last_update'                        
2 2 'Structure model' '_pdbx_entry_details.has_protein_modification' 
# 
_pdbx_database_status.status_code                     REL 
_pdbx_database_status.status_code_sf                  ? 
_pdbx_database_status.status_code_mr                  ? 
_pdbx_database_status.entry_id                        8P36 
_pdbx_database_status.recvd_initial_deposition_date   2023-05-17 
_pdbx_database_status.SG_entry                        N 
_pdbx_database_status.deposit_site                    PDBE 
_pdbx_database_status.process_site                    PDBE 
_pdbx_database_status.status_code_cs                  ? 
_pdbx_database_status.status_code_nmr_data            ? 
_pdbx_database_status.methods_development_category    ? 
_pdbx_database_status.pdb_format_compatible           Y 
# 
_pdbx_database_related.db_name        EMDB 
_pdbx_database_related.details        'Neisseria meningitidis Type IV pilus SB-DATDH variant' 
_pdbx_database_related.db_id          EMD-17384 
_pdbx_database_related.content_type   'associated EM volume' 
# 
_pdbx_contact_author.id                 2 
_pdbx_contact_author.email              guillaume.dumenil@pasteur.fr 
_pdbx_contact_author.name_first         Guillaume 
_pdbx_contact_author.name_last          Dumenil 
_pdbx_contact_author.name_mi            ? 
_pdbx_contact_author.role               'principal investigator/group leader' 
_pdbx_contact_author.identifier_ORCID   0000-0001-9174-9110 
# 
loop_
_audit_author.name 
_audit_author.pdbx_ordinal 
_audit_author.identifier_ORCID 
'Fernandez-Martinez, D.' 1 0000-0002-4216-2345 
'Dumenil, G.'            2 0000-0001-9174-9110 
# 
_citation.abstract                  ? 
_citation.abstract_id_CAS           ? 
_citation.book_id_ISBN              ? 
_citation.book_publisher            ? 
_citation.book_publisher_city       ? 
_citation.book_title                ? 
_citation.coordinate_linkage        ? 
_citation.country                   UK 
_citation.database_id_Medline       ? 
_citation.details                   ? 
_citation.id                        primary 
_citation.journal_abbrev            'Nat Commun' 
_citation.journal_id_ASTM           ? 
_citation.journal_id_CSD            ? 
_citation.journal_id_ISSN           2041-1723 
_citation.journal_full              ? 
_citation.journal_issue             ? 
_citation.journal_volume            15 
_citation.language                  ? 
_citation.page_first                2414 
_citation.page_last                 2414 
_citation.title                     'Cryo-EM structures of type IV pili complexed with nanobodies reveal immune escape mechanisms.' 
_citation.year                      2024 
_citation.database_id_CSD           ? 
_citation.pdbx_database_id_DOI      10.1038/s41467-024-46677-y 
_citation.pdbx_database_id_PubMed   38499587 
_citation.pdbx_database_id_patent   ? 
_citation.unpublished_flag          ? 
# 
loop_
_citation_author.citation_id 
_citation_author.name 
_citation_author.ordinal 
_citation_author.identifier_ORCID 
primary 'Fernandez-Martinez, D.' 1  ?                   
primary 'Kong, Y.'               2  ?                   
primary 'Goussard, S.'           3  ?                   
primary 'Zavala, A.'             4  0000-0003-1606-3244 
primary 'Gastineau, P.'          5  0000-0001-6579-2756 
primary 'Rey, M.'                6  0000-0002-7378-1106 
primary 'Ayme, G.'               7  0000-0002-0438-8095 
primary 'Chamot-Rooke, J.'       8  0000-0002-9427-543X 
primary 'Lafaye, P.'             9  0000-0002-5761-1342 
primary 'Vos, M.'                10 ?                   
primary 'Mechaly, A.'            11 ?                   
primary 'Dumenil, G.'            12 0000-0001-9174-9110 
# 
loop_
_entity.id 
_entity.type 
_entity.src_method 
_entity.pdbx_description 
_entity.formula_weight 
_entity.pdbx_number_of_molecules 
_entity.pdbx_ec 
_entity.pdbx_mutation 
_entity.pdbx_fragment 
_entity.details 
1 polymer     nat 'Neisseria meningitidis PilE, SB-DATDH variant'      17067.182 1 ? ? ? ? 
2 non-polymer syn SN-GLYCEROL-3-PHOSPHATE                              172.074   1 ? ? ? ? 
3 non-polymer syn 2,4-bisacetamido-2,4,6-trideoxy-beta-D-glucopyranose 246.260   1 ? ? ? ? 
# 
_entity_poly.entity_id                      1 
_entity_poly.type                           'polypeptide(L)' 
_entity_poly.nstd_linkage                   no 
_entity_poly.nstd_monomer                   no 
_entity_poly.pdbx_seq_one_letter_code       
;FTLIELMIVIAIVGILAAVALPAYQDYTARAQVSEAILLAEGQKSAVTEYYLNHGEWPGDNSSAGVATSADIKGKYVQSV
TVANGVITAQMASSNVNNEIKSKKLSLWAKRQNGSVKWFCGQPVTRTTATATDVAAANGKTDDKINTKHLPSTCRDDSSA
S
;
_entity_poly.pdbx_seq_one_letter_code_can   
;FTLIELMIVIAIVGILAAVALPAYQDYTARAQVSEAILLAEGQKSAVTEYYLNHGEWPGDNSSAGVATSADIKGKYVQSV
TVANGVITAQMASSNVNNEIKSKKLSLWAKRQNGSVKWFCGQPVTRTTATATDVAAANGKTDDKINTKHLPSTCRDDSSA
S
;
_entity_poly.pdbx_strand_id                 A 
_entity_poly.pdbx_target_identifier         ? 
# 
loop_
_pdbx_entity_nonpoly.entity_id 
_pdbx_entity_nonpoly.name 
_pdbx_entity_nonpoly.comp_id 
2 SN-GLYCEROL-3-PHOSPHATE                              G3P 
3 2,4-bisacetamido-2,4,6-trideoxy-beta-D-glucopyranose B6D 
# 
loop_
_entity_poly_seq.entity_id 
_entity_poly_seq.num 
_entity_poly_seq.mon_id 
_entity_poly_seq.hetero 
1 1   PHE n 
1 2   THR n 
1 3   LEU n 
1 4   ILE n 
1 5   GLU n 
1 6   LEU n 
1 7   MET n 
1 8   ILE n 
1 9   VAL n 
1 10  ILE n 
1 11  ALA n 
1 12  ILE n 
1 13  VAL n 
1 14  GLY n 
1 15  ILE n 
1 16  LEU n 
1 17  ALA n 
1 18  ALA n 
1 19  VAL n 
1 20  ALA n 
1 21  LEU n 
1 22  PRO n 
1 23  ALA n 
1 24  TYR n 
1 25  GLN n 
1 26  ASP n 
1 27  TYR n 
1 28  THR n 
1 29  ALA n 
1 30  ARG n 
1 31  ALA n 
1 32  GLN n 
1 33  VAL n 
1 34  SER n 
1 35  GLU n 
1 36  ALA n 
1 37  ILE n 
1 38  LEU n 
1 39  LEU n 
1 40  ALA n 
1 41  GLU n 
1 42  GLY n 
1 43  GLN n 
1 44  LYS n 
1 45  SER n 
1 46  ALA n 
1 47  VAL n 
1 48  THR n 
1 49  GLU n 
1 50  TYR n 
1 51  TYR n 
1 52  LEU n 
1 53  ASN n 
1 54  HIS n 
1 55  GLY n 
1 56  GLU n 
1 57  TRP n 
1 58  PRO n 
1 59  GLY n 
1 60  ASP n 
1 61  ASN n 
1 62  SER n 
1 63  SER n 
1 64  ALA n 
1 65  GLY n 
1 66  VAL n 
1 67  ALA n 
1 68  THR n 
1 69  SER n 
1 70  ALA n 
1 71  ASP n 
1 72  ILE n 
1 73  LYS n 
1 74  GLY n 
1 75  LYS n 
1 76  TYR n 
1 77  VAL n 
1 78  GLN n 
1 79  SER n 
1 80  VAL n 
1 81  THR n 
1 82  VAL n 
1 83  ALA n 
1 84  ASN n 
1 85  GLY n 
1 86  VAL n 
1 87  ILE n 
1 88  THR n 
1 89  ALA n 
1 90  GLN n 
1 91  MET n 
1 92  ALA n 
1 93  SER n 
1 94  SER n 
1 95  ASN n 
1 96  VAL n 
1 97  ASN n 
1 98  ASN n 
1 99  GLU n 
1 100 ILE n 
1 101 LYS n 
1 102 SER n 
1 103 LYS n 
1 104 LYS n 
1 105 LEU n 
1 106 SER n 
1 107 LEU n 
1 108 TRP n 
1 109 ALA n 
1 110 LYS n 
1 111 ARG n 
1 112 GLN n 
1 113 ASN n 
1 114 GLY n 
1 115 SER n 
1 116 VAL n 
1 117 LYS n 
1 118 TRP n 
1 119 PHE n 
1 120 CYS n 
1 121 GLY n 
1 122 GLN n 
1 123 PRO n 
1 124 VAL n 
1 125 THR n 
1 126 ARG n 
1 127 THR n 
1 128 THR n 
1 129 ALA n 
1 130 THR n 
1 131 ALA n 
1 132 THR n 
1 133 ASP n 
1 134 VAL n 
1 135 ALA n 
1 136 ALA n 
1 137 ALA n 
1 138 ASN n 
1 139 GLY n 
1 140 LYS n 
1 141 THR n 
1 142 ASP n 
1 143 ASP n 
1 144 LYS n 
1 145 ILE n 
1 146 ASN n 
1 147 THR n 
1 148 LYS n 
1 149 HIS n 
1 150 LEU n 
1 151 PRO n 
1 152 SER n 
1 153 THR n 
1 154 CYS n 
1 155 ARG n 
1 156 ASP n 
1 157 ASP n 
1 158 SER n 
1 159 SER n 
1 160 ALA n 
1 161 SER n 
# 
_entity_src_nat.entity_id                  1 
_entity_src_nat.pdbx_src_id                1 
_entity_src_nat.pdbx_alt_source_flag       sample 
_entity_src_nat.pdbx_beg_seq_num           1 
_entity_src_nat.pdbx_end_seq_num           161 
_entity_src_nat.common_name                ? 
_entity_src_nat.pdbx_organism_scientific   'Neisseria meningitidis 8013' 
_entity_src_nat.pdbx_ncbi_taxonomy_id      604162 
_entity_src_nat.genus                      ? 
_entity_src_nat.species                    ? 
_entity_src_nat.strain                     ? 
_entity_src_nat.tissue                     ? 
_entity_src_nat.tissue_fraction            ? 
_entity_src_nat.pdbx_secretion             ? 
_entity_src_nat.pdbx_fragment              ? 
_entity_src_nat.pdbx_variant               ? 
_entity_src_nat.pdbx_cell_line             ? 
_entity_src_nat.pdbx_atcc                  ? 
_entity_src_nat.pdbx_cellular_location     ? 
_entity_src_nat.pdbx_organ                 ? 
_entity_src_nat.pdbx_organelle             ? 
_entity_src_nat.pdbx_cell                  ? 
_entity_src_nat.pdbx_plasmid_name          ? 
_entity_src_nat.pdbx_plasmid_details       ? 
_entity_src_nat.details                    ? 
# 
loop_
_chem_comp.id 
_chem_comp.type 
_chem_comp.mon_nstd_flag 
_chem_comp.name 
_chem_comp.pdbx_synonyms 
_chem_comp.formula 
_chem_comp.formula_weight 
ALA 'L-peptide linking'          y ALANINE                                              ? 'C3 H7 N O2'     89.093  
ARG 'L-peptide linking'          y ARGININE                                             ? 'C6 H15 N4 O2 1' 175.209 
ASN 'L-peptide linking'          y ASPARAGINE                                           ? 'C4 H8 N2 O3'    132.118 
ASP 'L-peptide linking'          y 'ASPARTIC ACID'                                      ? 'C4 H7 N O4'     133.103 
B6D 'D-saccharide, beta linking' . 2,4-bisacetamido-2,4,6-trideoxy-beta-D-glucopyranose 
;2,4-bis(acetylamino)-2,4,6-trideoxy-beta-D-glucopyranose; 2,4-diacetamido-2,4,6-trideoxy-beta-D-glucopyranose; bacillosamine; 2,4-bisacetamido-2,4,6-trideoxy-beta-D-glucose; 2,4-bisacetamido-2,4,6-trideoxy-D-glucose; 2,4-bisacetamido-2,4,6-trideoxy-glucose
;
'C10 H18 N2 O5'  246.260 
CYS 'L-peptide linking'          y CYSTEINE                                             ? 'C3 H7 N O2 S'   121.158 
G3P non-polymer                  . SN-GLYCEROL-3-PHOSPHATE                              ? 'C3 H9 O6 P'     172.074 
GLN 'L-peptide linking'          y GLUTAMINE                                            ? 'C5 H10 N2 O3'   146.144 
GLU 'L-peptide linking'          y 'GLUTAMIC ACID'                                      ? 'C5 H9 N O4'     147.129 
GLY 'peptide linking'            y GLYCINE                                              ? 'C2 H5 N O2'     75.067  
HIS 'L-peptide linking'          y HISTIDINE                                            ? 'C6 H10 N3 O2 1' 156.162 
ILE 'L-peptide linking'          y ISOLEUCINE                                           ? 'C6 H13 N O2'    131.173 
LEU 'L-peptide linking'          y LEUCINE                                              ? 'C6 H13 N O2'    131.173 
LYS 'L-peptide linking'          y LYSINE                                               ? 'C6 H15 N2 O2 1' 147.195 
MET 'L-peptide linking'          y METHIONINE                                           ? 'C5 H11 N O2 S'  149.211 
PHE 'L-peptide linking'          y PHENYLALANINE                                        ? 'C9 H11 N O2'    165.189 
PRO 'L-peptide linking'          y PROLINE                                              ? 'C5 H9 N O2'     115.130 
SER 'L-peptide linking'          y SERINE                                               ? 'C3 H7 N O3'     105.093 
THR 'L-peptide linking'          y THREONINE                                            ? 'C4 H9 N O3'     119.119 
TRP 'L-peptide linking'          y TRYPTOPHAN                                           ? 'C11 H12 N2 O2'  204.225 
TYR 'L-peptide linking'          y TYROSINE                                             ? 'C9 H11 N O3'    181.189 
VAL 'L-peptide linking'          y VALINE                                               ? 'C5 H11 N O2'    117.146 
# 
_pdbx_chem_comp_identifier.comp_id           B6D 
_pdbx_chem_comp_identifier.type              'IUPAC CARBOHYDRATE SYMBOL' 
_pdbx_chem_comp_identifier.program           PDB-CARE 
_pdbx_chem_comp_identifier.program_version   1.0 
_pdbx_chem_comp_identifier.identifier        b-D-6-deoxy-GlcpNAc4NAc 
# 
loop_
_pdbx_poly_seq_scheme.asym_id 
_pdbx_poly_seq_scheme.entity_id 
_pdbx_poly_seq_scheme.seq_id 
_pdbx_poly_seq_scheme.mon_id 
_pdbx_poly_seq_scheme.ndb_seq_num 
_pdbx_poly_seq_scheme.pdb_seq_num 
_pdbx_poly_seq_scheme.auth_seq_num 
_pdbx_poly_seq_scheme.pdb_mon_id 
_pdbx_poly_seq_scheme.auth_mon_id 
_pdbx_poly_seq_scheme.pdb_strand_id 
_pdbx_poly_seq_scheme.pdb_ins_code 
_pdbx_poly_seq_scheme.hetero 
A 1 1   PHE 1   1   1   PHE PHE A . n 
A 1 2   THR 2   2   2   THR THR A . n 
A 1 3   LEU 3   3   3   LEU LEU A . n 
A 1 4   ILE 4   4   4   ILE ILE A . n 
A 1 5   GLU 5   5   5   GLU GLU A . n 
A 1 6   LEU 6   6   6   LEU LEU A . n 
A 1 7   MET 7   7   7   MET MET A . n 
A 1 8   ILE 8   8   8   ILE ILE A . n 
A 1 9   VAL 9   9   9   VAL VAL A . n 
A 1 10  ILE 10  10  10  ILE ILE A . n 
A 1 11  ALA 11  11  11  ALA ALA A . n 
A 1 12  ILE 12  12  12  ILE ILE A . n 
A 1 13  VAL 13  13  13  VAL VAL A . n 
A 1 14  GLY 14  14  14  GLY GLY A . n 
A 1 15  ILE 15  15  15  ILE ILE A . n 
A 1 16  LEU 16  16  16  LEU LEU A . n 
A 1 17  ALA 17  17  17  ALA ALA A . n 
A 1 18  ALA 18  18  18  ALA ALA A . n 
A 1 19  VAL 19  19  19  VAL VAL A . n 
A 1 20  ALA 20  20  20  ALA ALA A . n 
A 1 21  LEU 21  21  21  LEU LEU A . n 
A 1 22  PRO 22  22  22  PRO PRO A . n 
A 1 23  ALA 23  23  23  ALA ALA A . n 
A 1 24  TYR 24  24  24  TYR TYR A . n 
A 1 25  GLN 25  25  25  GLN GLN A . n 
A 1 26  ASP 26  26  26  ASP ASP A . n 
A 1 27  TYR 27  27  27  TYR TYR A . n 
A 1 28  THR 28  28  28  THR THR A . n 
A 1 29  ALA 29  29  29  ALA ALA A . n 
A 1 30  ARG 30  30  30  ARG ARG A . n 
A 1 31  ALA 31  31  31  ALA ALA A . n 
A 1 32  GLN 32  32  32  GLN GLN A . n 
A 1 33  VAL 33  33  33  VAL VAL A . n 
A 1 34  SER 34  34  34  SER SER A . n 
A 1 35  GLU 35  35  35  GLU GLU A . n 
A 1 36  ALA 36  36  36  ALA ALA A . n 
A 1 37  ILE 37  37  37  ILE ILE A . n 
A 1 38  LEU 38  38  38  LEU LEU A . n 
A 1 39  LEU 39  39  39  LEU LEU A . n 
A 1 40  ALA 40  40  40  ALA ALA A . n 
A 1 41  GLU 41  41  41  GLU GLU A . n 
A 1 42  GLY 42  42  42  GLY GLY A . n 
A 1 43  GLN 43  43  43  GLN GLN A . n 
A 1 44  LYS 44  44  44  LYS LYS A . n 
A 1 45  SER 45  45  45  SER SER A . n 
A 1 46  ALA 46  46  46  ALA ALA A . n 
A 1 47  VAL 47  47  47  VAL VAL A . n 
A 1 48  THR 48  48  48  THR THR A . n 
A 1 49  GLU 49  49  49  GLU GLU A . n 
A 1 50  TYR 50  50  50  TYR TYR A . n 
A 1 51  TYR 51  51  51  TYR TYR A . n 
A 1 52  LEU 52  52  52  LEU LEU A . n 
A 1 53  ASN 53  53  53  ASN ASN A . n 
A 1 54  HIS 54  54  54  HIS HIS A . n 
A 1 55  GLY 55  55  55  GLY GLY A . n 
A 1 56  GLU 56  56  56  GLU GLU A . n 
A 1 57  TRP 57  57  57  TRP TRP A . n 
A 1 58  PRO 58  58  58  PRO PRO A . n 
A 1 59  GLY 59  59  59  GLY GLY A . n 
A 1 60  ASP 60  60  60  ASP ASP A . n 
A 1 61  ASN 61  61  61  ASN ASN A . n 
A 1 62  SER 62  62  62  SER SER A . n 
A 1 63  SER 63  63  63  SER SER A . n 
A 1 64  ALA 64  64  64  ALA ALA A . n 
A 1 65  GLY 65  65  65  GLY GLY A . n 
A 1 66  VAL 66  66  66  VAL VAL A . n 
A 1 67  ALA 67  67  67  ALA ALA A . n 
A 1 68  THR 68  68  68  THR THR A . n 
A 1 69  SER 69  69  69  SER SER A . n 
A 1 70  ALA 70  70  70  ALA ALA A . n 
A 1 71  ASP 71  71  71  ASP ASP A . n 
A 1 72  ILE 72  72  72  ILE ILE A . n 
A 1 73  LYS 73  73  73  LYS LYS A . n 
A 1 74  GLY 74  74  74  GLY GLY A . n 
A 1 75  LYS 75  75  75  LYS LYS A . n 
A 1 76  TYR 76  76  76  TYR TYR A . n 
A 1 77  VAL 77  77  77  VAL VAL A . n 
A 1 78  GLN 78  78  78  GLN GLN A . n 
A 1 79  SER 79  79  79  SER SER A . n 
A 1 80  VAL 80  80  80  VAL VAL A . n 
A 1 81  THR 81  81  81  THR THR A . n 
A 1 82  VAL 82  82  82  VAL VAL A . n 
A 1 83  ALA 83  83  83  ALA ALA A . n 
A 1 84  ASN 84  84  84  ASN ASN A . n 
A 1 85  GLY 85  85  85  GLY GLY A . n 
A 1 86  VAL 86  86  86  VAL VAL A . n 
A 1 87  ILE 87  87  87  ILE ILE A . n 
A 1 88  THR 88  88  88  THR THR A . n 
A 1 89  ALA 89  89  89  ALA ALA A . n 
A 1 90  GLN 90  90  90  GLN GLN A . n 
A 1 91  MET 91  91  91  MET MET A . n 
A 1 92  ALA 92  92  92  ALA ALA A . n 
A 1 93  SER 93  93  93  SER SER A . n 
A 1 94  SER 94  94  94  SER SER A . n 
A 1 95  ASN 95  95  95  ASN ASN A . n 
A 1 96  VAL 96  96  96  VAL VAL A . n 
A 1 97  ASN 97  97  97  ASN ASN A . n 
A 1 98  ASN 98  98  98  ASN ASN A . n 
A 1 99  GLU 99  99  99  GLU GLU A . n 
A 1 100 ILE 100 100 100 ILE ILE A . n 
A 1 101 LYS 101 101 101 LYS LYS A . n 
A 1 102 SER 102 102 102 SER SER A . n 
A 1 103 LYS 103 103 103 LYS LYS A . n 
A 1 104 LYS 104 104 104 LYS LYS A . n 
A 1 105 LEU 105 105 105 LEU LEU A . n 
A 1 106 SER 106 106 106 SER SER A . n 
A 1 107 LEU 107 107 107 LEU LEU A . n 
A 1 108 TRP 108 108 108 TRP TRP A . n 
A 1 109 ALA 109 109 109 ALA ALA A . n 
A 1 110 LYS 110 110 110 LYS LYS A . n 
A 1 111 ARG 111 111 111 ARG ARG A . n 
A 1 112 GLN 112 112 112 GLN GLN A . n 
A 1 113 ASN 113 113 113 ASN ASN A . n 
A 1 114 GLY 114 114 114 GLY GLY A . n 
A 1 115 SER 115 115 115 SER SER A . n 
A 1 116 VAL 116 116 116 VAL VAL A . n 
A 1 117 LYS 117 117 117 LYS LYS A . n 
A 1 118 TRP 118 118 118 TRP TRP A . n 
A 1 119 PHE 119 119 119 PHE PHE A . n 
A 1 120 CYS 120 120 120 CYS CYS A . n 
A 1 121 GLY 121 121 121 GLY GLY A . n 
A 1 122 GLN 122 122 122 GLN GLN A . n 
A 1 123 PRO 123 123 123 PRO PRO A . n 
A 1 124 VAL 124 124 124 VAL VAL A . n 
A 1 125 THR 125 125 125 THR THR A . n 
A 1 126 ARG 126 126 126 ARG ARG A . n 
A 1 127 THR 127 127 127 THR THR A . n 
A 1 128 THR 128 128 128 THR THR A . n 
A 1 129 ALA 129 129 129 ALA ALA A . n 
A 1 130 THR 130 130 130 THR THR A . n 
A 1 131 ALA 131 131 131 ALA ALA A . n 
A 1 132 THR 132 132 132 THR THR A . n 
A 1 133 ASP 133 133 133 ASP ASP A . n 
A 1 134 VAL 134 134 134 VAL VAL A . n 
A 1 135 ALA 135 135 135 ALA ALA A . n 
A 1 136 ALA 136 136 136 ALA ALA A . n 
A 1 137 ALA 137 137 137 ALA ALA A . n 
A 1 138 ASN 138 138 138 ASN ASN A . n 
A 1 139 GLY 139 139 139 GLY GLY A . n 
A 1 140 LYS 140 140 140 LYS LYS A . n 
A 1 141 THR 141 141 141 THR THR A . n 
A 1 142 ASP 142 142 142 ASP ASP A . n 
A 1 143 ASP 143 143 143 ASP ASP A . n 
A 1 144 LYS 144 144 144 LYS LYS A . n 
A 1 145 ILE 145 145 145 ILE ILE A . n 
A 1 146 ASN 146 146 146 ASN ASN A . n 
A 1 147 THR 147 147 147 THR THR A . n 
A 1 148 LYS 148 148 148 LYS LYS A . n 
A 1 149 HIS 149 149 149 HIS HIS A . n 
A 1 150 LEU 150 150 150 LEU LEU A . n 
A 1 151 PRO 151 151 151 PRO PRO A . n 
A 1 152 SER 152 152 152 SER SER A . n 
A 1 153 THR 153 153 153 THR THR A . n 
A 1 154 CYS 154 154 154 CYS CYS A . n 
A 1 155 ARG 155 155 155 ARG ARG A . n 
A 1 156 ASP 156 156 156 ASP ASP A . n 
A 1 157 ASP 157 157 157 ASP ASP A . n 
A 1 158 SER 158 158 158 SER SER A . n 
A 1 159 SER 159 159 159 SER SER A . n 
A 1 160 ALA 160 160 160 ALA ALA A . n 
A 1 161 SER 161 161 161 SER SER A . n 
# 
loop_
_pdbx_entity_instance_feature.ordinal 
_pdbx_entity_instance_feature.comp_id 
_pdbx_entity_instance_feature.asym_id 
_pdbx_entity_instance_feature.seq_num 
_pdbx_entity_instance_feature.auth_comp_id 
_pdbx_entity_instance_feature.auth_asym_id 
_pdbx_entity_instance_feature.auth_seq_num 
_pdbx_entity_instance_feature.feature_type 
_pdbx_entity_instance_feature.details 
1 B6D ? ? B6D ? ? 'SUBJECT OF INVESTIGATION' ? 
2 G3P ? ? G3P ? ? 'SUBJECT OF INVESTIGATION' ? 
# 
loop_
_pdbx_nonpoly_scheme.asym_id 
_pdbx_nonpoly_scheme.entity_id 
_pdbx_nonpoly_scheme.mon_id 
_pdbx_nonpoly_scheme.ndb_seq_num 
_pdbx_nonpoly_scheme.pdb_seq_num 
_pdbx_nonpoly_scheme.auth_seq_num 
_pdbx_nonpoly_scheme.pdb_mon_id 
_pdbx_nonpoly_scheme.auth_mon_id 
_pdbx_nonpoly_scheme.pdb_strand_id 
_pdbx_nonpoly_scheme.pdb_ins_code 
B 2 G3P 1 201 162 G3P G3P A . 
C 3 B6D 1 202 163 B6D DAT A . 
# 
_cell.angle_alpha                  90.00 
_cell.angle_alpha_esd              ? 
_cell.angle_beta                   90.00 
_cell.angle_beta_esd               ? 
_cell.angle_gamma                  90.00 
_cell.angle_gamma_esd              ? 
_cell.entry_id                     8P36 
_cell.details                      ? 
_cell.formula_units_Z              ? 
_cell.length_a                     1.00 
_cell.length_a_esd                 ? 
_cell.length_b                     1.00 
_cell.length_b_esd                 ? 
_cell.length_c                     1.00 
_cell.length_c_esd                 ? 
_cell.volume                       ? 
_cell.volume_esd                   ? 
_cell.Z_PDB                        ? 
_cell.reciprocal_angle_alpha       ? 
_cell.reciprocal_angle_beta        ? 
_cell.reciprocal_angle_gamma       ? 
_cell.reciprocal_angle_alpha_esd   ? 
_cell.reciprocal_angle_beta_esd    ? 
_cell.reciprocal_angle_gamma_esd   ? 
_cell.reciprocal_length_a          ? 
_cell.reciprocal_length_b          ? 
_cell.reciprocal_length_c          ? 
_cell.reciprocal_length_a_esd      ? 
_cell.reciprocal_length_b_esd      ? 
_cell.reciprocal_length_c_esd      ? 
_cell.pdbx_unique_axis             ? 
_cell.pdbx_esd_method              ? 
# 
_symmetry.entry_id                         8P36 
_symmetry.cell_setting                     ? 
_symmetry.Int_Tables_number                1 
_symmetry.space_group_name_Hall            ? 
_symmetry.space_group_name_H-M             'P 1' 
_symmetry.pdbx_full_space_group_name_H-M   ? 
# 
_exptl.absorpt_coefficient_mu     ? 
_exptl.absorpt_correction_T_max   ? 
_exptl.absorpt_correction_T_min   ? 
_exptl.absorpt_correction_type    ? 
_exptl.absorpt_process_details    ? 
_exptl.entry_id                   8P36 
_exptl.crystals_number            ? 
_exptl.details                    ? 
_exptl.method                     'ELECTRON MICROSCOPY' 
_exptl.method_details             ? 
# 
_refine.aniso_B[1][1]                            ? 
_refine.aniso_B[1][2]                            ? 
_refine.aniso_B[1][3]                            ? 
_refine.aniso_B[2][2]                            ? 
_refine.aniso_B[2][3]                            ? 
_refine.aniso_B[3][3]                            ? 
_refine.B_iso_max                                ? 
_refine.B_iso_mean                               47.51 
_refine.B_iso_min                                ? 
_refine.correlation_coeff_Fo_to_Fc               ? 
_refine.correlation_coeff_Fo_to_Fc_free          ? 
_refine.details                                  ? 
_refine.diff_density_max                         ? 
_refine.diff_density_max_esd                     ? 
_refine.diff_density_min                         ? 
_refine.diff_density_min_esd                     ? 
_refine.diff_density_rms                         ? 
_refine.diff_density_rms_esd                     ? 
_refine.entry_id                                 8P36 
_refine.pdbx_refine_id                           'ELECTRON MICROSCOPY' 
_refine.ls_abs_structure_details                 ? 
_refine.ls_abs_structure_Flack                   ? 
_refine.ls_abs_structure_Flack_esd               ? 
_refine.ls_abs_structure_Rogers                  ? 
_refine.ls_abs_structure_Rogers_esd              ? 
_refine.ls_d_res_high                            . 
_refine.ls_d_res_low                             ? 
_refine.ls_extinction_coef                       ? 
_refine.ls_extinction_coef_esd                   ? 
_refine.ls_extinction_expression                 ? 
_refine.ls_extinction_method                     ? 
_refine.ls_goodness_of_fit_all                   ? 
_refine.ls_goodness_of_fit_all_esd               ? 
_refine.ls_goodness_of_fit_obs                   ? 
_refine.ls_goodness_of_fit_obs_esd               ? 
_refine.ls_hydrogen_treatment                    ? 
_refine.ls_matrix_type                           ? 
_refine.ls_number_constraints                    ? 
_refine.ls_number_parameters                     ? 
_refine.ls_number_reflns_all                     ? 
_refine.ls_number_reflns_obs                     ? 
_refine.ls_number_reflns_R_free                  ? 
_refine.ls_number_reflns_R_work                  ? 
_refine.ls_number_restraints                     ? 
_refine.ls_percent_reflns_obs                    ? 
_refine.ls_percent_reflns_R_free                 ? 
_refine.ls_R_factor_all                          ? 
_refine.ls_R_factor_obs                          ? 
_refine.ls_R_factor_R_free                       ? 
_refine.ls_R_factor_R_free_error                 ? 
_refine.ls_R_factor_R_free_error_details         ? 
_refine.ls_R_factor_R_work                       ? 
_refine.ls_R_Fsqd_factor_obs                     ? 
_refine.ls_R_I_factor_obs                        ? 
_refine.ls_redundancy_reflns_all                 ? 
_refine.ls_redundancy_reflns_obs                 ? 
_refine.ls_restrained_S_all                      ? 
_refine.ls_restrained_S_obs                      ? 
_refine.ls_shift_over_esd_max                    ? 
_refine.ls_shift_over_esd_mean                   ? 
_refine.ls_structure_factor_coef                 ? 
_refine.ls_weighting_details                     ? 
_refine.ls_weighting_scheme                      ? 
_refine.ls_wR_factor_all                         ? 
_refine.ls_wR_factor_obs                         ? 
_refine.ls_wR_factor_R_free                      ? 
_refine.ls_wR_factor_R_work                      ? 
_refine.occupancy_max                            ? 
_refine.occupancy_min                            ? 
_refine.solvent_model_details                    ? 
_refine.solvent_model_param_bsol                 ? 
_refine.solvent_model_param_ksol                 ? 
_refine.pdbx_R_complete                          ? 
_refine.ls_R_factor_gt                           ? 
_refine.ls_goodness_of_fit_gt                    ? 
_refine.ls_goodness_of_fit_ref                   ? 
_refine.ls_shift_over_su_max                     ? 
_refine.ls_shift_over_su_max_lt                  ? 
_refine.ls_shift_over_su_mean                    ? 
_refine.ls_shift_over_su_mean_lt                 ? 
_refine.pdbx_ls_sigma_I                          ? 
_refine.pdbx_ls_sigma_F                          ? 
_refine.pdbx_ls_sigma_Fsqd                       ? 
_refine.pdbx_data_cutoff_high_absF               ? 
_refine.pdbx_data_cutoff_high_rms_absF           ? 
_refine.pdbx_data_cutoff_low_absF                ? 
_refine.pdbx_isotropic_thermal_model             ? 
_refine.pdbx_ls_cross_valid_method               NONE 
_refine.pdbx_method_to_determine_struct          ? 
_refine.pdbx_starting_model                      ? 
_refine.pdbx_stereochemistry_target_values       'GeoStd + Monomer Library + CDL v1.2' 
_refine.pdbx_R_Free_selection_details            ? 
_refine.pdbx_stereochem_target_val_spec_case     ? 
_refine.pdbx_overall_ESU_R                       ? 
_refine.pdbx_overall_ESU_R_Free                  ? 
_refine.pdbx_solvent_vdw_probe_radii             ? 
_refine.pdbx_solvent_ion_probe_radii             ? 
_refine.pdbx_solvent_shrinkage_radii             ? 
_refine.pdbx_real_space_R                        ? 
_refine.pdbx_density_correlation                 ? 
_refine.pdbx_pd_number_of_powder_patterns        ? 
_refine.pdbx_pd_number_of_points                 ? 
_refine.pdbx_pd_meas_number_of_points            ? 
_refine.pdbx_pd_proc_ls_prof_R_factor            ? 
_refine.pdbx_pd_proc_ls_prof_wR_factor           ? 
_refine.pdbx_pd_Marquardt_correlation_coeff      ? 
_refine.pdbx_pd_Fsqrd_R_factor                   ? 
_refine.pdbx_pd_ls_matrix_band_width             ? 
_refine.pdbx_overall_phase_error                 ? 
_refine.pdbx_overall_SU_R_free_Cruickshank_DPI   ? 
_refine.pdbx_overall_SU_R_free_Blow_DPI          ? 
_refine.pdbx_overall_SU_R_Blow_DPI               ? 
_refine.pdbx_TLS_residual_ADP_flag               ? 
_refine.pdbx_diffrn_id                           ? 
_refine.overall_SU_B                             ? 
_refine.overall_SU_ML                            ? 
_refine.overall_SU_R_Cruickshank_DPI             ? 
_refine.overall_SU_R_free                        ? 
_refine.overall_FOM_free_R_set                   ? 
_refine.overall_FOM_work_R_set                   ? 
_refine.pdbx_average_fsc_overall                 ? 
_refine.pdbx_average_fsc_work                    ? 
_refine.pdbx_average_fsc_free                    ? 
# 
loop_
_refine_ls_restr.pdbx_refine_id 
_refine_ls_restr.criterion 
_refine_ls_restr.dev_ideal 
_refine_ls_restr.dev_ideal_target 
_refine_ls_restr.number 
_refine_ls_restr.rejects 
_refine_ls_restr.type 
_refine_ls_restr.weight 
_refine_ls_restr.pdbx_restraint_function 
'ELECTRON MICROSCOPY' ? 0.003 ? 1240 ? f_bond_d           ? ? 
'ELECTRON MICROSCOPY' ? 0.438 ? 1688 ? f_angle_d          ? ? 
'ELECTRON MICROSCOPY' ? 3.991 ? 184  ? f_dihedral_angle_d ? ? 
'ELECTRON MICROSCOPY' ? 0.040 ? 204  ? f_chiral_restr     ? ? 
'ELECTRON MICROSCOPY' ? 0.003 ? 213  ? f_plane_restr      ? ? 
# 
_struct.entry_id                     8P36 
_struct.title                        'Neisseria meningitidis Type IV pilus SB-DATDH variant' 
_struct.pdbx_model_details           ? 
_struct.pdbx_formula_weight          ? 
_struct.pdbx_formula_weight_method   ? 
_struct.pdbx_model_type_details      ? 
_struct.pdbx_CASP_flag               N 
# 
_struct_keywords.entry_id        8P36 
_struct_keywords.text            'Pilin, Extracellular, Adhesion, Aggregation, PROTEIN FIBRIL' 
_struct_keywords.pdbx_keywords   'PROTEIN FIBRIL' 
# 
loop_
_struct_asym.id 
_struct_asym.pdbx_blank_PDB_chainid_flag 
_struct_asym.pdbx_modified 
_struct_asym.entity_id 
_struct_asym.details 
A N N 1 ? 
B N N 2 ? 
C N N 3 ? 
# 
_struct_ref.id                         1 
_struct_ref.db_name                    PDB 
_struct_ref.db_code                    8P36 
_struct_ref.pdbx_db_accession          8P36 
_struct_ref.pdbx_db_isoform            ? 
_struct_ref.entity_id                  1 
_struct_ref.pdbx_seq_one_letter_code   ? 
_struct_ref.pdbx_align_begin           1 
# 
_struct_ref_seq.align_id                      1 
_struct_ref_seq.ref_id                        1 
_struct_ref_seq.pdbx_PDB_id_code              8P36 
_struct_ref_seq.pdbx_strand_id                A 
_struct_ref_seq.seq_align_beg                 1 
_struct_ref_seq.pdbx_seq_align_beg_ins_code   ? 
_struct_ref_seq.seq_align_end                 161 
_struct_ref_seq.pdbx_seq_align_end_ins_code   ? 
_struct_ref_seq.pdbx_db_accession             8P36 
_struct_ref_seq.db_align_beg                  1 
_struct_ref_seq.pdbx_db_align_beg_ins_code    ? 
_struct_ref_seq.db_align_end                  161 
_struct_ref_seq.pdbx_db_align_end_ins_code    ? 
_struct_ref_seq.pdbx_auth_seq_align_beg       1 
_struct_ref_seq.pdbx_auth_seq_align_end       161 
# 
_pdbx_struct_assembly.id                   1 
_pdbx_struct_assembly.details              author_and_software_defined_assembly 
_pdbx_struct_assembly.method_details       ? 
_pdbx_struct_assembly.oligomeric_details   monomeric 
_pdbx_struct_assembly.oligomeric_count     1 
# 
loop_
_pdbx_struct_assembly_prop.biol_id 
_pdbx_struct_assembly_prop.type 
_pdbx_struct_assembly_prop.value 
_pdbx_struct_assembly_prop.details 
1 'ABSA (A^2)' 230  ? 
1 MORE         -5   ? 
1 'SSA (A^2)'  9360 ? 
# 
_pdbx_struct_assembly_gen.assembly_id       1 
_pdbx_struct_assembly_gen.oper_expression   1 
_pdbx_struct_assembly_gen.asym_id_list      A,B,C 
# 
_pdbx_struct_assembly_auth_evidence.id                     1 
_pdbx_struct_assembly_auth_evidence.assembly_id            1 
_pdbx_struct_assembly_auth_evidence.experimental_support   'electron microscopy' 
_pdbx_struct_assembly_auth_evidence.details                ? 
# 
_pdbx_struct_oper_list.id                   1 
_pdbx_struct_oper_list.type                 'identity operation' 
_pdbx_struct_oper_list.name                 1_555 
_pdbx_struct_oper_list.symmetry_operation   x,y,z 
_pdbx_struct_oper_list.matrix[1][1]         1.0 
_pdbx_struct_oper_list.matrix[1][2]         0.0 
_pdbx_struct_oper_list.matrix[1][3]         0.0 
_pdbx_struct_oper_list.vector[1]            0.0 
_pdbx_struct_oper_list.matrix[2][1]         0.0 
_pdbx_struct_oper_list.matrix[2][2]         1.0 
_pdbx_struct_oper_list.matrix[2][3]         0.0 
_pdbx_struct_oper_list.vector[2]            0.0 
_pdbx_struct_oper_list.matrix[3][1]         0.0 
_pdbx_struct_oper_list.matrix[3][2]         0.0 
_pdbx_struct_oper_list.matrix[3][3]         1.0 
_pdbx_struct_oper_list.vector[3]            0.0 
# 
loop_
_struct_conf.conf_type_id 
_struct_conf.id 
_struct_conf.pdbx_PDB_helix_id 
_struct_conf.beg_label_comp_id 
_struct_conf.beg_label_asym_id 
_struct_conf.beg_label_seq_id 
_struct_conf.pdbx_beg_PDB_ins_code 
_struct_conf.end_label_comp_id 
_struct_conf.end_label_asym_id 
_struct_conf.end_label_seq_id 
_struct_conf.pdbx_end_PDB_ins_code 
_struct_conf.beg_auth_comp_id 
_struct_conf.beg_auth_asym_id 
_struct_conf.beg_auth_seq_id 
_struct_conf.end_auth_comp_id 
_struct_conf.end_auth_asym_id 
_struct_conf.end_auth_seq_id 
_struct_conf.pdbx_PDB_helix_class 
_struct_conf.details 
_struct_conf.pdbx_PDB_helix_length 
HELX_P HELX_P1 AA1 THR A 2   ? ALA A 18  ? THR A 2   ALA A 18  1 ? 17 
HELX_P HELX_P2 AA2 ALA A 23  ? GLN A 43  ? ALA A 23  GLN A 43  1 ? 21 
HELX_P HELX_P3 AA3 GLN A 43  ? GLY A 55  ? GLN A 43  GLY A 55  1 ? 13 
HELX_P HELX_P4 AA4 ASP A 60  ? GLY A 65  ? ASP A 60  GLY A 65  1 ? 6  
HELX_P HELX_P5 AA5 ASN A 97  ? LYS A 101 ? ASN A 97  LYS A 101 5 ? 5  
HELX_P HELX_P6 AA6 ASN A 146 ? LEU A 150 ? ASN A 146 LEU A 150 5 ? 5  
HELX_P HELX_P7 AA7 PRO A 151 ? ARG A 155 ? PRO A 151 ARG A 155 5 ? 5  
# 
_struct_conf_type.id          HELX_P 
_struct_conf_type.criteria    ? 
_struct_conf_type.reference   ? 
# 
loop_
_struct_conn.id 
_struct_conn.conn_type_id 
_struct_conn.pdbx_leaving_atom_flag 
_struct_conn.pdbx_PDB_id 
_struct_conn.ptnr1_label_asym_id 
_struct_conn.ptnr1_label_comp_id 
_struct_conn.ptnr1_label_seq_id 
_struct_conn.ptnr1_label_atom_id 
_struct_conn.pdbx_ptnr1_label_alt_id 
_struct_conn.pdbx_ptnr1_PDB_ins_code 
_struct_conn.pdbx_ptnr1_standard_comp_id 
_struct_conn.ptnr1_symmetry 
_struct_conn.ptnr2_label_asym_id 
_struct_conn.ptnr2_label_comp_id 
_struct_conn.ptnr2_label_seq_id 
_struct_conn.ptnr2_label_atom_id 
_struct_conn.pdbx_ptnr2_label_alt_id 
_struct_conn.pdbx_ptnr2_PDB_ins_code 
_struct_conn.ptnr1_auth_asym_id 
_struct_conn.ptnr1_auth_comp_id 
_struct_conn.ptnr1_auth_seq_id 
_struct_conn.ptnr2_auth_asym_id 
_struct_conn.ptnr2_auth_comp_id 
_struct_conn.ptnr2_auth_seq_id 
_struct_conn.ptnr2_symmetry 
_struct_conn.pdbx_ptnr3_label_atom_id 
_struct_conn.pdbx_ptnr3_label_seq_id 
_struct_conn.pdbx_ptnr3_label_comp_id 
_struct_conn.pdbx_ptnr3_label_asym_id 
_struct_conn.pdbx_ptnr3_label_alt_id 
_struct_conn.pdbx_ptnr3_PDB_ins_code 
_struct_conn.details 
_struct_conn.pdbx_dist_value 
_struct_conn.pdbx_value_order 
_struct_conn.pdbx_role 
disulf1 disulf ?    ? A CYS 120 SG ? ? ? 1_555 A CYS 154 SG  ? ? A CYS 120 A CYS 154 1_555 ? ? ? ? ? ? ? 2.029 ? ?               
covale1 covale one  ? A SER 63  OG ? ? ? 1_555 C B6D .   C1  ? ? A SER 63  A B6D 202 1_555 ? ? ? ? ? ? ? 1.431 ? O-Glycosylation 
covale2 covale none ? A SER 69  CB ? ? ? 1_555 B G3P .   O4P ? ? A SER 69  A G3P 201 1_555 ? ? ? ? ? ? ? 1.398 ? ?               
# 
loop_
_struct_conn_type.id 
_struct_conn_type.criteria 
_struct_conn_type.reference 
disulf ? ? 
covale ? ? 
# 
loop_
_pdbx_modification_feature.ordinal 
_pdbx_modification_feature.label_comp_id 
_pdbx_modification_feature.label_asym_id 
_pdbx_modification_feature.label_seq_id 
_pdbx_modification_feature.label_alt_id 
_pdbx_modification_feature.modified_residue_label_comp_id 
_pdbx_modification_feature.modified_residue_label_asym_id 
_pdbx_modification_feature.modified_residue_label_seq_id 
_pdbx_modification_feature.modified_residue_label_alt_id 
_pdbx_modification_feature.auth_comp_id 
_pdbx_modification_feature.auth_asym_id 
_pdbx_modification_feature.auth_seq_id 
_pdbx_modification_feature.PDB_ins_code 
_pdbx_modification_feature.symmetry 
_pdbx_modification_feature.modified_residue_auth_comp_id 
_pdbx_modification_feature.modified_residue_auth_asym_id 
_pdbx_modification_feature.modified_residue_auth_seq_id 
_pdbx_modification_feature.modified_residue_PDB_ins_code 
_pdbx_modification_feature.modified_residue_symmetry 
_pdbx_modification_feature.comp_id_linking_atom 
_pdbx_modification_feature.modified_residue_id_linking_atom 
_pdbx_modification_feature.modified_residue_id 
_pdbx_modification_feature.ref_pcm_id 
_pdbx_modification_feature.ref_comp_id 
_pdbx_modification_feature.type 
_pdbx_modification_feature.category 
1 B6D C .   ? SER A 63  ? B6D A 202 ? 1_555 SER A 63  ? 1_555 C1  OG SER 1 B6D O-Glycosylation Carbohydrate                     
2 G3P B .   ? SER A 69  ? G3P A 201 ? 1_555 SER A 69  ? 1_555 O4P CB SER 4 G3P None            'Covalent chemical modification' 
3 CYS A 120 ? CYS A 154 ? CYS A 120 ? 1_555 CYS A 154 ? 1_555 SG  SG .   . .   None            'Disulfide bridge'               
# 
loop_
_struct_sheet.id 
_struct_sheet.type 
_struct_sheet.number_strands 
_struct_sheet.details 
AA1 ? 4 ? 
AA2 ? 2 ? 
# 
loop_
_struct_sheet_order.sheet_id 
_struct_sheet_order.range_id_1 
_struct_sheet_order.range_id_2 
_struct_sheet_order.offset 
_struct_sheet_order.sense 
AA1 1 2 ? anti-parallel 
AA1 2 3 ? anti-parallel 
AA1 3 4 ? anti-parallel 
AA2 1 2 ? anti-parallel 
# 
loop_
_struct_sheet_range.sheet_id 
_struct_sheet_range.id 
_struct_sheet_range.beg_label_comp_id 
_struct_sheet_range.beg_label_asym_id 
_struct_sheet_range.beg_label_seq_id 
_struct_sheet_range.pdbx_beg_PDB_ins_code 
_struct_sheet_range.end_label_comp_id 
_struct_sheet_range.end_label_asym_id 
_struct_sheet_range.end_label_seq_id 
_struct_sheet_range.pdbx_end_PDB_ins_code 
_struct_sheet_range.beg_auth_comp_id 
_struct_sheet_range.beg_auth_asym_id 
_struct_sheet_range.beg_auth_seq_id 
_struct_sheet_range.end_auth_comp_id 
_struct_sheet_range.end_auth_asym_id 
_struct_sheet_range.end_auth_seq_id 
AA1 1 VAL A 77  ? ALA A 83  ? VAL A 77  ALA A 83  
AA1 2 VAL A 86  ? MET A 91  ? VAL A 86  MET A 91  
AA1 3 LYS A 104 ? ARG A 111 ? LYS A 104 ARG A 111 
AA1 4 VAL A 116 ? GLY A 121 ? VAL A 116 GLY A 121 
AA2 1 VAL A 124 ? THR A 125 ? VAL A 124 THR A 125 
AA2 2 ALA A 135 ? ALA A 136 ? ALA A 135 ALA A 136 
# 
loop_
_pdbx_struct_sheet_hbond.sheet_id 
_pdbx_struct_sheet_hbond.range_id_1 
_pdbx_struct_sheet_hbond.range_id_2 
_pdbx_struct_sheet_hbond.range_1_label_atom_id 
_pdbx_struct_sheet_hbond.range_1_label_comp_id 
_pdbx_struct_sheet_hbond.range_1_label_asym_id 
_pdbx_struct_sheet_hbond.range_1_label_seq_id 
_pdbx_struct_sheet_hbond.range_1_PDB_ins_code 
_pdbx_struct_sheet_hbond.range_1_auth_atom_id 
_pdbx_struct_sheet_hbond.range_1_auth_comp_id 
_pdbx_struct_sheet_hbond.range_1_auth_asym_id 
_pdbx_struct_sheet_hbond.range_1_auth_seq_id 
_pdbx_struct_sheet_hbond.range_2_label_atom_id 
_pdbx_struct_sheet_hbond.range_2_label_comp_id 
_pdbx_struct_sheet_hbond.range_2_label_asym_id 
_pdbx_struct_sheet_hbond.range_2_label_seq_id 
_pdbx_struct_sheet_hbond.range_2_PDB_ins_code 
_pdbx_struct_sheet_hbond.range_2_auth_atom_id 
_pdbx_struct_sheet_hbond.range_2_auth_comp_id 
_pdbx_struct_sheet_hbond.range_2_auth_asym_id 
_pdbx_struct_sheet_hbond.range_2_auth_seq_id 
AA1 1 2 N THR A 81  ? N THR A 81  O THR A 88  ? O THR A 88  
AA1 2 3 N ALA A 89  ? N ALA A 89  O LEU A 105 ? O LEU A 105 
AA1 3 4 N TRP A 108 ? N TRP A 108 O PHE A 119 ? O PHE A 119 
AA2 1 2 N THR A 125 ? N THR A 125 O ALA A 135 ? O ALA A 135 
# 
_pdbx_entry_details.entry_id                   8P36 
_pdbx_entry_details.nonpolymer_details         ? 
_pdbx_entry_details.sequence_details           ? 
_pdbx_entry_details.compound_details           ? 
_pdbx_entry_details.source_details             ? 
_pdbx_entry_details.has_ligand_of_interest     Y 
_pdbx_entry_details.has_protein_modification   Y 
# 
loop_
_pdbx_validate_torsion.id 
_pdbx_validate_torsion.PDB_model_num 
_pdbx_validate_torsion.auth_comp_id 
_pdbx_validate_torsion.auth_asym_id 
_pdbx_validate_torsion.auth_seq_id 
_pdbx_validate_torsion.PDB_ins_code 
_pdbx_validate_torsion.label_alt_id 
_pdbx_validate_torsion.phi 
_pdbx_validate_torsion.psi 
1 1 ALA A 18  ? ? -95.87 30.41   
2 1 LYS A 140 ? ? 45.40  -101.89 
# 
_space_group_symop.id              1 
_space_group_symop.operation_xyz   x,y,z 
# 
_em_3d_fitting.id                1 
_em_3d_fitting.entry_id          8P36 
_em_3d_fitting.method            ? 
_em_3d_fitting.target_criteria   ? 
_em_3d_fitting.details           ? 
_em_3d_fitting.overall_b_value   ? 
_em_3d_fitting.ref_space         ? 
_em_3d_fitting.ref_protocol      'FLEXIBLE FIT' 
# 
_em_3d_reconstruction.entry_id                    8P36 
_em_3d_reconstruction.id                          1 
_em_3d_reconstruction.method                      ? 
_em_3d_reconstruction.algorithm                   ? 
_em_3d_reconstruction.citation_id                 ? 
_em_3d_reconstruction.details                     ? 
_em_3d_reconstruction.resolution                  2.51 
_em_3d_reconstruction.resolution_method           'FSC 0.143 CUT-OFF' 
_em_3d_reconstruction.magnification_calibration   ? 
_em_3d_reconstruction.nominal_pixel_size          ? 
_em_3d_reconstruction.actual_pixel_size           ? 
_em_3d_reconstruction.num_particles               114167 
_em_3d_reconstruction.euler_angles_details        ? 
_em_3d_reconstruction.num_class_averages          ? 
_em_3d_reconstruction.refinement_type             ? 
_em_3d_reconstruction.image_processing_id         1 
_em_3d_reconstruction.symmetry_type               HELICAL 
# 
_em_buffer.id            1 
_em_buffer.specimen_id   1 
_em_buffer.name          ? 
_em_buffer.details       ? 
_em_buffer.pH            7.4 
# 
_em_entity_assembly.id                   1 
_em_entity_assembly.parent_id            0 
_em_entity_assembly.source               NATURAL 
_em_entity_assembly.type                 COMPLEX 
_em_entity_assembly.name                 'PilE variant SB containing DATDH and G3P PTMs' 
_em_entity_assembly.details              ? 
_em_entity_assembly.synonym              ? 
_em_entity_assembly.oligomeric_details   ? 
_em_entity_assembly.entity_id_list       1 
# 
_em_imaging.entry_id                        8P36 
_em_imaging.id                              1 
_em_imaging.astigmatism                     ? 
_em_imaging.electron_beam_tilt_params       ? 
_em_imaging.residual_tilt                   ? 
_em_imaging.microscope_model                'FEI TITAN KRIOS' 
_em_imaging.specimen_holder_type            ? 
_em_imaging.specimen_holder_model           ? 
_em_imaging.details                         ? 
_em_imaging.date                            ? 
_em_imaging.accelerating_voltage            300 
_em_imaging.illumination_mode               'FLOOD BEAM' 
_em_imaging.mode                            'BRIGHT FIELD' 
_em_imaging.nominal_cs                      ? 
_em_imaging.nominal_defocus_min             600 
_em_imaging.nominal_defocus_max             2600 
_em_imaging.calibrated_defocus_min          ? 
_em_imaging.calibrated_defocus_max          ? 
_em_imaging.tilt_angle_min                  ? 
_em_imaging.tilt_angle_max                  ? 
_em_imaging.nominal_magnification           ? 
_em_imaging.calibrated_magnification        ? 
_em_imaging.electron_source                 'FIELD EMISSION GUN' 
_em_imaging.citation_id                     ? 
_em_imaging.temperature                     ? 
_em_imaging.detector_distance               ? 
_em_imaging.recording_temperature_minimum   ? 
_em_imaging.recording_temperature_maximum   ? 
_em_imaging.alignment_procedure             ? 
_em_imaging.c2_aperture_diameter            ? 
_em_imaging.specimen_id                     1 
_em_imaging.cryogen                         ? 
# 
_em_vitrification.entry_id              8P36 
_em_vitrification.id                    1 
_em_vitrification.specimen_id           1 
_em_vitrification.cryogen_name          ETHANE 
_em_vitrification.humidity              ? 
_em_vitrification.temp                  ? 
_em_vitrification.chamber_temperature   ? 
_em_vitrification.instrument            ? 
_em_vitrification.method                ? 
_em_vitrification.time_resolved_state   ? 
_em_vitrification.citation_id           ? 
_em_vitrification.details               ? 
# 
_em_experiment.entry_id                8P36 
_em_experiment.id                      1 
_em_experiment.reconstruction_method   HELICAL 
_em_experiment.aggregation_state       FILAMENT 
_em_experiment.entity_assembly_id      1 
# 
loop_
_chem_comp_atom.comp_id 
_chem_comp_atom.atom_id 
_chem_comp_atom.type_symbol 
_chem_comp_atom.pdbx_aromatic_flag 
_chem_comp_atom.pdbx_stereo_config 
_chem_comp_atom.pdbx_ordinal 
ALA N    N N N 1   
ALA CA   C N S 2   
ALA C    C N N 3   
ALA O    O N N 4   
ALA CB   C N N 5   
ALA OXT  O N N 6   
ALA H    H N N 7   
ALA H2   H N N 8   
ALA HA   H N N 9   
ALA HB1  H N N 10  
ALA HB2  H N N 11  
ALA HB3  H N N 12  
ALA HXT  H N N 13  
ARG N    N N N 14  
ARG CA   C N S 15  
ARG C    C N N 16  
ARG O    O N N 17  
ARG CB   C N N 18  
ARG CG   C N N 19  
ARG CD   C N N 20  
ARG NE   N N N 21  
ARG CZ   C N N 22  
ARG NH1  N N N 23  
ARG NH2  N N N 24  
ARG OXT  O N N 25  
ARG H    H N N 26  
ARG H2   H N N 27  
ARG HA   H N N 28  
ARG HB2  H N N 29  
ARG HB3  H N N 30  
ARG HG2  H N N 31  
ARG HG3  H N N 32  
ARG HD2  H N N 33  
ARG HD3  H N N 34  
ARG HE   H N N 35  
ARG HH11 H N N 36  
ARG HH12 H N N 37  
ARG HH21 H N N 38  
ARG HH22 H N N 39  
ARG HXT  H N N 40  
ASN N    N N N 41  
ASN CA   C N S 42  
ASN C    C N N 43  
ASN O    O N N 44  
ASN CB   C N N 45  
ASN CG   C N N 46  
ASN OD1  O N N 47  
ASN ND2  N N N 48  
ASN OXT  O N N 49  
ASN H    H N N 50  
ASN H2   H N N 51  
ASN HA   H N N 52  
ASN HB2  H N N 53  
ASN HB3  H N N 54  
ASN HD21 H N N 55  
ASN HD22 H N N 56  
ASN HXT  H N N 57  
ASP N    N N N 58  
ASP CA   C N S 59  
ASP C    C N N 60  
ASP O    O N N 61  
ASP CB   C N N 62  
ASP CG   C N N 63  
ASP OD1  O N N 64  
ASP OD2  O N N 65  
ASP OXT  O N N 66  
ASP H    H N N 67  
ASP H2   H N N 68  
ASP HA   H N N 69  
ASP HB2  H N N 70  
ASP HB3  H N N 71  
ASP HD2  H N N 72  
ASP HXT  H N N 73  
B6D C1   C N R 74  
B6D N2   N N N 75  
B6D C3   C N S 76  
B6D C4   C N S 77  
B6D C5   C N R 78  
B6D C6   C N N 79  
B6D C7   C N N 80  
B6D C8   C N N 81  
B6D C9   C N N 82  
B6D C2   C N R 83  
B6D O7   O N N 84  
B6D N4   N N N 85  
B6D C10  C N N 86  
B6D O10  O N N 87  
B6D O5   O N N 88  
B6D O3   O N N 89  
B6D H2   H N N 90  
B6D H1   H N N 91  
B6D H3   H N N 92  
B6D HN2  H N N 93  
B6D H5   H N N 94  
B6D H81  H N N 95  
B6D H83  H N N 96  
B6D H82  H N N 97  
B6D H4   H N N 98  
B6D HN4  H N N 99  
B6D H9   H N N 100 
B6D H9A  H N N 101 
B6D H9B  H N N 102 
B6D H62  H N N 103 
B6D H6A  H N N 104 
B6D H61  H N N 105 
B6D O1   O N N 106 
B6D HO3  H N N 107 
B6D HO1  H N N 108 
CYS N    N N N 109 
CYS CA   C N R 110 
CYS C    C N N 111 
CYS O    O N N 112 
CYS CB   C N N 113 
CYS SG   S N N 114 
CYS OXT  O N N 115 
CYS H    H N N 116 
CYS H2   H N N 117 
CYS HA   H N N 118 
CYS HB2  H N N 119 
CYS HB3  H N N 120 
CYS HG   H N N 121 
CYS HXT  H N N 122 
G3P O1   O N N 123 
G3P C1   C N N 124 
G3P C2   C N R 125 
G3P O2   O N N 126 
G3P C3   C N N 127 
G3P O1P  O N N 128 
G3P O4P  O N N 129 
G3P O2P  O N N 130 
G3P O3P  O N N 131 
G3P P    P N N 132 
G3P HO1  H N N 133 
G3P H11  H N N 134 
G3P H12  H N N 135 
G3P H2   H N N 136 
G3P HO2  H N N 137 
G3P H31  H N N 138 
G3P H32  H N N 139 
G3P HOP3 H N N 140 
G3P HOP4 H N N 141 
GLN N    N N N 142 
GLN CA   C N S 143 
GLN C    C N N 144 
GLN O    O N N 145 
GLN CB   C N N 146 
GLN CG   C N N 147 
GLN CD   C N N 148 
GLN OE1  O N N 149 
GLN NE2  N N N 150 
GLN OXT  O N N 151 
GLN H    H N N 152 
GLN H2   H N N 153 
GLN HA   H N N 154 
GLN HB2  H N N 155 
GLN HB3  H N N 156 
GLN HG2  H N N 157 
GLN HG3  H N N 158 
GLN HE21 H N N 159 
GLN HE22 H N N 160 
GLN HXT  H N N 161 
GLU N    N N N 162 
GLU CA   C N S 163 
GLU C    C N N 164 
GLU O    O N N 165 
GLU CB   C N N 166 
GLU CG   C N N 167 
GLU CD   C N N 168 
GLU OE1  O N N 169 
GLU OE2  O N N 170 
GLU OXT  O N N 171 
GLU H    H N N 172 
GLU H2   H N N 173 
GLU HA   H N N 174 
GLU HB2  H N N 175 
GLU HB3  H N N 176 
GLU HG2  H N N 177 
GLU HG3  H N N 178 
GLU HE2  H N N 179 
GLU HXT  H N N 180 
GLY N    N N N 181 
GLY CA   C N N 182 
GLY C    C N N 183 
GLY O    O N N 184 
GLY OXT  O N N 185 
GLY H    H N N 186 
GLY H2   H N N 187 
GLY HA2  H N N 188 
GLY HA3  H N N 189 
GLY HXT  H N N 190 
HIS N    N N N 191 
HIS CA   C N S 192 
HIS C    C N N 193 
HIS O    O N N 194 
HIS CB   C N N 195 
HIS CG   C Y N 196 
HIS ND1  N Y N 197 
HIS CD2  C Y N 198 
HIS CE1  C Y N 199 
HIS NE2  N Y N 200 
HIS OXT  O N N 201 
HIS H    H N N 202 
HIS H2   H N N 203 
HIS HA   H N N 204 
HIS HB2  H N N 205 
HIS HB3  H N N 206 
HIS HD1  H N N 207 
HIS HD2  H N N 208 
HIS HE1  H N N 209 
HIS HE2  H N N 210 
HIS HXT  H N N 211 
ILE N    N N N 212 
ILE CA   C N S 213 
ILE C    C N N 214 
ILE O    O N N 215 
ILE CB   C N S 216 
ILE CG1  C N N 217 
ILE CG2  C N N 218 
ILE CD1  C N N 219 
ILE OXT  O N N 220 
ILE H    H N N 221 
ILE H2   H N N 222 
ILE HA   H N N 223 
ILE HB   H N N 224 
ILE HG12 H N N 225 
ILE HG13 H N N 226 
ILE HG21 H N N 227 
ILE HG22 H N N 228 
ILE HG23 H N N 229 
ILE HD11 H N N 230 
ILE HD12 H N N 231 
ILE HD13 H N N 232 
ILE HXT  H N N 233 
LEU N    N N N 234 
LEU CA   C N S 235 
LEU C    C N N 236 
LEU O    O N N 237 
LEU CB   C N N 238 
LEU CG   C N N 239 
LEU CD1  C N N 240 
LEU CD2  C N N 241 
LEU OXT  O N N 242 
LEU H    H N N 243 
LEU H2   H N N 244 
LEU HA   H N N 245 
LEU HB2  H N N 246 
LEU HB3  H N N 247 
LEU HG   H N N 248 
LEU HD11 H N N 249 
LEU HD12 H N N 250 
LEU HD13 H N N 251 
LEU HD21 H N N 252 
LEU HD22 H N N 253 
LEU HD23 H N N 254 
LEU HXT  H N N 255 
LYS N    N N N 256 
LYS CA   C N S 257 
LYS C    C N N 258 
LYS O    O N N 259 
LYS CB   C N N 260 
LYS CG   C N N 261 
LYS CD   C N N 262 
LYS CE   C N N 263 
LYS NZ   N N N 264 
LYS OXT  O N N 265 
LYS H    H N N 266 
LYS H2   H N N 267 
LYS HA   H N N 268 
LYS HB2  H N N 269 
LYS HB3  H N N 270 
LYS HG2  H N N 271 
LYS HG3  H N N 272 
LYS HD2  H N N 273 
LYS HD3  H N N 274 
LYS HE2  H N N 275 
LYS HE3  H N N 276 
LYS HZ1  H N N 277 
LYS HZ2  H N N 278 
LYS HZ3  H N N 279 
LYS HXT  H N N 280 
MET N    N N N 281 
MET CA   C N S 282 
MET C    C N N 283 
MET O    O N N 284 
MET CB   C N N 285 
MET CG   C N N 286 
MET SD   S N N 287 
MET CE   C N N 288 
MET OXT  O N N 289 
MET H    H N N 290 
MET H2   H N N 291 
MET HA   H N N 292 
MET HB2  H N N 293 
MET HB3  H N N 294 
MET HG2  H N N 295 
MET HG3  H N N 296 
MET HE1  H N N 297 
MET HE2  H N N 298 
MET HE3  H N N 299 
MET HXT  H N N 300 
PHE N    N N N 301 
PHE CA   C N S 302 
PHE C    C N N 303 
PHE O    O N N 304 
PHE CB   C N N 305 
PHE CG   C Y N 306 
PHE CD1  C Y N 307 
PHE CD2  C Y N 308 
PHE CE1  C Y N 309 
PHE CE2  C Y N 310 
PHE CZ   C Y N 311 
PHE OXT  O N N 312 
PHE H    H N N 313 
PHE H2   H N N 314 
PHE HA   H N N 315 
PHE HB2  H N N 316 
PHE HB3  H N N 317 
PHE HD1  H N N 318 
PHE HD2  H N N 319 
PHE HE1  H N N 320 
PHE HE2  H N N 321 
PHE HZ   H N N 322 
PHE HXT  H N N 323 
PRO N    N N N 324 
PRO CA   C N S 325 
PRO C    C N N 326 
PRO O    O N N 327 
PRO CB   C N N 328 
PRO CG   C N N 329 
PRO CD   C N N 330 
PRO OXT  O N N 331 
PRO H    H N N 332 
PRO HA   H N N 333 
PRO HB2  H N N 334 
PRO HB3  H N N 335 
PRO HG2  H N N 336 
PRO HG3  H N N 337 
PRO HD2  H N N 338 
PRO HD3  H N N 339 
PRO HXT  H N N 340 
SER N    N N N 341 
SER CA   C N S 342 
SER C    C N N 343 
SER O    O N N 344 
SER CB   C N N 345 
SER OG   O N N 346 
SER OXT  O N N 347 
SER H    H N N 348 
SER H2   H N N 349 
SER HA   H N N 350 
SER HB2  H N N 351 
SER HB3  H N N 352 
SER HG   H N N 353 
SER HXT  H N N 354 
THR N    N N N 355 
THR CA   C N S 356 
THR C    C N N 357 
THR O    O N N 358 
THR CB   C N R 359 
THR OG1  O N N 360 
THR CG2  C N N 361 
THR OXT  O N N 362 
THR H    H N N 363 
THR H2   H N N 364 
THR HA   H N N 365 
THR HB   H N N 366 
THR HG1  H N N 367 
THR HG21 H N N 368 
THR HG22 H N N 369 
THR HG23 H N N 370 
THR HXT  H N N 371 
TRP N    N N N 372 
TRP CA   C N S 373 
TRP C    C N N 374 
TRP O    O N N 375 
TRP CB   C N N 376 
TRP CG   C Y N 377 
TRP CD1  C Y N 378 
TRP CD2  C Y N 379 
TRP NE1  N Y N 380 
TRP CE2  C Y N 381 
TRP CE3  C Y N 382 
TRP CZ2  C Y N 383 
TRP CZ3  C Y N 384 
TRP CH2  C Y N 385 
TRP OXT  O N N 386 
TRP H    H N N 387 
TRP H2   H N N 388 
TRP HA   H N N 389 
TRP HB2  H N N 390 
TRP HB3  H N N 391 
TRP HD1  H N N 392 
TRP HE1  H N N 393 
TRP HE3  H N N 394 
TRP HZ2  H N N 395 
TRP HZ3  H N N 396 
TRP HH2  H N N 397 
TRP HXT  H N N 398 
TYR N    N N N 399 
TYR CA   C N S 400 
TYR C    C N N 401 
TYR O    O N N 402 
TYR CB   C N N 403 
TYR CG   C Y N 404 
TYR CD1  C Y N 405 
TYR CD2  C Y N 406 
TYR CE1  C Y N 407 
TYR CE2  C Y N 408 
TYR CZ   C Y N 409 
TYR OH   O N N 410 
TYR OXT  O N N 411 
TYR H    H N N 412 
TYR H2   H N N 413 
TYR HA   H N N 414 
TYR HB2  H N N 415 
TYR HB3  H N N 416 
TYR HD1  H N N 417 
TYR HD2  H N N 418 
TYR HE1  H N N 419 
TYR HE2  H N N 420 
TYR HH   H N N 421 
TYR HXT  H N N 422 
VAL N    N N N 423 
VAL CA   C N S 424 
VAL C    C N N 425 
VAL O    O N N 426 
VAL CB   C N N 427 
VAL CG1  C N N 428 
VAL CG2  C N N 429 
VAL OXT  O N N 430 
VAL H    H N N 431 
VAL H2   H N N 432 
VAL HA   H N N 433 
VAL HB   H N N 434 
VAL HG11 H N N 435 
VAL HG12 H N N 436 
VAL HG13 H N N 437 
VAL HG21 H N N 438 
VAL HG22 H N N 439 
VAL HG23 H N N 440 
VAL HXT  H N N 441 
# 
loop_
_chem_comp_bond.comp_id 
_chem_comp_bond.atom_id_1 
_chem_comp_bond.atom_id_2 
_chem_comp_bond.value_order 
_chem_comp_bond.pdbx_aromatic_flag 
_chem_comp_bond.pdbx_stereo_config 
_chem_comp_bond.pdbx_ordinal 
ALA N   CA   sing N N 1   
ALA N   H    sing N N 2   
ALA N   H2   sing N N 3   
ALA CA  C    sing N N 4   
ALA CA  CB   sing N N 5   
ALA CA  HA   sing N N 6   
ALA C   O    doub N N 7   
ALA C   OXT  sing N N 8   
ALA CB  HB1  sing N N 9   
ALA CB  HB2  sing N N 10  
ALA CB  HB3  sing N N 11  
ALA OXT HXT  sing N N 12  
ARG N   CA   sing N N 13  
ARG N   H    sing N N 14  
ARG N   H2   sing N N 15  
ARG CA  C    sing N N 16  
ARG CA  CB   sing N N 17  
ARG CA  HA   sing N N 18  
ARG C   O    doub N N 19  
ARG C   OXT  sing N N 20  
ARG CB  CG   sing N N 21  
ARG CB  HB2  sing N N 22  
ARG CB  HB3  sing N N 23  
ARG CG  CD   sing N N 24  
ARG CG  HG2  sing N N 25  
ARG CG  HG3  sing N N 26  
ARG CD  NE   sing N N 27  
ARG CD  HD2  sing N N 28  
ARG CD  HD3  sing N N 29  
ARG NE  CZ   sing N N 30  
ARG NE  HE   sing N N 31  
ARG CZ  NH1  sing N N 32  
ARG CZ  NH2  doub N N 33  
ARG NH1 HH11 sing N N 34  
ARG NH1 HH12 sing N N 35  
ARG NH2 HH21 sing N N 36  
ARG NH2 HH22 sing N N 37  
ARG OXT HXT  sing N N 38  
ASN N   CA   sing N N 39  
ASN N   H    sing N N 40  
ASN N   H2   sing N N 41  
ASN CA  C    sing N N 42  
ASN CA  CB   sing N N 43  
ASN CA  HA   sing N N 44  
ASN C   O    doub N N 45  
ASN C   OXT  sing N N 46  
ASN CB  CG   sing N N 47  
ASN CB  HB2  sing N N 48  
ASN CB  HB3  sing N N 49  
ASN CG  OD1  doub N N 50  
ASN CG  ND2  sing N N 51  
ASN ND2 HD21 sing N N 52  
ASN ND2 HD22 sing N N 53  
ASN OXT HXT  sing N N 54  
ASP N   CA   sing N N 55  
ASP N   H    sing N N 56  
ASP N   H2   sing N N 57  
ASP CA  C    sing N N 58  
ASP CA  CB   sing N N 59  
ASP CA  HA   sing N N 60  
ASP C   O    doub N N 61  
ASP C   OXT  sing N N 62  
ASP CB  CG   sing N N 63  
ASP CB  HB2  sing N N 64  
ASP CB  HB3  sing N N 65  
ASP CG  OD1  doub N N 66  
ASP CG  OD2  sing N N 67  
ASP OD2 HD2  sing N N 68  
ASP OXT HXT  sing N N 69  
B6D C1  C2   sing N N 70  
B6D C1  O1   sing N N 71  
B6D N2  C7   sing N N 72  
B6D C3  O3   sing N N 73  
B6D C3  C2   sing N N 74  
B6D C4  C3   sing N N 75  
B6D C4  H4   sing N N 76  
B6D C5  C4   sing N N 77  
B6D C5  O5   sing N N 78  
B6D C6  C5   sing N N 79  
B6D C6  H61  sing N N 80  
B6D C7  O7   doub N N 81  
B6D C7  C8   sing N N 82  
B6D C8  H81  sing N N 83  
B6D C8  H82  sing N N 84  
B6D C9  H9A  sing N N 85  
B6D C9  C10  sing N N 86  
B6D C2  N2   sing N N 87  
B6D C2  H2   sing N N 88  
B6D N4  C4   sing N N 89  
B6D C10 N4   sing N N 90  
B6D C10 O10  doub N N 91  
B6D O5  C1   sing N N 92  
B6D O3  HO3  sing N N 93  
B6D H1  C1   sing N N 94  
B6D H3  C3   sing N N 95  
B6D HN2 N2   sing N N 96  
B6D H5  C5   sing N N 97  
B6D H83 C8   sing N N 98  
B6D HN4 N4   sing N N 99  
B6D H9  C9   sing N N 100 
B6D H9B C9   sing N N 101 
B6D H62 C6   sing N N 102 
B6D H6A C6   sing N N 103 
B6D O1  HO1  sing N N 104 
CYS N   CA   sing N N 105 
CYS N   H    sing N N 106 
CYS N   H2   sing N N 107 
CYS CA  C    sing N N 108 
CYS CA  CB   sing N N 109 
CYS CA  HA   sing N N 110 
CYS C   O    doub N N 111 
CYS C   OXT  sing N N 112 
CYS CB  SG   sing N N 113 
CYS CB  HB2  sing N N 114 
CYS CB  HB3  sing N N 115 
CYS SG  HG   sing N N 116 
CYS OXT HXT  sing N N 117 
G3P O1  C1   sing N N 118 
G3P C1  C2   sing N N 119 
G3P C2  O2   sing N N 120 
G3P C2  C3   sing N N 121 
G3P C3  O1P  sing N N 122 
G3P O1P P    sing N N 123 
G3P O4P P    sing N N 124 
G3P O2P P    doub N N 125 
G3P O3P P    sing N N 126 
G3P O1  HO1  sing N N 127 
G3P C1  H11  sing N N 128 
G3P C1  H12  sing N N 129 
G3P C2  H2   sing N N 130 
G3P O2  HO2  sing N N 131 
G3P C3  H31  sing N N 132 
G3P C3  H32  sing N N 133 
G3P O3P HOP3 sing N N 134 
G3P O4P HOP4 sing N N 135 
GLN N   CA   sing N N 136 
GLN N   H    sing N N 137 
GLN N   H2   sing N N 138 
GLN CA  C    sing N N 139 
GLN CA  CB   sing N N 140 
GLN CA  HA   sing N N 141 
GLN C   O    doub N N 142 
GLN C   OXT  sing N N 143 
GLN CB  CG   sing N N 144 
GLN CB  HB2  sing N N 145 
GLN CB  HB3  sing N N 146 
GLN CG  CD   sing N N 147 
GLN CG  HG2  sing N N 148 
GLN CG  HG3  sing N N 149 
GLN CD  OE1  doub N N 150 
GLN CD  NE2  sing N N 151 
GLN NE2 HE21 sing N N 152 
GLN NE2 HE22 sing N N 153 
GLN OXT HXT  sing N N 154 
GLU N   CA   sing N N 155 
GLU N   H    sing N N 156 
GLU N   H2   sing N N 157 
GLU CA  C    sing N N 158 
GLU CA  CB   sing N N 159 
GLU CA  HA   sing N N 160 
GLU C   O    doub N N 161 
GLU C   OXT  sing N N 162 
GLU CB  CG   sing N N 163 
GLU CB  HB2  sing N N 164 
GLU CB  HB3  sing N N 165 
GLU CG  CD   sing N N 166 
GLU CG  HG2  sing N N 167 
GLU CG  HG3  sing N N 168 
GLU CD  OE1  doub N N 169 
GLU CD  OE2  sing N N 170 
GLU OE2 HE2  sing N N 171 
GLU OXT HXT  sing N N 172 
GLY N   CA   sing N N 173 
GLY N   H    sing N N 174 
GLY N   H2   sing N N 175 
GLY CA  C    sing N N 176 
GLY CA  HA2  sing N N 177 
GLY CA  HA3  sing N N 178 
GLY C   O    doub N N 179 
GLY C   OXT  sing N N 180 
GLY OXT HXT  sing N N 181 
HIS N   CA   sing N N 182 
HIS N   H    sing N N 183 
HIS N   H2   sing N N 184 
HIS CA  C    sing N N 185 
HIS CA  CB   sing N N 186 
HIS CA  HA   sing N N 187 
HIS C   O    doub N N 188 
HIS C   OXT  sing N N 189 
HIS CB  CG   sing N N 190 
HIS CB  HB2  sing N N 191 
HIS CB  HB3  sing N N 192 
HIS CG  ND1  sing Y N 193 
HIS CG  CD2  doub Y N 194 
HIS ND1 CE1  doub Y N 195 
HIS ND1 HD1  sing N N 196 
HIS CD2 NE2  sing Y N 197 
HIS CD2 HD2  sing N N 198 
HIS CE1 NE2  sing Y N 199 
HIS CE1 HE1  sing N N 200 
HIS NE2 HE2  sing N N 201 
HIS OXT HXT  sing N N 202 
ILE N   CA   sing N N 203 
ILE N   H    sing N N 204 
ILE N   H2   sing N N 205 
ILE CA  C    sing N N 206 
ILE CA  CB   sing N N 207 
ILE CA  HA   sing N N 208 
ILE C   O    doub N N 209 
ILE C   OXT  sing N N 210 
ILE CB  CG1  sing N N 211 
ILE CB  CG2  sing N N 212 
ILE CB  HB   sing N N 213 
ILE CG1 CD1  sing N N 214 
ILE CG1 HG12 sing N N 215 
ILE CG1 HG13 sing N N 216 
ILE CG2 HG21 sing N N 217 
ILE CG2 HG22 sing N N 218 
ILE CG2 HG23 sing N N 219 
ILE CD1 HD11 sing N N 220 
ILE CD1 HD12 sing N N 221 
ILE CD1 HD13 sing N N 222 
ILE OXT HXT  sing N N 223 
LEU N   CA   sing N N 224 
LEU N   H    sing N N 225 
LEU N   H2   sing N N 226 
LEU CA  C    sing N N 227 
LEU CA  CB   sing N N 228 
LEU CA  HA   sing N N 229 
LEU C   O    doub N N 230 
LEU C   OXT  sing N N 231 
LEU CB  CG   sing N N 232 
LEU CB  HB2  sing N N 233 
LEU CB  HB3  sing N N 234 
LEU CG  CD1  sing N N 235 
LEU CG  CD2  sing N N 236 
LEU CG  HG   sing N N 237 
LEU CD1 HD11 sing N N 238 
LEU CD1 HD12 sing N N 239 
LEU CD1 HD13 sing N N 240 
LEU CD2 HD21 sing N N 241 
LEU CD2 HD22 sing N N 242 
LEU CD2 HD23 sing N N 243 
LEU OXT HXT  sing N N 244 
LYS N   CA   sing N N 245 
LYS N   H    sing N N 246 
LYS N   H2   sing N N 247 
LYS CA  C    sing N N 248 
LYS CA  CB   sing N N 249 
LYS CA  HA   sing N N 250 
LYS C   O    doub N N 251 
LYS C   OXT  sing N N 252 
LYS CB  CG   sing N N 253 
LYS CB  HB2  sing N N 254 
LYS CB  HB3  sing N N 255 
LYS CG  CD   sing N N 256 
LYS CG  HG2  sing N N 257 
LYS CG  HG3  sing N N 258 
LYS CD  CE   sing N N 259 
LYS CD  HD2  sing N N 260 
LYS CD  HD3  sing N N 261 
LYS CE  NZ   sing N N 262 
LYS CE  HE2  sing N N 263 
LYS CE  HE3  sing N N 264 
LYS NZ  HZ1  sing N N 265 
LYS NZ  HZ2  sing N N 266 
LYS NZ  HZ3  sing N N 267 
LYS OXT HXT  sing N N 268 
MET N   CA   sing N N 269 
MET N   H    sing N N 270 
MET N   H2   sing N N 271 
MET CA  C    sing N N 272 
MET CA  CB   sing N N 273 
MET CA  HA   sing N N 274 
MET C   O    doub N N 275 
MET C   OXT  sing N N 276 
MET CB  CG   sing N N 277 
MET CB  HB2  sing N N 278 
MET CB  HB3  sing N N 279 
MET CG  SD   sing N N 280 
MET CG  HG2  sing N N 281 
MET CG  HG3  sing N N 282 
MET SD  CE   sing N N 283 
MET CE  HE1  sing N N 284 
MET CE  HE2  sing N N 285 
MET CE  HE3  sing N N 286 
MET OXT HXT  sing N N 287 
PHE N   CA   sing N N 288 
PHE N   H    sing N N 289 
PHE N   H2   sing N N 290 
PHE CA  C    sing N N 291 
PHE CA  CB   sing N N 292 
PHE CA  HA   sing N N 293 
PHE C   O    doub N N 294 
PHE C   OXT  sing N N 295 
PHE CB  CG   sing N N 296 
PHE CB  HB2  sing N N 297 
PHE CB  HB3  sing N N 298 
PHE CG  CD1  doub Y N 299 
PHE CG  CD2  sing Y N 300 
PHE CD1 CE1  sing Y N 301 
PHE CD1 HD1  sing N N 302 
PHE CD2 CE2  doub Y N 303 
PHE CD2 HD2  sing N N 304 
PHE CE1 CZ   doub Y N 305 
PHE CE1 HE1  sing N N 306 
PHE CE2 CZ   sing Y N 307 
PHE CE2 HE2  sing N N 308 
PHE CZ  HZ   sing N N 309 
PHE OXT HXT  sing N N 310 
PRO N   CA   sing N N 311 
PRO N   CD   sing N N 312 
PRO N   H    sing N N 313 
PRO CA  C    sing N N 314 
PRO CA  CB   sing N N 315 
PRO CA  HA   sing N N 316 
PRO C   O    doub N N 317 
PRO C   OXT  sing N N 318 
PRO CB  CG   sing N N 319 
PRO CB  HB2  sing N N 320 
PRO CB  HB3  sing N N 321 
PRO CG  CD   sing N N 322 
PRO CG  HG2  sing N N 323 
PRO CG  HG3  sing N N 324 
PRO CD  HD2  sing N N 325 
PRO CD  HD3  sing N N 326 
PRO OXT HXT  sing N N 327 
SER N   CA   sing N N 328 
SER N   H    sing N N 329 
SER N   H2   sing N N 330 
SER CA  C    sing N N 331 
SER CA  CB   sing N N 332 
SER CA  HA   sing N N 333 
SER C   O    doub N N 334 
SER C   OXT  sing N N 335 
SER CB  OG   sing N N 336 
SER CB  HB2  sing N N 337 
SER CB  HB3  sing N N 338 
SER OG  HG   sing N N 339 
SER OXT HXT  sing N N 340 
THR N   CA   sing N N 341 
THR N   H    sing N N 342 
THR N   H2   sing N N 343 
THR CA  C    sing N N 344 
THR CA  CB   sing N N 345 
THR CA  HA   sing N N 346 
THR C   O    doub N N 347 
THR C   OXT  sing N N 348 
THR CB  OG1  sing N N 349 
THR CB  CG2  sing N N 350 
THR CB  HB   sing N N 351 
THR OG1 HG1  sing N N 352 
THR CG2 HG21 sing N N 353 
THR CG2 HG22 sing N N 354 
THR CG2 HG23 sing N N 355 
THR OXT HXT  sing N N 356 
TRP N   CA   sing N N 357 
TRP N   H    sing N N 358 
TRP N   H2   sing N N 359 
TRP CA  C    sing N N 360 
TRP CA  CB   sing N N 361 
TRP CA  HA   sing N N 362 
TRP C   O    doub N N 363 
TRP C   OXT  sing N N 364 
TRP CB  CG   sing N N 365 
TRP CB  HB2  sing N N 366 
TRP CB  HB3  sing N N 367 
TRP CG  CD1  doub Y N 368 
TRP CG  CD2  sing Y N 369 
TRP CD1 NE1  sing Y N 370 
TRP CD1 HD1  sing N N 371 
TRP CD2 CE2  doub Y N 372 
TRP CD2 CE3  sing Y N 373 
TRP NE1 CE2  sing Y N 374 
TRP NE1 HE1  sing N N 375 
TRP CE2 CZ2  sing Y N 376 
TRP CE3 CZ3  doub Y N 377 
TRP CE3 HE3  sing N N 378 
TRP CZ2 CH2  doub Y N 379 
TRP CZ2 HZ2  sing N N 380 
TRP CZ3 CH2  sing Y N 381 
TRP CZ3 HZ3  sing N N 382 
TRP CH2 HH2  sing N N 383 
TRP OXT HXT  sing N N 384 
TYR N   CA   sing N N 385 
TYR N   H    sing N N 386 
TYR N   H2   sing N N 387 
TYR CA  C    sing N N 388 
TYR CA  CB   sing N N 389 
TYR CA  HA   sing N N 390 
TYR C   O    doub N N 391 
TYR C   OXT  sing N N 392 
TYR CB  CG   sing N N 393 
TYR CB  HB2  sing N N 394 
TYR CB  HB3  sing N N 395 
TYR CG  CD1  doub Y N 396 
TYR CG  CD2  sing Y N 397 
TYR CD1 CE1  sing Y N 398 
TYR CD1 HD1  sing N N 399 
TYR CD2 CE2  doub Y N 400 
TYR CD2 HD2  sing N N 401 
TYR CE1 CZ   doub Y N 402 
TYR CE1 HE1  sing N N 403 
TYR CE2 CZ   sing Y N 404 
TYR CE2 HE2  sing N N 405 
TYR CZ  OH   sing N N 406 
TYR OH  HH   sing N N 407 
TYR OXT HXT  sing N N 408 
VAL N   CA   sing N N 409 
VAL N   H    sing N N 410 
VAL N   H2   sing N N 411 
VAL CA  C    sing N N 412 
VAL CA  CB   sing N N 413 
VAL CA  HA   sing N N 414 
VAL C   O    doub N N 415 
VAL C   OXT  sing N N 416 
VAL CB  CG1  sing N N 417 
VAL CB  CG2  sing N N 418 
VAL CB  HB   sing N N 419 
VAL CG1 HG11 sing N N 420 
VAL CG1 HG12 sing N N 421 
VAL CG1 HG13 sing N N 422 
VAL CG2 HG21 sing N N 423 
VAL CG2 HG22 sing N N 424 
VAL CG2 HG23 sing N N 425 
VAL OXT HXT  sing N N 426 
# 
_em_admin.current_status     REL 
_em_admin.deposition_date    2023-05-17 
_em_admin.deposition_site    PDBE 
_em_admin.entry_id           8P36 
_em_admin.last_update        2024-10-16 
_em_admin.map_release_date   2024-04-03 
_em_admin.title              'Neisseria meningitidis Type IV pilus SB-DATDH variant' 
# 
_em_ctf_correction.details                  ? 
_em_ctf_correction.em_image_processing_id   1 
_em_ctf_correction.id                       1 
_em_ctf_correction.type                     'PHASE FLIPPING AND AMPLITUDE CORRECTION' 
# 
_em_entity_assembly_molwt.entity_assembly_id   1 
_em_entity_assembly_molwt.experimental_flag    NO 
_em_entity_assembly_molwt.id                   1 
_em_entity_assembly_molwt.units                ? 
_em_entity_assembly_molwt.value                ? 
# 
_em_entity_assembly_naturalsource.cell                 ? 
_em_entity_assembly_naturalsource.cellular_location    ? 
_em_entity_assembly_naturalsource.entity_assembly_id   1 
_em_entity_assembly_naturalsource.id                   2 
_em_entity_assembly_naturalsource.ncbi_tax_id          604162 
_em_entity_assembly_naturalsource.organism             'Neisseria meningitidis 8013' 
_em_entity_assembly_naturalsource.organelle            ? 
_em_entity_assembly_naturalsource.organ                ? 
_em_entity_assembly_naturalsource.strain               ? 
_em_entity_assembly_naturalsource.tissue               ? 
# 
_em_helical_entity.id                             1 
_em_helical_entity.image_processing_id            1 
_em_helical_entity.details                        ? 
_em_helical_entity.axial_symmetry                 C1 
_em_helical_entity.angular_rotation_per_subunit   100.683 
_em_helical_entity.axial_rise_per_subunit         9.977 
# 
_em_image_processing.details              ? 
_em_image_processing.id                   1 
_em_image_processing.image_recording_id   1 
# 
_em_image_recording.average_exposure_time               ? 
_em_image_recording.avg_electron_dose_per_subtomogram   ? 
_em_image_recording.avg_electron_dose_per_image         60 
_em_image_recording.details                             ? 
_em_image_recording.detector_mode                       ? 
_em_image_recording.film_or_detector_model              'FEI FALCON IV (4k x 4k)' 
_em_image_recording.id                                  1 
_em_image_recording.imaging_id                          1 
_em_image_recording.num_diffraction_images              ? 
_em_image_recording.num_grids_imaged                    ? 
_em_image_recording.num_real_images                     ? 
# 
loop_
_em_software.category 
_em_software.details 
_em_software.id 
_em_software.image_processing_id 
_em_software.fitting_id 
_em_software.imaging_id 
_em_software.name 
_em_software.version 
'MODEL REFINEMENT'              ? 1  ? ? ? PHENIX 1.20.1_4487: 
'IMAGE ACQUISITION'             ? 2  1 1 1 ?      ?            
'PARTICLE SELECTION'            ? 3  1 1 1 ?      ?            
'VOLUME SELECTION'              ? 4  1 1 1 ?      ?            
CLASSIFICATION                  ? 5  1 1 1 ?      ?            
MASKING                         ? 6  1 1 1 ?      ?            
RECONSTRUCTION                  ? 7  1 1 1 ?      ?            
'INITIAL EULER ASSIGNMENT'      ? 8  1 1 1 ?      ?            
'FINAL EULER ASSIGNMENT'        ? 9  1 1 1 ?      ?            
'CTF CORRECTION'                ? 10 1 1 1 ?      ?            
'LAYERLINE INDEXING'            ? 11 1 1 1 ?      ?            
'DIFFRACTION INDEXING'          ? 12 1 1 1 ?      ?            
'MODEL FITTING'                 ? 13 1 1 1 ?      ?            
'SERIES ALIGNMENT'              ? 14 1 1 1 ?      ?            
'MOLECULAR REPLACEMENT'         ? 15 1 1 1 ?      ?            
'LATTICE DISTORTION CORRECTION' ? 16 1 1 1 ?      ?            
'SYMMETRY DETERMINATION'        ? 17 1 1 1 ?      ?            
'CRYSTALLOGRAPHY MERGING'       ? 18 1 1 1 ?      ?            
OTHER                           ? 19 1 1 1 ?      ?            
# 
_em_specimen.concentration           0.01 
_em_specimen.details                 ? 
_em_specimen.embedding_applied       NO 
_em_specimen.experiment_id           1 
_em_specimen.id                      1 
_em_specimen.shadowing_applied       NO 
_em_specimen.staining_applied        NO 
_em_specimen.vitrification_applied   YES 
# 
_pdbx_audit_support.funding_organization   'Agence Nationale de la Recherche (ANR)' 
_pdbx_audit_support.country                France 
_pdbx_audit_support.grant_number           'ANR 18 CE11 0022' 
_pdbx_audit_support.ordinal                1 
# 
_space_group.crystal_system   triclinic 
_space_group.name_H-M_alt     'P 1' 
_space_group.IT_number        1 
_space_group.name_Hall        'P 1' 
_space_group.id               1 
# 
_atom_sites.entry_id                    8P36 
_atom_sites.Cartn_transf_matrix[1][1]   ? 
_atom_sites.Cartn_transf_matrix[1][2]   ? 
_atom_sites.Cartn_transf_matrix[1][3]   ? 
_atom_sites.Cartn_transf_matrix[2][1]   ? 
_atom_sites.Cartn_transf_matrix[2][2]   ? 
_atom_sites.Cartn_transf_matrix[2][3]   ? 
_atom_sites.Cartn_transf_matrix[3][1]   ? 
_atom_sites.Cartn_transf_matrix[3][2]   ? 
_atom_sites.Cartn_transf_matrix[3][3]   ? 
_atom_sites.Cartn_transf_vector[1]      ? 
_atom_sites.Cartn_transf_vector[2]      ? 
_atom_sites.Cartn_transf_vector[3]      ? 
_atom_sites.fract_transf_matrix[1][1]   1.000000 
_atom_sites.fract_transf_matrix[1][2]   0.000000 
_atom_sites.fract_transf_matrix[1][3]   0.000000 
_atom_sites.fract_transf_matrix[2][1]   0.000000 
_atom_sites.fract_transf_matrix[2][2]   1.000000 
_atom_sites.fract_transf_matrix[2][3]   0.000000 
_atom_sites.fract_transf_matrix[3][1]   0.000000 
_atom_sites.fract_transf_matrix[3][2]   0.000000 
_atom_sites.fract_transf_matrix[3][3]   1.000000 
_atom_sites.fract_transf_vector[1]      0.00000 
_atom_sites.fract_transf_vector[2]      0.00000 
_atom_sites.fract_transf_vector[3]      0.00000 
_atom_sites.solution_primary            ? 
_atom_sites.solution_secondary          ? 
_atom_sites.solution_hydrogens          ? 
_atom_sites.special_details             ? 
# 
loop_
_atom_type.symbol 
C 
N 
O 
P 
S 
# 
loop_
_atom_site.group_PDB 
_atom_site.id 
_atom_site.type_symbol 
_atom_site.label_atom_id 
_atom_site.label_alt_id 
_atom_site.label_comp_id 
_atom_site.label_asym_id 
_atom_site.label_entity_id 
_atom_site.label_seq_id 
_atom_site.pdbx_PDB_ins_code 
_atom_site.Cartn_x 
_atom_site.Cartn_y 
_atom_site.Cartn_z 
_atom_site.occupancy 
_atom_site.B_iso_or_equiv 
_atom_site.pdbx_formal_charge 
_atom_site.auth_seq_id 
_atom_site.auth_comp_id 
_atom_site.auth_asym_id 
_atom_site.auth_atom_id 
_atom_site.pdbx_PDB_model_num 
ATOM   1    N N   . PHE A 1 1   ? -3.790  38.069  41.479  1.00 55.77 ? 1   PHE A N   1 
ATOM   2    C CA  . PHE A 1 1   ? -2.574  37.394  41.044  1.00 53.82 ? 1   PHE A CA  1 
ATOM   3    C C   . PHE A 1 1   ? -1.357  38.286  41.242  1.00 57.15 ? 1   PHE A C   1 
ATOM   4    O O   . PHE A 1 1   ? -1.481  39.440  41.652  1.00 59.60 ? 1   PHE A O   1 
ATOM   5    C CB  . PHE A 1 1   ? -2.686  36.971  39.578  1.00 53.81 ? 1   PHE A CB  1 
ATOM   6    C CG  . PHE A 1 1   ? -3.264  38.027  38.684  1.00 54.96 ? 1   PHE A CG  1 
ATOM   7    C CD1 . PHE A 1 1   ? -2.462  39.016  38.149  1.00 57.37 ? 1   PHE A CD1 1 
ATOM   8    C CD2 . PHE A 1 1   ? -4.613  38.025  38.372  1.00 53.47 ? 1   PHE A CD2 1 
ATOM   9    C CE1 . PHE A 1 1   ? -2.992  39.987  37.326  1.00 57.95 ? 1   PHE A CE1 1 
ATOM   10   C CE2 . PHE A 1 1   ? -5.149  38.992  37.550  1.00 53.42 ? 1   PHE A CE2 1 
ATOM   11   C CZ  . PHE A 1 1   ? -4.337  39.974  37.026  1.00 55.50 ? 1   PHE A CZ  1 
ATOM   12   N N   . THR A 1 2   ? -0.178  37.747  40.946  1.00 55.27 ? 2   THR A N   1 
ATOM   13   C CA  . THR A 1 2   ? 1.075   38.467  41.120  1.00 52.85 ? 2   THR A CA  1 
ATOM   14   C C   . THR A 1 2   ? 1.954   38.198  39.904  1.00 50.77 ? 2   THR A C   1 
ATOM   15   O O   . THR A 1 2   ? 1.502   37.655  38.892  1.00 54.03 ? 2   THR A O   1 
ATOM   16   C CB  . THR A 1 2   ? 1.763   38.061  42.429  1.00 57.97 ? 2   THR A CB  1 
ATOM   17   O OG1 . THR A 1 2   ? 1.450   36.695  42.731  1.00 57.20 ? 2   THR A OG1 1 
ATOM   18   C CG2 . THR A 1 2   ? 1.295   38.946  43.573  1.00 55.72 ? 2   THR A CG2 1 
ATOM   19   N N   . LEU A 1 3   ? 3.225   38.591  40.004  1.00 44.58 ? 3   LEU A N   1 
ATOM   20   C CA  . LEU A 1 3   ? 4.160   38.363  38.910  1.00 45.86 ? 3   LEU A CA  1 
ATOM   21   C C   . LEU A 1 3   ? 4.445   36.882  38.712  1.00 46.86 ? 3   LEU A C   1 
ATOM   22   O O   . LEU A 1 3   ? 4.674   36.442  37.578  1.00 51.86 ? 3   LEU A O   1 
ATOM   23   C CB  . LEU A 1 3   ? 5.461   39.122  39.166  1.00 45.25 ? 3   LEU A CB  1 
ATOM   24   C CG  . LEU A 1 3   ? 6.189   39.644  37.930  1.00 44.92 ? 3   LEU A CG  1 
ATOM   25   C CD1 . LEU A 1 3   ? 5.243   40.441  37.054  1.00 46.96 ? 3   LEU A CD1 1 
ATOM   26   C CD2 . LEU A 1 3   ? 7.385   40.485  38.335  1.00 47.58 ? 3   LEU A CD2 1 
ATOM   27   N N   . ILE A 1 4   ? 4.439   36.103  39.795  1.00 42.61 ? 4   ILE A N   1 
ATOM   28   C CA  . ILE A 1 4   ? 4.701   34.673  39.682  1.00 42.97 ? 4   ILE A CA  1 
ATOM   29   C C   . ILE A 1 4   ? 3.630   34.005  38.834  1.00 45.10 ? 4   ILE A C   1 
ATOM   30   O O   . ILE A 1 4   ? 3.929   33.153  37.990  1.00 52.39 ? 4   ILE A O   1 
ATOM   31   C CB  . ILE A 1 4   ? 4.800   34.030  41.078  1.00 44.14 ? 4   ILE A CB  1 
ATOM   32   C CG1 . ILE A 1 4   ? 5.758   34.823  41.965  1.00 46.49 ? 4   ILE A CG1 1 
ATOM   33   C CG2 . ILE A 1 4   ? 5.264   32.591  40.966  1.00 45.76 ? 4   ILE A CG2 1 
ATOM   34   C CD1 . ILE A 1 4   ? 5.077   35.553  43.101  1.00 47.65 ? 4   ILE A CD1 1 
ATOM   35   N N   . GLU A 1 5   ? 2.366   34.380  39.040  1.00 47.27 ? 5   GLU A N   1 
ATOM   36   C CA  . GLU A 1 5   ? 1.283   33.793  38.257  1.00 44.85 ? 5   GLU A CA  1 
ATOM   37   C C   . GLU A 1 5   ? 1.422   34.132  36.778  1.00 46.79 ? 5   GLU A C   1 
ATOM   38   O O   . GLU A 1 5   ? 1.196   33.277  35.916  1.00 51.51 ? 5   GLU A O   1 
ATOM   39   C CB  . GLU A 1 5   ? -0.067  34.268  38.791  1.00 46.26 ? 5   GLU A CB  1 
ATOM   40   C CG  . GLU A 1 5   ? -1.251  33.862  37.933  1.00 49.89 ? 5   GLU A CG  1 
ATOM   41   C CD  . GLU A 1 5   ? -2.465  33.487  38.756  1.00 55.46 ? 5   GLU A CD  1 
ATOM   42   O OE1 . GLU A 1 5   ? -2.301  33.189  39.958  1.00 57.25 ? 5   GLU A OE1 1 
ATOM   43   O OE2 . GLU A 1 5   ? -3.583  33.492  38.201  1.00 53.92 ? 5   GLU A OE2 1 
ATOM   44   N N   . LEU A 1 6   ? 1.786   35.377  36.464  1.00 45.02 ? 6   LEU A N   1 
ATOM   45   C CA  . LEU A 1 6   ? 1.949   35.761  35.065  1.00 40.42 ? 6   LEU A CA  1 
ATOM   46   C C   . LEU A 1 6   ? 3.120   35.031  34.421  1.00 43.57 ? 6   LEU A C   1 
ATOM   47   O O   . LEU A 1 6   ? 3.033   34.602  33.265  1.00 49.96 ? 6   LEU A O   1 
ATOM   48   C CB  . LEU A 1 6   ? 2.126   37.274  34.955  1.00 44.77 ? 6   LEU A CB  1 
ATOM   49   C CG  . LEU A 1 6   ? 0.874   38.106  35.231  1.00 47.49 ? 6   LEU A CG  1 
ATOM   50   C CD1 . LEU A 1 6   ? 1.150   39.580  34.999  1.00 47.57 ? 6   LEU A CD1 1 
ATOM   51   C CD2 . LEU A 1 6   ? -0.287  37.637  34.373  1.00 42.60 ? 6   LEU A CD2 1 
ATOM   52   N N   . MET A 1 7   ? 4.223   34.872  35.151  1.00 44.22 ? 7   MET A N   1 
ATOM   53   C CA  . MET A 1 7   ? 5.340   34.106  34.611  1.00 39.88 ? 7   MET A CA  1 
ATOM   54   C C   . MET A 1 7   ? 4.953   32.646  34.409  1.00 43.21 ? 7   MET A C   1 
ATOM   55   O O   . MET A 1 7   ? 5.364   32.014  33.428  1.00 49.21 ? 7   MET A O   1 
ATOM   56   C CB  . MET A 1 7   ? 6.552   34.233  35.529  1.00 39.68 ? 7   MET A CB  1 
ATOM   57   C CG  . MET A 1 7   ? 7.280   35.562  35.394  1.00 41.68 ? 7   MET A CG  1 
ATOM   58   S SD  . MET A 1 7   ? 7.196   36.229  33.723  1.00 54.41 ? 7   MET A SD  1 
ATOM   59   C CE  . MET A 1 7   ? 6.149   37.658  33.975  1.00 41.79 ? 7   MET A CE  1 
ATOM   60   N N   . ILE A 1 8   ? 4.140   32.101  35.315  1.00 44.21 ? 8   ILE A N   1 
ATOM   61   C CA  . ILE A 1 8   ? 3.689   30.721  35.181  1.00 38.16 ? 8   ILE A CA  1 
ATOM   62   C C   . ILE A 1 8   ? 2.784   30.564  33.964  1.00 37.86 ? 8   ILE A C   1 
ATOM   63   O O   . ILE A 1 8   ? 2.879   29.575  33.231  1.00 45.52 ? 8   ILE A O   1 
ATOM   64   C CB  . ILE A 1 8   ? 2.997   30.262  36.478  1.00 40.18 ? 8   ILE A CB  1 
ATOM   65   C CG1 . ILE A 1 8   ? 4.033   30.018  37.576  1.00 41.04 ? 8   ILE A CG1 1 
ATOM   66   C CG2 . ILE A 1 8   ? 2.176   29.008  36.241  1.00 41.34 ? 8   ILE A CG2 1 
ATOM   67   C CD1 . ILE A 1 8   ? 5.182   29.133  37.150  1.00 43.04 ? 8   ILE A CD1 1 
ATOM   68   N N   . VAL A 1 9   ? 1.889   31.527  33.726  1.00 35.80 ? 9   VAL A N   1 
ATOM   69   C CA  . VAL A 1 9   ? 1.016   31.411  32.559  1.00 35.54 ? 9   VAL A CA  1 
ATOM   70   C C   . VAL A 1 9   ? 1.805   31.621  31.274  1.00 36.41 ? 9   VAL A C   1 
ATOM   71   O O   . VAL A 1 9   ? 1.477   31.031  30.239  1.00 43.67 ? 9   VAL A O   1 
ATOM   72   C CB  . VAL A 1 9   ? -0.197  32.361  32.650  1.00 37.94 ? 9   VAL A CB  1 
ATOM   73   C CG1 . VAL A 1 9   ? -0.942  32.161  33.960  1.00 41.21 ? 9   VAL A CG1 1 
ATOM   74   C CG2 . VAL A 1 9   ? 0.205   33.807  32.465  1.00 41.05 ? 9   VAL A CG2 1 
ATOM   75   N N   . ILE A 1 10  ? 2.863   32.435  31.308  1.00 36.01 ? 10  ILE A N   1 
ATOM   76   C CA  . ILE A 1 10  ? 3.744   32.541  30.147  1.00 35.64 ? 10  ILE A CA  1 
ATOM   77   C C   . ILE A 1 10  ? 4.440   31.210  29.885  1.00 37.52 ? 10  ILE A C   1 
ATOM   78   O O   . ILE A 1 10  ? 4.556   30.763  28.736  1.00 42.02 ? 10  ILE A O   1 
ATOM   79   C CB  . ILE A 1 10  ? 4.752   33.689  30.345  1.00 32.79 ? 10  ILE A CB  1 
ATOM   80   C CG1 . ILE A 1 10  ? 4.120   35.018  29.936  1.00 34.75 ? 10  ILE A CG1 1 
ATOM   81   C CG2 . ILE A 1 10  ? 6.018   33.443  29.545  1.00 38.53 ? 10  ILE A CG2 1 
ATOM   82   C CD1 . ILE A 1 10  ? 4.621   36.196  30.728  1.00 38.27 ? 10  ILE A CD1 1 
ATOM   83   N N   . ALA A 1 11  ? 4.902   30.548  30.948  1.00 33.22 ? 11  ALA A N   1 
ATOM   84   C CA  . ALA A 1 11  ? 5.515   29.232  30.795  1.00 32.82 ? 11  ALA A CA  1 
ATOM   85   C C   . ALA A 1 11  ? 4.516   28.217  30.251  1.00 33.83 ? 11  ALA A C   1 
ATOM   86   O O   . ALA A 1 11  ? 4.873   27.357  29.438  1.00 38.77 ? 11  ALA A O   1 
ATOM   87   C CB  . ALA A 1 11  ? 6.087   28.762  32.130  1.00 35.49 ? 11  ALA A CB  1 
ATOM   88   N N   . ILE A 1 12  ? 3.262   28.295  30.694  1.00 34.42 ? 12  ILE A N   1 
ATOM   89   C CA  . ILE A 1 12  ? 2.233   27.384  30.201  1.00 29.40 ? 12  ILE A CA  1 
ATOM   90   C C   . ILE A 1 12  ? 1.940   27.654  28.729  1.00 31.84 ? 12  ILE A C   1 
ATOM   91   O O   . ILE A 1 12  ? 1.712   26.724  27.946  1.00 41.01 ? 12  ILE A O   1 
ATOM   92   C CB  . ILE A 1 12  ? 0.966   27.494  31.068  1.00 29.55 ? 12  ILE A CB  1 
ATOM   93   C CG1 . ILE A 1 12  ? 1.219   26.897  32.452  1.00 27.28 ? 12  ILE A CG1 1 
ATOM   94   C CG2 . ILE A 1 12  ? -0.208  26.796  30.405  1.00 36.22 ? 12  ILE A CG2 1 
ATOM   95   C CD1 . ILE A 1 12  ? 0.205   27.312  33.486  1.00 32.39 ? 12  ILE A CD1 1 
ATOM   96   N N   . VAL A 1 13  ? 1.935   28.927  28.331  1.00 33.48 ? 13  VAL A N   1 
ATOM   97   C CA  . VAL A 1 13  ? 1.771   29.267  26.921  1.00 35.20 ? 13  VAL A CA  1 
ATOM   98   C C   . VAL A 1 13  ? 2.913   28.684  26.102  1.00 35.26 ? 13  VAL A C   1 
ATOM   99   O O   . VAL A 1 13  ? 2.703   28.152  25.006  1.00 42.80 ? 13  VAL A O   1 
ATOM   100  C CB  . VAL A 1 13  ? 1.668   30.795  26.749  1.00 35.22 ? 13  VAL A CB  1 
ATOM   101  C CG1 . VAL A 1 13  ? 1.989   31.200  25.323  1.00 34.22 ? 13  VAL A CG1 1 
ATOM   102  C CG2 . VAL A 1 13  ? 0.284   31.277  27.141  1.00 36.67 ? 13  VAL A CG2 1 
ATOM   103  N N   . GLY A 1 14  ? 4.138   28.768  26.622  1.00 32.73 ? 14  GLY A N   1 
ATOM   104  C CA  . GLY A 1 14  ? 5.263   28.145  25.943  1.00 30.61 ? 14  GLY A CA  1 
ATOM   105  C C   . GLY A 1 14  ? 5.119   26.638  25.835  1.00 35.50 ? 14  GLY A C   1 
ATOM   106  O O   . GLY A 1 14  ? 5.443   26.044  24.802  1.00 42.77 ? 14  GLY A O   1 
ATOM   107  N N   . ILE A 1 15  ? 4.628   26.002  26.901  1.00 34.04 ? 15  ILE A N   1 
ATOM   108  C CA  . ILE A 1 15  ? 4.402   24.558  26.887  1.00 32.40 ? 15  ILE A CA  1 
ATOM   109  C C   . ILE A 1 15  ? 3.400   24.192  25.801  1.00 31.54 ? 15  ILE A C   1 
ATOM   110  O O   . ILE A 1 15  ? 3.611   23.256  25.021  1.00 37.25 ? 15  ILE A O   1 
ATOM   111  C CB  . ILE A 1 15  ? 3.922   24.078  28.269  1.00 34.41 ? 15  ILE A CB  1 
ATOM   112  C CG1 . ILE A 1 15  ? 5.079   24.039  29.266  1.00 36.74 ? 15  ILE A CG1 1 
ATOM   113  C CG2 . ILE A 1 15  ? 3.261   22.717  28.167  1.00 32.88 ? 15  ILE A CG2 1 
ATOM   114  C CD1 . ILE A 1 15  ? 4.625   23.983  30.705  1.00 31.03 ? 15  ILE A CD1 1 
ATOM   115  N N   . LEU A 1 16  ? 2.293   24.932  25.737  1.00 33.14 ? 16  LEU A N   1 
ATOM   116  C CA  . LEU A 1 16  ? 1.266   24.654  24.738  1.00 28.52 ? 16  LEU A CA  1 
ATOM   117  C C   . LEU A 1 16  ? 1.785   24.903  23.328  1.00 31.44 ? 16  LEU A C   1 
ATOM   118  O O   . LEU A 1 16  ? 1.461   24.154  22.399  1.00 41.05 ? 16  LEU A O   1 
ATOM   119  C CB  . LEU A 1 16  ? 0.025   25.497  25.020  1.00 31.92 ? 16  LEU A CB  1 
ATOM   120  C CG  . LEU A 1 16  ? -0.667  25.229  26.359  1.00 30.18 ? 16  LEU A CG  1 
ATOM   121  C CD1 . LEU A 1 16  ? -1.866  26.142  26.541  1.00 35.62 ? 16  LEU A CD1 1 
ATOM   122  C CD2 . LEU A 1 16  ? -1.076  23.774  26.475  1.00 33.79 ? 16  LEU A CD2 1 
ATOM   123  N N   . ALA A 1 17  ? 2.585   25.956  23.145  1.00 31.66 ? 17  ALA A N   1 
ATOM   124  C CA  . ALA A 1 17  ? 3.138   26.251  21.828  1.00 33.07 ? 17  ALA A CA  1 
ATOM   125  C C   . ALA A 1 17  ? 4.093   25.159  21.367  1.00 35.59 ? 17  ALA A C   1 
ATOM   126  O O   . ALA A 1 17  ? 4.062   24.749  20.201  1.00 41.76 ? 17  ALA A O   1 
ATOM   127  C CB  . ALA A 1 17  ? 3.844   27.606  21.849  1.00 33.03 ? 17  ALA A CB  1 
ATOM   128  N N   . ALA A 1 18  ? 4.949   24.673  22.266  1.00 34.68 ? 18  ALA A N   1 
ATOM   129  C CA  . ALA A 1 18  ? 5.920   23.637  21.939  1.00 31.98 ? 18  ALA A CA  1 
ATOM   130  C C   . ALA A 1 18  ? 5.423   22.243  22.299  1.00 37.95 ? 18  ALA A C   1 
ATOM   131  O O   . ALA A 1 18  ? 6.225   21.363  22.630  1.00 45.84 ? 18  ALA A O   1 
ATOM   132  C CB  . ALA A 1 18  ? 7.251   23.923  22.632  1.00 34.47 ? 18  ALA A CB  1 
ATOM   133  N N   . VAL A 1 19  ? 4.110   22.023  22.247  1.00 40.35 ? 19  VAL A N   1 
ATOM   134  C CA  . VAL A 1 19  ? 3.559   20.719  22.589  1.00 39.90 ? 19  VAL A CA  1 
ATOM   135  C C   . VAL A 1 19  ? 3.874   19.721  21.481  1.00 41.55 ? 19  VAL A C   1 
ATOM   136  O O   . VAL A 1 19  ? 3.967   20.071  20.296  1.00 45.23 ? 19  VAL A O   1 
ATOM   137  C CB  . VAL A 1 19  ? 2.043   20.818  22.849  1.00 41.26 ? 19  VAL A CB  1 
ATOM   138  C CG1 . VAL A 1 19  ? 1.264   20.881  21.545  1.00 37.25 ? 19  VAL A CG1 1 
ATOM   139  C CG2 . VAL A 1 19  ? 1.572   19.653  23.706  1.00 40.10 ? 19  VAL A CG2 1 
ATOM   140  N N   . ALA A 1 20  ? 4.074   18.467  21.873  1.00 44.49 ? 20  ALA A N   1 
ATOM   141  C CA  . ALA A 1 20  ? 4.360   17.421  20.904  1.00 39.26 ? 20  ALA A CA  1 
ATOM   142  C C   . ALA A 1 20  ? 3.102   17.059  20.128  1.00 41.86 ? 20  ALA A C   1 
ATOM   143  O O   . ALA A 1 20  ? 1.997   17.032  20.677  1.00 48.49 ? 20  ALA A O   1 
ATOM   144  C CB  . ALA A 1 20  ? 4.922   16.184  21.601  1.00 38.40 ? 20  ALA A CB  1 
ATOM   145  N N   . LEU A 1 21  ? 3.271   16.789  18.868  1.00 43.09 ? 21  LEU A N   1 
ATOM   146  C CA  . LEU A 1 21  ? 2.172   16.404  18.006  1.00 40.41 ? 21  LEU A CA  1 
ATOM   147  C C   . LEU A 1 21  ? 2.094   14.889  17.888  1.00 41.80 ? 21  LEU A C   1 
ATOM   148  O O   . LEU A 1 21  ? 3.118   14.202  17.957  1.00 50.20 ? 21  LEU A O   1 
ATOM   149  C CB  . LEU A 1 21  ? 2.343   17.007  16.609  1.00 42.63 ? 21  LEU A CB  1 
ATOM   150  C CG  . LEU A 1 21  ? 1.559   18.272  16.268  1.00 43.96 ? 21  LEU A CG  1 
ATOM   151  C CD1 . LEU A 1 21  ? 1.786   19.353  17.311  1.00 46.80 ? 21  LEU A CD1 1 
ATOM   152  C CD2 . LEU A 1 21  ? 1.953   18.764  14.891  1.00 43.25 ? 21  LEU A CD2 1 
ATOM   153  N N   . PRO A 1 22  ? 0.900   14.334  17.714  1.00 32.22 ? 22  PRO A N   1 
ATOM   154  C CA  . PRO A 1 22  ? 0.795   12.892  17.465  1.00 29.48 ? 22  PRO A CA  1 
ATOM   155  C C   . PRO A 1 22  ? 1.352   12.522  16.102  1.00 43.94 ? 22  PRO A C   1 
ATOM   156  O O   . PRO A 1 22  ? 1.720   13.401  15.315  1.00 50.80 ? 22  PRO A O   1 
ATOM   157  C CB  . PRO A 1 22  ? -0.713  12.623  17.552  1.00 34.77 ? 22  PRO A CB  1 
ATOM   158  C CG  . PRO A 1 22  ? -1.288  13.814  18.238  1.00 40.97 ? 22  PRO A CG  1 
ATOM   159  C CD  . PRO A 1 22  ? -0.419  14.964  17.864  1.00 43.20 ? 22  PRO A CD  1 
ATOM   160  N N   . ALA A 1 23  ? 1.417   11.225  15.805  1.00 48.45 ? 23  ALA A N   1 
ATOM   161  C CA  . ALA A 1 23  ? 1.957   10.751  14.532  1.00 44.63 ? 23  ALA A CA  1 
ATOM   162  C C   . ALA A 1 23  ? 0.925   10.981  13.427  1.00 47.19 ? 23  ALA A C   1 
ATOM   163  O O   . ALA A 1 23  ? 0.333   10.055  12.867  1.00 50.32 ? 23  ALA A O   1 
ATOM   164  C CB  . ALA A 1 23  ? 2.356   9.286   14.633  1.00 44.53 ? 23  ALA A CB  1 
ATOM   165  N N   . TYR A 1 24  ? 0.707   12.262  13.121  1.00 41.89 ? 24  TYR A N   1 
ATOM   166  C CA  . TYR A 1 24  ? -0.165  12.622  12.010  1.00 33.42 ? 24  TYR A CA  1 
ATOM   167  C C   . TYR A 1 24  ? 0.430   12.220  10.671  1.00 36.69 ? 24  TYR A C   1 
ATOM   168  O O   . TYR A 1 24  ? -0.310  12.078  9.690   1.00 47.85 ? 24  TYR A O   1 
ATOM   169  C CB  . TYR A 1 24  ? -0.446  14.122  12.029  1.00 36.61 ? 24  TYR A CB  1 
ATOM   170  C CG  . TYR A 1 24  ? -1.363  14.561  13.144  1.00 33.19 ? 24  TYR A CG  1 
ATOM   171  C CD1 . TYR A 1 24  ? -2.435  13.775  13.534  1.00 40.06 ? 24  TYR A CD1 1 
ATOM   172  C CD2 . TYR A 1 24  ? -1.159  15.763  13.803  1.00 38.37 ? 24  TYR A CD2 1 
ATOM   173  C CE1 . TYR A 1 24  ? -3.275  14.171  14.550  1.00 38.68 ? 24  TYR A CE1 1 
ATOM   174  C CE2 . TYR A 1 24  ? -1.993  16.166  14.820  1.00 40.17 ? 24  TYR A CE2 1 
ATOM   175  C CZ  . TYR A 1 24  ? -3.049  15.369  15.189  1.00 40.16 ? 24  TYR A CZ  1 
ATOM   176  O OH  . TYR A 1 24  ? -3.884  15.770  16.204  1.00 46.33 ? 24  TYR A OH  1 
ATOM   177  N N   . GLN A 1 25  ? 1.750   12.030  10.614  1.00 40.96 ? 25  GLN A N   1 
ATOM   178  C CA  . GLN A 1 25  ? 2.374   11.541  9.393   1.00 40.61 ? 25  GLN A CA  1 
ATOM   179  C C   . GLN A 1 25  ? 1.865   10.154  9.034   1.00 46.66 ? 25  GLN A C   1 
ATOM   180  O O   . GLN A 1 25  ? 1.702   9.844   7.852   1.00 48.75 ? 25  GLN A O   1 
ATOM   181  C CB  . GLN A 1 25  ? 3.895   11.541  9.541   1.00 39.83 ? 25  GLN A CB  1 
ATOM   182  C CG  . GLN A 1 25  ? 4.416   10.689  10.681  1.00 44.97 ? 25  GLN A CG  1 
ATOM   183  C CD  . GLN A 1 25  ? 4.825   11.510  11.882  1.00 49.21 ? 25  GLN A CD  1 
ATOM   184  O OE1 . GLN A 1 25  ? 4.033   12.279  12.422  1.00 52.14 ? 25  GLN A OE1 1 
ATOM   185  N NE2 . GLN A 1 25  ? 6.069   11.346  12.312  1.00 46.05 ? 25  GLN A NE2 1 
ATOM   186  N N   . ASP A 1 26  ? 1.586   9.317   10.035  1.00 44.36 ? 26  ASP A N   1 
ATOM   187  C CA  . ASP A 1 26  ? 1.038   7.993   9.762   1.00 39.82 ? 26  ASP A CA  1 
ATOM   188  C C   . ASP A 1 26  ? -0.347  8.085   9.134   1.00 44.24 ? 26  ASP A C   1 
ATOM   189  O O   . ASP A 1 26  ? -0.655  7.355   8.185   1.00 54.33 ? 26  ASP A O   1 
ATOM   190  C CB  . ASP A 1 26  ? 0.993   7.169   11.047  1.00 49.48 ? 26  ASP A CB  1 
ATOM   191  C CG  . ASP A 1 26  ? 2.370   6.917   11.624  1.00 56.26 ? 26  ASP A CG  1 
ATOM   192  O OD1 . ASP A 1 26  ? 3.366   7.125   10.901  1.00 54.49 ? 26  ASP A OD1 1 
ATOM   193  O OD2 . ASP A 1 26  ? 2.458   6.509   12.800  1.00 56.48 ? 26  ASP A OD2 1 
ATOM   194  N N   . TYR A 1 27  ? -1.198  8.975   9.646   1.00 37.59 ? 27  TYR A N   1 
ATOM   195  C CA  . TYR A 1 27  ? -2.537  9.122   9.086   1.00 34.67 ? 27  TYR A CA  1 
ATOM   196  C C   . TYR A 1 27  ? -2.494  9.705   7.678   1.00 36.00 ? 27  TYR A C   1 
ATOM   197  O O   . TYR A 1 27  ? -3.234  9.260   6.789   1.00 43.09 ? 27  TYR A O   1 
ATOM   198  C CB  . TYR A 1 27  ? -3.393  9.985   10.009  1.00 36.19 ? 27  TYR A CB  1 
ATOM   199  C CG  . TYR A 1 27  ? -3.470  9.447   11.416  1.00 39.61 ? 27  TYR A CG  1 
ATOM   200  C CD1 . TYR A 1 27  ? -3.648  8.092   11.650  1.00 40.92 ? 27  TYR A CD1 1 
ATOM   201  C CD2 . TYR A 1 27  ? -3.358  10.289  12.510  1.00 44.80 ? 27  TYR A CD2 1 
ATOM   202  C CE1 . TYR A 1 27  ? -3.718  7.592   12.932  1.00 39.04 ? 27  TYR A CE1 1 
ATOM   203  C CE2 . TYR A 1 27  ? -3.425  9.797   13.797  1.00 46.72 ? 27  TYR A CE2 1 
ATOM   204  C CZ  . TYR A 1 27  ? -3.605  8.447   14.001  1.00 43.07 ? 27  TYR A CZ  1 
ATOM   205  O OH  . TYR A 1 27  ? -3.673  7.952   15.281  1.00 48.35 ? 27  TYR A OH  1 
ATOM   206  N N   . THR A 1 28  ? -1.631  10.697  7.452   1.00 34.28 ? 28  THR A N   1 
ATOM   207  C CA  . THR A 1 28  ? -1.475  11.232  6.104   1.00 32.46 ? 28  THR A CA  1 
ATOM   208  C C   . THR A 1 28  ? -0.941  10.167  5.155   1.00 34.88 ? 28  THR A C   1 
ATOM   209  O O   . THR A 1 28  ? -1.361  10.086  3.994   1.00 45.69 ? 28  THR A O   1 
ATOM   210  C CB  . THR A 1 28  ? -0.555  12.452  6.124   1.00 35.82 ? 28  THR A CB  1 
ATOM   211  O OG1 . THR A 1 28  ? -1.131  13.466  6.955   1.00 41.09 ? 28  THR A OG1 1 
ATOM   212  C CG2 . THR A 1 28  ? -0.371  13.009  4.724   1.00 38.04 ? 28  THR A CG2 1 
ATOM   213  N N   . ALA A 1 29  ? -0.021  9.328   5.635   1.00 35.38 ? 29  ALA A N   1 
ATOM   214  C CA  . ALA A 1 29  ? 0.485   8.229   4.825   1.00 32.26 ? 29  ALA A CA  1 
ATOM   215  C C   . ALA A 1 29  ? -0.617  7.235   4.496   1.00 38.23 ? 29  ALA A C   1 
ATOM   216  O O   . ALA A 1 29  ? -0.664  6.703   3.384   1.00 47.70 ? 29  ALA A O   1 
ATOM   217  C CB  . ALA A 1 29  ? 1.637   7.537   5.549   1.00 36.90 ? 29  ALA A CB  1 
ATOM   218  N N   . ARG A 1 30  ? -1.501  6.955   5.455   1.00 36.34 ? 30  ARG A N   1 
ATOM   219  C CA  . ARG A 1 30  ? -2.642  6.090   5.175   1.00 36.72 ? 30  ARG A CA  1 
ATOM   220  C C   . ARG A 1 30  ? -3.523  6.688   4.088   1.00 37.94 ? 30  ARG A C   1 
ATOM   221  O O   . ARG A 1 30  ? -3.959  5.986   3.166   1.00 44.76 ? 30  ARG A O   1 
ATOM   222  C CB  . ARG A 1 30  ? -3.458  5.865   6.448   1.00 37.25 ? 30  ARG A CB  1 
ATOM   223  C CG  . ARG A 1 30  ? -2.760  5.052   7.512   1.00 36.28 ? 30  ARG A CG  1 
ATOM   224  C CD  . ARG A 1 30  ? -3.754  4.219   8.288   1.00 38.51 ? 30  ARG A CD  1 
ATOM   225  N NE  . ARG A 1 30  ? -3.132  3.542   9.418   1.00 37.60 ? 30  ARG A NE  1 
ATOM   226  C CZ  . ARG A 1 30  ? -3.490  3.712   10.683  1.00 38.16 ? 30  ARG A CZ  1 
ATOM   227  N NH1 . ARG A 1 30  ? -4.475  4.528   11.018  1.00 40.21 ? 30  ARG A NH1 1 
ATOM   228  N NH2 . ARG A 1 30  ? -2.846  3.044   11.635  1.00 38.57 ? 30  ARG A NH2 1 
ATOM   229  N N   . ALA A 1 31  ? -3.782  7.995   4.175   1.00 34.82 ? 31  ALA A N   1 
ATOM   230  C CA  . ALA A 1 31  ? -4.599  8.652   3.162   1.00 33.51 ? 31  ALA A CA  1 
ATOM   231  C C   . ALA A 1 31  ? -3.946  8.577   1.789   1.00 35.10 ? 31  ALA A C   1 
ATOM   232  O O   . ALA A 1 31  ? -4.626  8.366   0.778   1.00 41.76 ? 31  ALA A O   1 
ATOM   233  C CB  . ALA A 1 31  ? -4.856  10.105  3.557   1.00 34.24 ? 31  ALA A CB  1 
ATOM   234  N N   . GLN A 1 32  ? -2.625  8.752   1.731   1.00 37.74 ? 32  GLN A N   1 
ATOM   235  C CA  . GLN A 1 32  ? -1.929  8.706   0.448   1.00 37.78 ? 32  GLN A CA  1 
ATOM   236  C C   . GLN A 1 32  ? -1.864  7.286   -0.104  1.00 40.96 ? 32  GLN A C   1 
ATOM   237  O O   . GLN A 1 32  ? -1.933  7.083   -1.320  1.00 51.19 ? 32  GLN A O   1 
ATOM   238  C CB  . GLN A 1 32  ? -0.528  9.296   0.592   1.00 38.70 ? 32  GLN A CB  1 
ATOM   239  C CG  . GLN A 1 32  ? -0.527  10.743  1.045   1.00 38.33 ? 32  GLN A CG  1 
ATOM   240  C CD  . GLN A 1 32  ? 0.835   11.387  0.962   1.00 40.90 ? 32  GLN A CD  1 
ATOM   241  O OE1 . GLN A 1 32  ? 1.858   10.706  0.977   1.00 51.46 ? 32  GLN A OE1 1 
ATOM   242  N NE2 . GLN A 1 32  ? 0.858   12.709  0.881   1.00 38.31 ? 32  GLN A NE2 1 
ATOM   243  N N   . VAL A 1 33  ? -1.724  6.292   0.775   1.00 35.44 ? 33  VAL A N   1 
ATOM   244  C CA  . VAL A 1 33  ? -1.687  4.898   0.351   1.00 32.87 ? 33  VAL A CA  1 
ATOM   245  C C   . VAL A 1 33  ? -3.066  4.446   -0.117  1.00 37.71 ? 33  VAL A C   1 
ATOM   246  O O   . VAL A 1 33  ? -3.184  3.504   -0.912  1.00 46.38 ? 33  VAL A O   1 
ATOM   247  C CB  . VAL A 1 33  ? -1.137  4.029   1.501   1.00 37.66 ? 33  VAL A CB  1 
ATOM   248  C CG1 . VAL A 1 33  ? -1.410  2.550   1.276   1.00 44.04 ? 33  VAL A CG1 1 
ATOM   249  C CG2 . VAL A 1 33  ? 0.351   4.266   1.668   1.00 39.82 ? 33  VAL A CG2 1 
ATOM   250  N N   . SER A 1 34  ? -4.126  5.102   0.361   1.00 34.18 ? 34  SER A N   1 
ATOM   251  C CA  . SER A 1 34  ? -5.461  4.812   -0.153  1.00 33.70 ? 34  SER A CA  1 
ATOM   252  C C   . SER A 1 34  ? -5.543  5.021   -1.661  1.00 37.21 ? 34  SER A C   1 
ATOM   253  O O   . SER A 1 34  ? -6.261  4.288   -2.354  1.00 46.66 ? 34  SER A O   1 
ATOM   254  C CB  . SER A 1 34  ? -6.498  5.680   0.557   1.00 40.83 ? 34  SER A CB  1 
ATOM   255  O OG  . SER A 1 34  ? -6.851  6.799   -0.234  1.00 47.60 ? 34  SER A OG  1 
ATOM   256  N N   . GLU A 1 35  ? -4.812  6.007   -2.187  1.00 41.28 ? 35  GLU A N   1 
ATOM   257  C CA  . GLU A 1 35  ? -4.798  6.227   -3.629  1.00 41.69 ? 35  GLU A CA  1 
ATOM   258  C C   . GLU A 1 35  ? -4.230  5.023   -4.367  1.00 43.70 ? 35  GLU A C   1 
ATOM   259  O O   . GLU A 1 35  ? -4.783  4.588   -5.384  1.00 49.77 ? 35  GLU A O   1 
ATOM   260  C CB  . GLU A 1 35  ? -3.992  7.483   -3.959  1.00 43.56 ? 35  GLU A CB  1 
ATOM   261  C CG  . GLU A 1 35  ? -3.809  7.724   -5.445  1.00 50.61 ? 35  GLU A CG  1 
ATOM   262  C CD  . GLU A 1 35  ? -3.255  9.100   -5.748  1.00 56.60 ? 35  GLU A CD  1 
ATOM   263  O OE1 . GLU A 1 35  ? -3.890  10.099  -5.347  1.00 56.43 ? 35  GLU A OE1 1 
ATOM   264  O OE2 . GLU A 1 35  ? -2.185  9.184   -6.386  1.00 55.80 ? 35  GLU A OE2 1 
ATOM   265  N N   . ALA A 1 36  ? -3.127  4.464   -3.866  1.00 38.04 ? 36  ALA A N   1 
ATOM   266  C CA  . ALA A 1 36  ? -2.564  3.277   -4.495  1.00 36.21 ? 36  ALA A CA  1 
ATOM   267  C C   . ALA A 1 36  ? -3.452  2.062   -4.295  1.00 39.98 ? 36  ALA A C   1 
ATOM   268  O O   . ALA A 1 36  ? -3.479  1.175   -5.151  1.00 48.78 ? 36  ALA A O   1 
ATOM   269  C CB  . ALA A 1 36  ? -1.172  2.999   -3.952  1.00 38.47 ? 36  ALA A CB  1 
ATOM   270  N N   . ILE A 1 37  ? -4.170  1.996   -3.176  1.00 39.66 ? 37  ILE A N   1 
ATOM   271  C CA  . ILE A 1 37  ? -5.131  0.916   -2.981  1.00 34.29 ? 37  ILE A CA  1 
ATOM   272  C C   . ILE A 1 37  ? -6.199  0.970   -4.066  1.00 38.93 ? 37  ILE A C   1 
ATOM   273  O O   . ILE A 1 37  ? -6.549  -0.049  -4.673  1.00 50.81 ? 37  ILE A O   1 
ATOM   274  C CB  . ILE A 1 37  ? -5.750  0.988   -1.575  1.00 35.95 ? 37  ILE A CB  1 
ATOM   275  C CG1 . ILE A 1 37  ? -4.729  0.573   -0.519  1.00 37.10 ? 37  ILE A CG1 1 
ATOM   276  C CG2 . ILE A 1 37  ? -6.979  0.103   -1.486  1.00 39.57 ? 37  ILE A CG2 1 
ATOM   277  C CD1 . ILE A 1 37  ? -5.154  0.890   0.892   1.00 37.17 ? 37  ILE A CD1 1 
ATOM   278  N N   . LEU A 1 38  ? -6.715  2.169   -4.340  1.00 37.33 ? 38  LEU A N   1 
ATOM   279  C CA  . LEU A 1 38  ? -7.702  2.328   -5.406  1.00 37.30 ? 38  LEU A CA  1 
ATOM   280  C C   . LEU A 1 38  ? -7.106  2.000   -6.772  1.00 40.00 ? 38  LEU A C   1 
ATOM   281  O O   . LEU A 1 38  ? -7.742  1.324   -7.593  1.00 48.85 ? 38  LEU A O   1 
ATOM   282  C CB  . LEU A 1 38  ? -8.263  3.749   -5.387  1.00 35.00 ? 38  LEU A CB  1 
ATOM   283  C CG  . LEU A 1 38  ? -9.048  4.145   -4.136  1.00 36.71 ? 38  LEU A CG  1 
ATOM   284  C CD1 . LEU A 1 38  ? -9.207  5.649   -4.053  1.00 40.76 ? 38  LEU A CD1 1 
ATOM   285  C CD2 . LEU A 1 38  ? -10.402 3.461   -4.120  1.00 40.92 ? 38  LEU A CD2 1 
ATOM   286  N N   . LEU A 1 39  ? -5.881  2.462   -7.031  1.00 33.40 ? 39  LEU A N   1 
ATOM   287  C CA  . LEU A 1 39  ? -5.247  2.201   -8.320  1.00 29.54 ? 39  LEU A CA  1 
ATOM   288  C C   . LEU A 1 39  ? -5.011  0.710   -8.534  1.00 33.16 ? 39  LEU A C   1 
ATOM   289  O O   . LEU A 1 39  ? -5.184  0.202   -9.647  1.00 41.86 ? 39  LEU A O   1 
ATOM   290  C CB  . LEU A 1 39  ? -3.934  2.975   -8.424  1.00 34.28 ? 39  LEU A CB  1 
ATOM   291  C CG  . LEU A 1 39  ? -4.038  4.411   -8.936  1.00 29.46 ? 39  LEU A CG  1 
ATOM   292  C CD1 . LEU A 1 39  ? -2.660  4.997   -9.148  1.00 37.83 ? 39  LEU A CD1 1 
ATOM   293  C CD2 . LEU A 1 39  ? -4.839  4.461   -10.221 1.00 33.71 ? 39  LEU A CD2 1 
ATOM   294  N N   . ALA A 1 40  ? -4.611  -0.005  -7.483  1.00 28.32 ? 40  ALA A N   1 
ATOM   295  C CA  . ALA A 1 40  ? -4.415  -1.447  -7.589  1.00 32.50 ? 40  ALA A CA  1 
ATOM   296  C C   . ALA A 1 40  ? -5.745  -2.177  -7.720  1.00 36.38 ? 40  ALA A C   1 
ATOM   297  O O   . ALA A 1 40  ? -5.836  -3.190  -8.421  1.00 39.00 ? 40  ALA A O   1 
ATOM   298  C CB  . ALA A 1 40  ? -3.634  -1.959  -6.381  1.00 38.05 ? 40  ALA A CB  1 
ATOM   299  N N   . GLU A 1 41  ? -6.786  -1.683  -7.045  1.00 36.16 ? 41  GLU A N   1 
ATOM   300  C CA  . GLU A 1 41  ? -8.114  -2.264  -7.200  1.00 35.03 ? 41  GLU A CA  1 
ATOM   301  C C   . GLU A 1 41  ? -8.632  -2.080  -8.618  1.00 39.41 ? 41  GLU A C   1 
ATOM   302  O O   . GLU A 1 41  ? -9.444  -2.881  -9.095  1.00 49.48 ? 41  GLU A O   1 
ATOM   303  C CB  . GLU A 1 41  ? -9.069  -1.638  -6.183  1.00 38.62 ? 41  GLU A CB  1 
ATOM   304  C CG  . GLU A 1 41  ? -10.525 -2.041  -6.329  1.00 46.51 ? 41  GLU A CG  1 
ATOM   305  C CD  . GLU A 1 41  ? -11.415 -0.874  -6.705  1.00 53.81 ? 41  GLU A CD  1 
ATOM   306  O OE1 . GLU A 1 41  ? -11.361 0.163   -6.012  1.00 52.19 ? 41  GLU A OE1 1 
ATOM   307  O OE2 . GLU A 1 41  ? -12.170 -0.994  -7.693  1.00 53.50 ? 41  GLU A OE2 1 
ATOM   308  N N   . GLY A 1 42  ? -8.166  -1.039  -9.308  1.00 38.12 ? 42  GLY A N   1 
ATOM   309  C CA  . GLY A 1 42  ? -8.592  -0.824  -10.680 1.00 36.39 ? 42  GLY A CA  1 
ATOM   310  C C   . GLY A 1 42  ? -8.235  -1.973  -11.606 1.00 39.11 ? 42  GLY A C   1 
ATOM   311  O O   . GLY A 1 42  ? -8.985  -2.292  -12.530 1.00 49.13 ? 42  GLY A O   1 
ATOM   312  N N   . GLN A 1 43  ? -7.087  -2.607  -11.377 1.00 33.57 ? 43  GLN A N   1 
ATOM   313  C CA  . GLN A 1 43  ? -6.613  -3.699  -12.219 1.00 34.87 ? 43  GLN A CA  1 
ATOM   314  C C   . GLN A 1 43  ? -7.150  -5.059  -11.792 1.00 41.88 ? 43  GLN A C   1 
ATOM   315  O O   . GLN A 1 43  ? -6.846  -6.067  -12.449 1.00 46.74 ? 43  GLN A O   1 
ATOM   316  C CB  . GLN A 1 43  ? -5.083  -3.731  -12.229 1.00 34.90 ? 43  GLN A CB  1 
ATOM   317  C CG  . GLN A 1 43  ? -4.430  -2.475  -11.687 1.00 32.50 ? 43  GLN A CG  1 
ATOM   318  C CD  . GLN A 1 43  ? -4.575  -1.293  -12.619 1.00 36.51 ? 43  GLN A CD  1 
ATOM   319  O OE1 . GLN A 1 43  ? -4.474  -1.430  -13.835 1.00 42.67 ? 43  GLN A OE1 1 
ATOM   320  N NE2 . GLN A 1 43  ? -4.814  -0.119  -12.051 1.00 39.49 ? 43  GLN A NE2 1 
ATOM   321  N N   . LYS A 1 44  ? -7.927  -5.108  -10.708 1.00 37.79 ? 44  LYS A N   1 
ATOM   322  C CA  . LYS A 1 44  ? -8.473  -6.373  -10.234 1.00 30.88 ? 44  LYS A CA  1 
ATOM   323  C C   . LYS A 1 44  ? -9.369  -7.013  -11.282 1.00 35.51 ? 44  LYS A C   1 
ATOM   324  O O   . LYS A 1 44  ? -9.321  -8.230  -11.486 1.00 46.51 ? 44  LYS A O   1 
ATOM   325  C CB  . LYS A 1 44  ? -9.253  -6.157  -8.939  1.00 31.19 ? 44  LYS A CB  1 
ATOM   326  C CG  . LYS A 1 44  ? -8.404  -6.103  -7.688  1.00 39.17 ? 44  LYS A CG  1 
ATOM   327  C CD  . LYS A 1 44  ? -9.253  -5.807  -6.461  1.00 39.99 ? 44  LYS A CD  1 
ATOM   328  C CE  . LYS A 1 44  ? -10.589 -6.528  -6.519  1.00 35.85 ? 44  LYS A CE  1 
ATOM   329  N NZ  . LYS A 1 44  ? -11.481 -6.139  -5.398  1.00 39.80 ? 44  LYS A NZ  1 
ATOM   330  N N   . SER A 1 45  ? -10.203 -6.211  -11.947 1.00 40.48 ? 45  SER A N   1 
ATOM   331  C CA  . SER A 1 45  ? -11.118 -6.756  -12.944 1.00 38.40 ? 45  SER A CA  1 
ATOM   332  C C   . SER A 1 45  ? -10.358 -7.409  -14.088 1.00 38.80 ? 45  SER A C   1 
ATOM   333  O O   . SER A 1 45  ? -10.686 -8.523  -14.511 1.00 46.44 ? 45  SER A O   1 
ATOM   334  C CB  . SER A 1 45  ? -12.036 -5.652  -13.467 1.00 38.44 ? 45  SER A CB  1 
ATOM   335  O OG  . SER A 1 45  ? -11.370 -4.402  -13.480 1.00 46.25 ? 45  SER A OG  1 
ATOM   336  N N   . ALA A 1 46  ? -9.325  -6.734  -14.592 1.00 36.64 ? 46  ALA A N   1 
ATOM   337  C CA  . ALA A 1 46  ? -8.545  -7.285  -15.694 1.00 30.80 ? 46  ALA A CA  1 
ATOM   338  C C   . ALA A 1 46  ? -7.807  -8.550  -15.277 1.00 37.41 ? 46  ALA A C   1 
ATOM   339  O O   . ALA A 1 46  ? -7.806  -9.548  -16.013 1.00 46.04 ? 46  ALA A O   1 
ATOM   340  C CB  . ALA A 1 46  ? -7.566  -6.234  -16.209 1.00 34.49 ? 46  ALA A CB  1 
ATOM   341  N N   . VAL A 1 47  ? -7.178  -8.531  -14.099 1.00 30.80 ? 47  VAL A N   1 
ATOM   342  C CA  . VAL A 1 47  ? -6.439  -9.704  -13.641 1.00 24.66 ? 47  VAL A CA  1 
ATOM   343  C C   . VAL A 1 47  ? -7.381  -10.886 -13.449 1.00 30.91 ? 47  VAL A C   1 
ATOM   344  O O   . VAL A 1 47  ? -7.083  -12.015 -13.865 1.00 37.58 ? 47  VAL A O   1 
ATOM   345  C CB  . VAL A 1 47  ? -5.662  -9.373  -12.353 1.00 27.05 ? 47  VAL A CB  1 
ATOM   346  C CG1 . VAL A 1 47  ? -5.187  -10.640 -11.674 1.00 38.58 ? 47  VAL A CG1 1 
ATOM   347  C CG2 . VAL A 1 47  ? -4.491  -8.468  -12.669 1.00 29.80 ? 47  VAL A CG2 1 
ATOM   348  N N   . THR A 1 48  ? -8.539  -10.645 -12.832 1.00 31.96 ? 48  THR A N   1 
ATOM   349  C CA  . THR A 1 48  ? -9.506  -11.711 -12.614 1.00 31.64 ? 48  THR A CA  1 
ATOM   350  C C   . THR A 1 48  ? -10.048 -12.246 -13.931 1.00 38.31 ? 48  THR A C   1 
ATOM   351  O O   . THR A 1 48  ? -10.231 -13.456 -14.082 1.00 50.09 ? 48  THR A O   1 
ATOM   352  C CB  . THR A 1 48  ? -10.649 -11.213 -11.733 1.00 35.79 ? 48  THR A CB  1 
ATOM   353  O OG1 . THR A 1 48  ? -10.148 -10.247 -10.803 1.00 45.08 ? 48  THR A OG1 1 
ATOM   354  C CG2 . THR A 1 48  ? -11.267 -12.368 -10.966 1.00 36.08 ? 48  THR A CG2 1 
ATOM   355  N N   . GLU A 1 49  ? -10.324 -11.361 -14.892 1.00 36.09 ? 49  GLU A N   1 
ATOM   356  C CA  . GLU A 1 49  ? -10.830 -11.817 -16.180 1.00 32.24 ? 49  GLU A CA  1 
ATOM   357  C C   . GLU A 1 49  ? -9.810  -12.698 -16.886 1.00 36.74 ? 49  GLU A C   1 
ATOM   358  O O   . GLU A 1 49  ? -10.162 -13.751 -17.435 1.00 43.36 ? 49  GLU A O   1 
ATOM   359  C CB  . GLU A 1 49  ? -11.207 -10.617 -17.048 1.00 37.78 ? 49  GLU A CB  1 
ATOM   360  C CG  . GLU A 1 49  ? -11.700 -10.973 -18.441 1.00 44.51 ? 49  GLU A CG  1 
ATOM   361  C CD  . GLU A 1 49  ? -10.604 -10.906 -19.488 1.00 51.94 ? 49  GLU A CD  1 
ATOM   362  O OE1 . GLU A 1 49  ? -10.273 -9.787  -19.931 1.00 50.01 ? 49  GLU A OE1 1 
ATOM   363  O OE2 . GLU A 1 49  ? -10.077 -11.971 -19.872 1.00 52.72 ? 49  GLU A OE2 1 
ATOM   364  N N   . TYR A 1 50  ? -8.536  -12.294 -16.871 1.00 35.62 ? 50  TYR A N   1 
ATOM   365  C CA  . TYR A 1 50  ? -7.512  -13.126 -17.493 1.00 35.81 ? 50  TYR A CA  1 
ATOM   366  C C   . TYR A 1 50  ? -7.393  -14.471 -16.789 1.00 40.90 ? 50  TYR A C   1 
ATOM   367  O O   . TYR A 1 50  ? -7.274  -15.514 -17.444 1.00 44.41 ? 50  TYR A O   1 
ATOM   368  C CB  . TYR A 1 50  ? -6.162  -12.414 -17.501 1.00 31.54 ? 50  TYR A CB  1 
ATOM   369  C CG  . TYR A 1 50  ? -5.112  -13.167 -18.287 1.00 33.78 ? 50  TYR A CG  1 
ATOM   370  C CD1 . TYR A 1 50  ? -5.004  -13.014 -19.659 1.00 42.54 ? 50  TYR A CD1 1 
ATOM   371  C CD2 . TYR A 1 50  ? -4.245  -14.047 -17.659 1.00 39.24 ? 50  TYR A CD2 1 
ATOM   372  C CE1 . TYR A 1 50  ? -4.054  -13.705 -20.381 1.00 40.79 ? 50  TYR A CE1 1 
ATOM   373  C CE2 . TYR A 1 50  ? -3.294  -14.742 -18.373 1.00 36.02 ? 50  TYR A CE2 1 
ATOM   374  C CZ  . TYR A 1 50  ? -3.202  -14.568 -19.733 1.00 37.70 ? 50  TYR A CZ  1 
ATOM   375  O OH  . TYR A 1 50  ? -2.254  -15.259 -20.450 1.00 48.75 ? 50  TYR A OH  1 
ATOM   376  N N   . TYR A 1 51  ? -7.423  -14.471 -15.452 1.00 41.77 ? 51  TYR A N   1 
ATOM   377  C CA  . TYR A 1 51  ? -7.316  -15.729 -14.722 1.00 30.50 ? 51  TYR A CA  1 
ATOM   378  C C   . TYR A 1 51  ? -8.488  -16.650 -15.027 1.00 36.27 ? 51  TYR A C   1 
ATOM   379  O O   . TYR A 1 51  ? -8.308  -17.859 -15.213 1.00 45.44 ? 51  TYR A O   1 
ATOM   380  C CB  . TYR A 1 51  ? -7.228  -15.463 -13.222 1.00 31.40 ? 51  TYR A CB  1 
ATOM   381  C CG  . TYR A 1 51  ? -7.267  -16.720 -12.388 1.00 34.67 ? 51  TYR A CG  1 
ATOM   382  C CD1 . TYR A 1 51  ? -6.175  -17.571 -12.333 1.00 37.34 ? 51  TYR A CD1 1 
ATOM   383  C CD2 . TYR A 1 51  ? -8.396  -17.058 -11.659 1.00 38.74 ? 51  TYR A CD2 1 
ATOM   384  C CE1 . TYR A 1 51  ? -6.206  -18.720 -11.576 1.00 38.77 ? 51  TYR A CE1 1 
ATOM   385  C CE2 . TYR A 1 51  ? -8.436  -18.206 -10.900 1.00 36.14 ? 51  TYR A CE2 1 
ATOM   386  C CZ  . TYR A 1 51  ? -7.337  -19.033 -10.862 1.00 41.51 ? 51  TYR A CZ  1 
ATOM   387  O OH  . TYR A 1 51  ? -7.369  -20.180 -10.105 1.00 48.96 ? 51  TYR A OH  1 
ATOM   388  N N   . LEU A 1 52  ? -9.700  -16.097 -15.081 1.00 34.30 ? 52  LEU A N   1 
ATOM   389  C CA  . LEU A 1 52  ? -10.877 -16.913 -15.347 1.00 34.41 ? 52  LEU A CA  1 
ATOM   390  C C   . LEU A 1 52  ? -10.854 -17.476 -16.761 1.00 35.63 ? 52  LEU A C   1 
ATOM   391  O O   . LEU A 1 52  ? -11.195 -18.645 -16.973 1.00 44.10 ? 52  LEU A O   1 
ATOM   392  C CB  . LEU A 1 52  ? -12.146 -16.092 -15.118 1.00 34.46 ? 52  LEU A CB  1 
ATOM   393  C CG  . LEU A 1 52  ? -12.429 -15.603 -13.697 1.00 34.06 ? 52  LEU A CG  1 
ATOM   394  C CD1 . LEU A 1 52  ? -13.842 -15.061 -13.587 1.00 38.59 ? 52  LEU A CD1 1 
ATOM   395  C CD2 . LEU A 1 52  ? -12.193 -16.707 -12.687 1.00 36.83 ? 52  LEU A CD2 1 
ATOM   396  N N   . ASN A 1 53  ? -10.456 -16.667 -17.742 1.00 35.72 ? 53  ASN A N   1 
ATOM   397  C CA  . ASN A 1 53  ? -10.502 -17.114 -19.128 1.00 32.70 ? 53  ASN A CA  1 
ATOM   398  C C   . ASN A 1 53  ? -9.292  -17.941 -19.539 1.00 33.52 ? 53  ASN A C   1 
ATOM   399  O O   . ASN A 1 53  ? -9.343  -18.591 -20.589 1.00 47.15 ? 53  ASN A O   1 
ATOM   400  C CB  . ASN A 1 53  ? -10.633 -15.912 -20.063 1.00 41.20 ? 53  ASN A CB  1 
ATOM   401  C CG  . ASN A 1 53  ? -11.874 -15.091 -19.783 1.00 48.30 ? 53  ASN A CG  1 
ATOM   402  O OD1 . ASN A 1 53  ? -12.787 -15.542 -19.093 1.00 47.79 ? 53  ASN A OD1 1 
ATOM   403  N ND2 . ASN A 1 53  ? -11.914 -13.877 -20.317 1.00 48.91 ? 53  ASN A ND2 1 
ATOM   404  N N   . HIS A 1 54  ? -8.214  -17.940 -18.755 1.00 31.98 ? 54  HIS A N   1 
ATOM   405  C CA  . HIS A 1 54  ? -7.007  -18.656 -19.130 1.00 29.84 ? 54  HIS A CA  1 
ATOM   406  C C   . HIS A 1 54  ? -6.550  -19.689 -18.112 1.00 34.34 ? 54  HIS A C   1 
ATOM   407  O O   . HIS A 1 54  ? -5.704  -20.525 -18.449 1.00 44.13 ? 54  HIS A O   1 
ATOM   408  C CB  . HIS A 1 54  ? -5.858  -17.671 -19.384 1.00 32.38 ? 54  HIS A CB  1 
ATOM   409  C CG  . HIS A 1 54  ? -5.983  -16.924 -20.675 1.00 32.79 ? 54  HIS A CG  1 
ATOM   410  N ND1 . HIS A 1 54  ? -6.708  -15.758 -20.792 1.00 42.14 ? 54  HIS A ND1 1 
ATOM   411  C CD2 . HIS A 1 54  ? -5.484  -17.182 -21.905 1.00 32.53 ? 54  HIS A CD2 1 
ATOM   412  C CE1 . HIS A 1 54  ? -6.645  -15.328 -22.039 1.00 39.68 ? 54  HIS A CE1 1 
ATOM   413  N NE2 . HIS A 1 54  ? -5.909  -16.174 -22.735 1.00 36.10 ? 54  HIS A NE2 1 
ATOM   414  N N   . GLY A 1 55  ? -7.068  -19.661 -16.890 1.00 36.42 ? 55  GLY A N   1 
ATOM   415  C CA  . GLY A 1 55  ? -6.700  -20.642 -15.897 1.00 35.11 ? 55  GLY A CA  1 
ATOM   416  C C   . GLY A 1 55  ? -5.395  -20.374 -15.189 1.00 37.56 ? 55  GLY A C   1 
ATOM   417  O O   . GLY A 1 55  ? -5.033  -21.137 -14.284 1.00 46.99 ? 55  GLY A O   1 
ATOM   418  N N   . GLU A 1 56  ? -4.676  -19.322 -15.565 1.00 36.81 ? 56  GLU A N   1 
ATOM   419  C CA  . GLU A 1 56  ? -3.448  -18.938 -14.893 1.00 30.46 ? 56  GLU A CA  1 
ATOM   420  C C   . GLU A 1 56  ? -3.417  -17.425 -14.757 1.00 37.99 ? 56  GLU A C   1 
ATOM   421  O O   . GLU A 1 56  ? -4.026  -16.701 -15.548 1.00 46.79 ? 56  GLU A O   1 
ATOM   422  C CB  . GLU A 1 56  ? -2.208  -19.437 -15.641 1.00 38.01 ? 56  GLU A CB  1 
ATOM   423  C CG  . GLU A 1 56  ? -1.960  -18.756 -16.968 1.00 41.10 ? 56  GLU A CG  1 
ATOM   424  C CD  . GLU A 1 56  ? -1.086  -19.583 -17.883 1.00 48.48 ? 56  GLU A CD  1 
ATOM   425  O OE1 . GLU A 1 56  ? -0.408  -20.504 -17.384 1.00 46.20 ? 56  GLU A OE1 1 
ATOM   426  O OE2 . GLU A 1 56  ? -1.076  -19.314 -19.103 1.00 54.88 ? 56  GLU A OE2 1 
ATOM   427  N N   . TRP A 1 57  ? -2.706  -16.956 -13.740 1.00 34.29 ? 57  TRP A N   1 
ATOM   428  C CA  . TRP A 1 57  ? -2.683  -15.539 -13.435 1.00 30.69 ? 57  TRP A CA  1 
ATOM   429  C C   . TRP A 1 57  ? -1.904  -14.771 -14.501 1.00 38.46 ? 57  TRP A C   1 
ATOM   430  O O   . TRP A 1 57  ? -1.005  -15.321 -15.142 1.00 46.86 ? 57  TRP A O   1 
ATOM   431  C CB  . TRP A 1 57  ? -2.063  -15.309 -12.062 1.00 32.62 ? 57  TRP A CB  1 
ATOM   432  C CG  . TRP A 1 57  ? -2.918  -15.803 -10.943 1.00 31.46 ? 57  TRP A CG  1 
ATOM   433  C CD1 . TRP A 1 57  ? -2.721  -16.922 -10.195 1.00 33.16 ? 57  TRP A CD1 1 
ATOM   434  C CD2 . TRP A 1 57  ? -4.113  -15.194 -10.446 1.00 28.85 ? 57  TRP A CD2 1 
ATOM   435  N NE1 . TRP A 1 57  ? -3.717  -17.049 -9.261  1.00 37.66 ? 57  TRP A NE1 1 
ATOM   436  C CE2 . TRP A 1 57  ? -4.584  -15.998 -9.395  1.00 28.03 ? 57  TRP A CE2 1 
ATOM   437  C CE3 . TRP A 1 57  ? -4.831  -14.047 -10.790 1.00 34.33 ? 57  TRP A CE3 1 
ATOM   438  C CZ2 . TRP A 1 57  ? -5.740  -15.694 -8.687  1.00 36.51 ? 57  TRP A CZ2 1 
ATOM   439  C CZ3 . TRP A 1 57  ? -5.975  -13.746 -10.085 1.00 31.72 ? 57  TRP A CZ3 1 
ATOM   440  C CH2 . TRP A 1 57  ? -6.420  -14.565 -9.046  1.00 33.51 ? 57  TRP A CH2 1 
ATOM   441  N N   . PRO A 1 58  ? -2.238  -13.498 -14.718 1.00 27.55 ? 58  PRO A N   1 
ATOM   442  C CA  . PRO A 1 58  ? -1.502  -12.692 -15.703 1.00 22.09 ? 58  PRO A CA  1 
ATOM   443  C C   . PRO A 1 58  ? -0.069  -12.469 -15.244 1.00 36.16 ? 58  PRO A C   1 
ATOM   444  O O   . PRO A 1 58  ? 0.173   -11.899 -14.179 1.00 41.89 ? 58  PRO A O   1 
ATOM   445  C CB  . PRO A 1 58  ? -2.290  -11.378 -15.751 1.00 32.63 ? 58  PRO A CB  1 
ATOM   446  C CG  . PRO A 1 58  ? -3.576  -11.649 -15.059 1.00 31.59 ? 58  PRO A CG  1 
ATOM   447  C CD  . PRO A 1 58  ? -3.310  -12.726 -14.072 1.00 32.77 ? 58  PRO A CD  1 
ATOM   448  N N   . GLY A 1 59  ? 0.883   -12.921 -16.059 1.00 33.72 ? 59  GLY A N   1 
ATOM   449  C CA  . GLY A 1 59  ? 2.280   -12.792 -15.688 1.00 30.67 ? 59  GLY A CA  1 
ATOM   450  C C   . GLY A 1 59  ? 2.750   -11.351 -15.639 1.00 38.18 ? 59  GLY A C   1 
ATOM   451  O O   . GLY A 1 59  ? 3.469   -10.956 -14.717 1.00 44.81 ? 59  GLY A O   1 
ATOM   452  N N   . ASP A 1 60  ? 2.358   -10.549 -16.624 1.00 42.32 ? 60  ASP A N   1 
ATOM   453  C CA  . ASP A 1 60  ? 2.800   -9.168  -16.740 1.00 33.83 ? 60  ASP A CA  1 
ATOM   454  C C   . ASP A 1 60  ? 1.598   -8.269  -16.983 1.00 41.41 ? 60  ASP A C   1 
ATOM   455  O O   . ASP A 1 60  ? 0.462   -8.731  -17.126 1.00 49.51 ? 60  ASP A O   1 
ATOM   456  C CB  . ASP A 1 60  ? 3.825   -9.004  -17.870 1.00 42.98 ? 60  ASP A CB  1 
ATOM   457  C CG  . ASP A 1 60  ? 4.664   -10.248 -18.084 1.00 55.38 ? 60  ASP A CG  1 
ATOM   458  O OD1 . ASP A 1 60  ? 5.365   -10.666 -17.137 1.00 54.06 ? 60  ASP A OD1 1 
ATOM   459  O OD2 . ASP A 1 60  ? 4.624   -10.806 -19.200 1.00 54.67 ? 60  ASP A OD2 1 
ATOM   460  N N   . ASN A 1 61  ? 1.857   -6.960  -17.020 1.00 41.40 ? 61  ASN A N   1 
ATOM   461  C CA  . ASN A 1 61  ? 0.825   -6.001  -17.390 1.00 35.43 ? 61  ASN A CA  1 
ATOM   462  C C   . ASN A 1 61  ? 0.370   -6.172  -18.831 1.00 43.92 ? 61  ASN A C   1 
ATOM   463  O O   . ASN A 1 61  ? -0.742  -5.754  -19.169 1.00 45.51 ? 61  ASN A O   1 
ATOM   464  C CB  . ASN A 1 61  ? 1.334   -4.573  -17.193 1.00 35.66 ? 61  ASN A CB  1 
ATOM   465  C CG  . ASN A 1 61  ? 1.673   -4.266  -15.757 1.00 38.83 ? 61  ASN A CG  1 
ATOM   466  O OD1 . ASN A 1 61  ? 2.712   -4.684  -15.249 1.00 46.49 ? 61  ASN A OD1 1 
ATOM   467  N ND2 . ASN A 1 61  ? 0.804   -3.517  -15.092 1.00 42.46 ? 61  ASN A ND2 1 
ATOM   468  N N   . SER A 1 62  ? 1.205   -6.767  -19.685 1.00 48.56 ? 62  SER A N   1 
ATOM   469  C CA  . SER A 1 62  ? 0.888   -6.844  -21.106 1.00 41.71 ? 62  SER A CA  1 
ATOM   470  C C   . SER A 1 62  ? -0.323  -7.733  -21.359 1.00 47.76 ? 62  SER A C   1 
ATOM   471  O O   . SER A 1 62  ? -1.265  -7.331  -22.050 1.00 55.36 ? 62  SER A O   1 
ATOM   472  C CB  . SER A 1 62  ? 2.102   -7.348  -21.885 1.00 50.25 ? 62  SER A CB  1 
ATOM   473  O OG  . SER A 1 62  ? 2.005   -7.004  -23.255 1.00 51.70 ? 62  SER A OG  1 
ATOM   474  N N   . SER A 1 63  ? -0.320  -8.947  -20.811 1.00 45.27 ? 63  SER A N   1 
ATOM   475  C CA  . SER A 1 63  ? -1.456  -9.838  -20.999 1.00 48.65 ? 63  SER A CA  1 
ATOM   476  C C   . SER A 1 63  ? -2.512  -9.692  -19.918 1.00 50.07 ? 63  SER A C   1 
ATOM   477  O O   . SER A 1 63  ? -3.584  -10.292 -20.037 1.00 59.31 ? 63  SER A O   1 
ATOM   478  C CB  . SER A 1 63  ? -1.007  -11.300 -21.086 1.00 51.66 ? 63  SER A CB  1 
ATOM   479  O OG  . SER A 1 63  ? 0.107   -11.603 -20.267 1.00 56.69 ? 63  SER A OG  1 
ATOM   480  N N   . ALA A 1 64  ? -2.246  -8.910  -18.876 1.00 41.49 ? 64  ALA A N   1 
ATOM   481  C CA  . ALA A 1 64  ? -3.311  -8.553  -17.954 1.00 41.59 ? 64  ALA A CA  1 
ATOM   482  C C   . ALA A 1 64  ? -4.331  -7.625  -18.591 1.00 43.59 ? 64  ALA A C   1 
ATOM   483  O O   . ALA A 1 64  ? -5.446  -7.511  -18.075 1.00 50.98 ? 64  ALA A O   1 
ATOM   484  C CB  . ALA A 1 64  ? -2.732  -7.899  -16.700 1.00 46.42 ? 64  ALA A CB  1 
ATOM   485  N N   . GLY A 1 65  ? -3.984  -6.979  -19.702 1.00 32.79 ? 65  GLY A N   1 
ATOM   486  C CA  . GLY A 1 65  ? -4.835  -5.994  -20.323 1.00 37.96 ? 65  GLY A CA  1 
ATOM   487  C C   . GLY A 1 65  ? -4.662  -4.592  -19.791 1.00 43.35 ? 65  GLY A C   1 
ATOM   488  O O   . GLY A 1 65  ? -5.282  -3.662  -20.322 1.00 47.68 ? 65  GLY A O   1 
ATOM   489  N N   . VAL A 1 66  ? -3.843  -4.410  -18.767 1.00 39.59 ? 66  VAL A N   1 
ATOM   490  C CA  . VAL A 1 66  ? -3.630  -3.108  -18.161 1.00 35.47 ? 66  VAL A CA  1 
ATOM   491  C C   . VAL A 1 66  ? -2.445  -2.427  -18.832 1.00 37.54 ? 66  VAL A C   1 
ATOM   492  O O   . VAL A 1 66  ? -1.643  -3.053  -19.527 1.00 44.14 ? 66  VAL A O   1 
ATOM   493  C CB  . VAL A 1 66  ? -3.420  -3.231  -16.641 1.00 33.34 ? 66  VAL A CB  1 
ATOM   494  C CG1 . VAL A 1 66  ? -4.666  -3.790  -15.988 1.00 38.56 ? 66  VAL A CG1 1 
ATOM   495  C CG2 . VAL A 1 66  ? -2.231  -4.117  -16.345 1.00 40.59 ? 66  VAL A CG2 1 
ATOM   496  N N   . ALA A 1 67  ? -2.339  -1.118  -18.622 1.00 36.27 ? 67  ALA A N   1 
ATOM   497  C CA  . ALA A 1 67  ? -1.271  -0.338  -19.223 1.00 34.79 ? 67  ALA A CA  1 
ATOM   498  C C   . ALA A 1 67  ? 0.063   -0.664  -18.558 1.00 37.68 ? 67  ALA A C   1 
ATOM   499  O O   . ALA A 1 67  ? 0.162   -1.516  -17.671 1.00 46.53 ? 67  ALA A O   1 
ATOM   500  C CB  . ALA A 1 67  ? -1.583  1.152   -19.119 1.00 39.45 ? 67  ALA A CB  1 
ATOM   501  N N   . THR A 1 68  ? 1.108   0.028   -19.001 1.00 43.29 ? 68  THR A N   1 
ATOM   502  C CA  . THR A 1 68  ? 2.429   -0.153  -18.421 1.00 40.38 ? 68  THR A CA  1 
ATOM   503  C C   . THR A 1 68  ? 2.432   0.305   -16.969 1.00 47.37 ? 68  THR A C   1 
ATOM   504  O O   . THR A 1 68  ? 1.621   1.138   -16.555 1.00 54.32 ? 68  THR A O   1 
ATOM   505  C CB  . THR A 1 68  ? 3.474   0.626   -19.220 1.00 40.76 ? 68  THR A CB  1 
ATOM   506  O OG1 . THR A 1 68  ? 3.132   0.595   -20.610 1.00 45.21 ? 68  THR A OG1 1 
ATOM   507  C CG2 . THR A 1 68  ? 4.851   0.012   -19.042 1.00 47.54 ? 68  THR A CG2 1 
ATOM   508  N N   . SER A 1 69  ? 3.354   -0.261  -16.187 1.00 44.95 ? 69  SER A N   1 
ATOM   509  C CA  . SER A 1 69  ? 3.406   0.051   -14.763 1.00 43.80 ? 69  SER A CA  1 
ATOM   510  C C   . SER A 1 69  ? 3.660   1.533   -14.530 1.00 46.95 ? 69  SER A C   1 
ATOM   511  O O   . SER A 1 69  ? 3.021   2.152   -13.674 1.00 51.09 ? 69  SER A O   1 
ATOM   512  C CB  . SER A 1 69  ? 4.480   -0.793  -14.080 1.00 48.08 ? 69  SER A CB  1 
ATOM   513  N N   . ALA A 1 70  ? 4.584   2.123   -15.290 1.00 43.15 ? 70  ALA A N   1 
ATOM   514  C CA  . ALA A 1 70  ? 4.862   3.545   -15.131 1.00 45.33 ? 70  ALA A CA  1 
ATOM   515  C C   . ALA A 1 70  ? 3.673   4.402   -15.543 1.00 48.10 ? 70  ALA A C   1 
ATOM   516  O O   . ALA A 1 70  ? 3.530   5.531   -15.063 1.00 51.43 ? 70  ALA A O   1 
ATOM   517  C CB  . ALA A 1 70  ? 6.100   3.931   -15.938 1.00 47.19 ? 70  ALA A CB  1 
ATOM   518  N N   . ASP A 1 71  ? 2.815   3.890   -16.426 1.00 48.85 ? 71  ASP A N   1 
ATOM   519  C CA  . ASP A 1 71  ? 1.664   4.656   -16.883 1.00 45.22 ? 71  ASP A CA  1 
ATOM   520  C C   . ASP A 1 71  ? 0.544   4.694   -15.851 1.00 45.23 ? 71  ASP A C   1 
ATOM   521  O O   . ASP A 1 71  ? -0.219  5.664   -15.812 1.00 52.47 ? 71  ASP A O   1 
ATOM   522  C CB  . ASP A 1 71  ? 1.142   4.086   -18.200 1.00 48.16 ? 71  ASP A CB  1 
ATOM   523  C CG  . ASP A 1 71  ? 2.052   4.397   -19.368 1.00 55.94 ? 71  ASP A CG  1 
ATOM   524  O OD1 . ASP A 1 71  ? 2.742   5.437   -19.324 1.00 55.98 ? 71  ASP A OD1 1 
ATOM   525  O OD2 . ASP A 1 71  ? 2.080   3.604   -20.331 1.00 57.08 ? 71  ASP A OD2 1 
ATOM   526  N N   . ILE A 1 72  ? 0.427   3.665   -15.014 1.00 41.31 ? 72  ILE A N   1 
ATOM   527  C CA  . ILE A 1 72  ? -0.606  3.625   -13.977 1.00 37.73 ? 72  ILE A CA  1 
ATOM   528  C C   . ILE A 1 72  ? -0.044  4.397   -12.789 1.00 41.61 ? 72  ILE A C   1 
ATOM   529  O O   . ILE A 1 72  ? 0.548   3.832   -11.871 1.00 52.28 ? 72  ILE A O   1 
ATOM   530  C CB  . ILE A 1 72  ? -0.997  2.198   -13.609 1.00 37.36 ? 72  ILE A CB  1 
ATOM   531  C CG1 . ILE A 1 72  ? -1.193  1.357   -14.869 1.00 40.43 ? 72  ILE A CG1 1 
ATOM   532  C CG2 . ILE A 1 72  ? -2.262  2.197   -12.769 1.00 41.53 ? 72  ILE A CG2 1 
ATOM   533  C CD1 . ILE A 1 72  ? -1.570  -0.071  -14.587 1.00 42.83 ? 72  ILE A CD1 1 
ATOM   534  N N   . LYS A 1 73  ? -0.238  5.711   -12.810 1.00 38.02 ? 73  LYS A N   1 
ATOM   535  C CA  . LYS A 1 73  ? 0.332   6.595   -11.810 1.00 36.87 ? 73  LYS A CA  1 
ATOM   536  C C   . LYS A 1 73  ? -0.708  7.603   -11.352 1.00 37.86 ? 73  LYS A C   1 
ATOM   537  O O   . LYS A 1 73  ? -1.658  7.916   -12.075 1.00 47.36 ? 73  LYS A O   1 
ATOM   538  C CB  . LYS A 1 73  ? 1.566   7.328   -12.350 1.00 39.99 ? 73  LYS A CB  1 
ATOM   539  C CG  . LYS A 1 73  ? 1.248   8.498   -13.255 1.00 41.23 ? 73  LYS A CG  1 
ATOM   540  C CD  . LYS A 1 73  ? 2.493   9.011   -13.948 1.00 43.73 ? 73  LYS A CD  1 
ATOM   541  C CE  . LYS A 1 73  ? 2.380   8.877   -15.454 1.00 44.73 ? 73  LYS A CE  1 
ATOM   542  N NZ  . LYS A 1 73  ? 3.690   9.081   -16.128 1.00 47.14 ? 73  LYS A NZ  1 
ATOM   543  N N   . GLY A 1 74  ? -0.521  8.102   -10.137 1.00 36.43 ? 74  GLY A N   1 
ATOM   544  C CA  . GLY A 1 74  ? -1.395  9.112   -9.582  1.00 40.04 ? 74  GLY A CA  1 
ATOM   545  C C   . GLY A 1 74  ? -0.614  10.238  -8.943  1.00 43.11 ? 74  GLY A C   1 
ATOM   546  O O   . GLY A 1 74  ? 0.570   10.423  -9.240  1.00 45.82 ? 74  GLY A O   1 
ATOM   547  N N   . LYS A 1 75  ? -1.265  11.004  -8.066  1.00 47.63 ? 75  LYS A N   1 
ATOM   548  C CA  . LYS A 1 75  ? -0.570  12.083  -7.374  1.00 46.27 ? 75  LYS A CA  1 
ATOM   549  C C   . LYS A 1 75  ? 0.525   11.540  -6.467  1.00 47.63 ? 75  LYS A C   1 
ATOM   550  O O   . LYS A 1 75  ? 1.623   12.105  -6.399  1.00 52.38 ? 75  LYS A O   1 
ATOM   551  C CB  . LYS A 1 75  ? -1.566  12.921  -6.574  1.00 48.70 ? 75  LYS A CB  1 
ATOM   552  C CG  . LYS A 1 75  ? -1.879  14.272  -7.191  1.00 48.28 ? 75  LYS A CG  1 
ATOM   553  C CD  . LYS A 1 75  ? -2.908  15.031  -6.373  1.00 50.74 ? 75  LYS A CD  1 
ATOM   554  C CE  . LYS A 1 75  ? -2.251  15.862  -5.288  1.00 52.49 ? 75  LYS A CE  1 
ATOM   555  N NZ  . LYS A 1 75  ? -1.365  16.913  -5.858  1.00 53.57 ? 75  LYS A NZ  1 
ATOM   556  N N   . TYR A 1 76  ? 0.247   10.444  -5.765  1.00 40.61 ? 76  TYR A N   1 
ATOM   557  C CA  . TYR A 1 76  ? 1.196   9.855   -4.828  1.00 38.29 ? 76  TYR A CA  1 
ATOM   558  C C   . TYR A 1 76  ? 1.631   8.454   -5.231  1.00 38.92 ? 76  TYR A C   1 
ATOM   559  O O   . TYR A 1 76  ? 2.335   7.791   -4.462  1.00 48.12 ? 76  TYR A O   1 
ATOM   560  C CB  . TYR A 1 76  ? 0.598   9.829   -3.419  1.00 43.74 ? 76  TYR A CB  1 
ATOM   561  C CG  . TYR A 1 76  ? -0.121  11.103  -3.043  1.00 43.86 ? 76  TYR A CG  1 
ATOM   562  C CD1 . TYR A 1 76  ? 0.585   12.244  -2.699  1.00 43.44 ? 76  TYR A CD1 1 
ATOM   563  C CD2 . TYR A 1 76  ? -1.504  11.163  -3.033  1.00 43.53 ? 76  TYR A CD2 1 
ATOM   564  C CE1 . TYR A 1 76  ? -0.065  13.408  -2.356  1.00 43.31 ? 76  TYR A CE1 1 
ATOM   565  C CE2 . TYR A 1 76  ? -2.163  12.323  -2.690  1.00 44.34 ? 76  TYR A CE2 1 
ATOM   566  C CZ  . TYR A 1 76  ? -1.438  13.443  -2.353  1.00 48.05 ? 76  TYR A CZ  1 
ATOM   567  O OH  . TYR A 1 76  ? -2.090  14.604  -2.010  1.00 53.05 ? 76  TYR A OH  1 
ATOM   568  N N   . VAL A 1 77  ? 1.238   7.988   -6.413  1.00 41.09 ? 77  VAL A N   1 
ATOM   569  C CA  . VAL A 1 77  ? 1.571   6.654   -6.892  1.00 35.76 ? 77  VAL A CA  1 
ATOM   570  C C   . VAL A 1 77  ? 2.376   6.795   -8.173  1.00 38.78 ? 77  VAL A C   1 
ATOM   571  O O   . VAL A 1 77  ? 1.978   7.529   -9.084  1.00 50.23 ? 77  VAL A O   1 
ATOM   572  C CB  . VAL A 1 77  ? 0.310   5.805   -7.133  1.00 38.86 ? 77  VAL A CB  1 
ATOM   573  C CG1 . VAL A 1 77  ? 0.673   4.345   -7.264  1.00 40.52 ? 77  VAL A CG1 1 
ATOM   574  C CG2 . VAL A 1 77  ? -0.683  6.011   -6.009  1.00 45.92 ? 77  VAL A CG2 1 
ATOM   575  N N   . GLN A 1 78  ? 3.508   6.098   -8.240  1.00 37.80 ? 78  GLN A N   1 
ATOM   576  C CA  . GLN A 1 78  ? 4.371   6.167   -9.408  1.00 36.17 ? 78  GLN A CA  1 
ATOM   577  C C   . GLN A 1 78  ? 4.257   4.952   -10.316 1.00 41.42 ? 78  GLN A C   1 
ATOM   578  O O   . GLN A 1 78  ? 4.609   5.051   -11.496 1.00 50.96 ? 78  GLN A O   1 
ATOM   579  C CB  . GLN A 1 78  ? 5.833   6.340   -8.979  1.00 35.96 ? 78  GLN A CB  1 
ATOM   580  C CG  . GLN A 1 78  ? 6.619   5.050   -8.884  1.00 36.53 ? 78  GLN A CG  1 
ATOM   581  C CD  . GLN A 1 78  ? 8.103   5.287   -8.721  1.00 44.76 ? 78  GLN A CD  1 
ATOM   582  O OE1 . GLN A 1 78  ? 8.811   5.553   -9.692  1.00 47.17 ? 78  GLN A OE1 1 
ATOM   583  N NE2 . GLN A 1 78  ? 8.585   5.193   -7.488  1.00 48.29 ? 78  GLN A NE2 1 
ATOM   584  N N   . SER A 1 79  ? 3.771   3.823   -9.810  1.00 36.81 ? 79  SER A N   1 
ATOM   585  C CA  . SER A 1 79  ? 3.695   2.620   -10.622 1.00 33.65 ? 79  SER A CA  1 
ATOM   586  C C   . SER A 1 79  ? 2.739   1.630   -9.980  1.00 36.55 ? 79  SER A C   1 
ATOM   587  O O   . SER A 1 79  ? 2.633   1.554   -8.754  1.00 45.62 ? 79  SER A O   1 
ATOM   588  C CB  . SER A 1 79  ? 5.076   1.981   -10.802 1.00 43.91 ? 79  SER A CB  1 
ATOM   589  O OG  . SER A 1 79  ? 5.317   1.006   -9.805  1.00 50.98 ? 79  SER A OG  1 
ATOM   590  N N   . VAL A 1 80  ? 2.044   0.876   -10.827 1.00 31.25 ? 80  VAL A N   1 
ATOM   591  C CA  . VAL A 1 80  ? 1.206   -0.243  -10.411 1.00 31.24 ? 80  VAL A CA  1 
ATOM   592  C C   . VAL A 1 80  ? 1.523   -1.395  -11.351 1.00 32.65 ? 80  VAL A C   1 
ATOM   593  O O   . VAL A 1 80  ? 1.135   -1.366  -12.525 1.00 40.65 ? 80  VAL A O   1 
ATOM   594  C CB  . VAL A 1 80  ? -0.289  0.095   -10.445 1.00 33.87 ? 80  VAL A CB  1 
ATOM   595  C CG1 . VAL A 1 80  ? -1.111  -1.141  -10.159 1.00 33.77 ? 80  VAL A CG1 1 
ATOM   596  C CG2 . VAL A 1 80  ? -0.614  1.188   -9.446  1.00 41.49 ? 80  VAL A CG2 1 
ATOM   597  N N   . THR A 1 81  ? 2.226   -2.404  -10.847 1.00 32.15 ? 81  THR A N   1 
ATOM   598  C CA  . THR A 1 81  ? 2.709   -3.505  -11.663 1.00 31.29 ? 81  THR A CA  1 
ATOM   599  C C   . THR A 1 81  ? 1.972   -4.790  -11.318 1.00 32.29 ? 81  THR A C   1 
ATOM   600  O O   . THR A 1 81  ? 1.646   -5.041  -10.154 1.00 42.82 ? 81  THR A O   1 
ATOM   601  C CB  . THR A 1 81  ? 4.217   -3.706  -11.482 1.00 35.87 ? 81  THR A CB  1 
ATOM   602  O OG1 . THR A 1 81  ? 4.624   -4.912  -12.140 1.00 40.95 ? 81  THR A OG1 1 
ATOM   603  C CG2 . THR A 1 81  ? 4.579   -3.790  -10.010 1.00 34.97 ? 81  THR A CG2 1 
ATOM   604  N N   . VAL A 1 82  ? 1.702   -5.596  -12.340 1.00 27.10 ? 82  VAL A N   1 
ATOM   605  C CA  . VAL A 1 82  ? 1.063   -6.897  -12.190 1.00 29.65 ? 82  VAL A CA  1 
ATOM   606  C C   . VAL A 1 82  ? 2.113   -7.961  -12.471 1.00 33.69 ? 82  VAL A C   1 
ATOM   607  O O   . VAL A 1 82  ? 2.663   -8.024  -13.578 1.00 43.37 ? 82  VAL A O   1 
ATOM   608  C CB  . VAL A 1 82  ? -0.142  -7.049  -13.131 1.00 30.18 ? 82  VAL A CB  1 
ATOM   609  C CG1 . VAL A 1 82  ? -0.601  -8.491  -13.173 1.00 30.76 ? 82  VAL A CG1 1 
ATOM   610  C CG2 . VAL A 1 82  ? -1.272  -6.138  -12.694 1.00 37.12 ? 82  VAL A CG2 1 
ATOM   611  N N   . ALA A 1 83  ? 2.395   -8.794  -11.474 1.00 32.46 ? 83  ALA A N   1 
ATOM   612  C CA  . ALA A 1 83  ? 3.387   -9.857  -11.589 1.00 28.00 ? 83  ALA A CA  1 
ATOM   613  C C   . ALA A 1 83  ? 2.751   -11.160 -11.129 1.00 30.27 ? 83  ALA A C   1 
ATOM   614  O O   . ALA A 1 83  ? 2.551   -11.365 -9.928  1.00 38.78 ? 83  ALA A O   1 
ATOM   615  C CB  . ALA A 1 83  ? 4.637   -9.540  -10.769 1.00 33.14 ? 83  ALA A CB  1 
ATOM   616  N N   . ASN A 1 84  ? 2.441   -12.037 -12.085 1.00 30.10 ? 84  ASN A N   1 
ATOM   617  C CA  . ASN A 1 84  ? 1.815   -13.332 -11.808 1.00 24.61 ? 84  ASN A CA  1 
ATOM   618  C C   . ASN A 1 84  ? 0.519   -13.168 -11.020 1.00 28.22 ? 84  ASN A C   1 
ATOM   619  O O   . ASN A 1 84  ? 0.244   -13.911 -10.078 1.00 38.99 ? 84  ASN A O   1 
ATOM   620  C CB  . ASN A 1 84  ? 2.778   -14.267 -11.080 1.00 28.31 ? 84  ASN A CB  1 
ATOM   621  C CG  . ASN A 1 84  ? 3.862   -14.800 -11.985 1.00 30.13 ? 84  ASN A CG  1 
ATOM   622  O OD1 . ASN A 1 84  ? 3.675   -14.916 -13.193 1.00 36.07 ? 84  ASN A OD1 1 
ATOM   623  N ND2 . ASN A 1 84  ? 5.008   -15.125 -11.404 1.00 34.02 ? 84  ASN A ND2 1 
ATOM   624  N N   . GLY A 1 85  ? -0.289  -12.187 -11.411 1.00 29.92 ? 85  GLY A N   1 
ATOM   625  C CA  . GLY A 1 85  ? -1.554  -11.948 -10.755 1.00 27.56 ? 85  GLY A CA  1 
ATOM   626  C C   . GLY A 1 85  ? -1.479  -11.154 -9.475  1.00 30.32 ? 85  GLY A C   1 
ATOM   627  O O   . GLY A 1 85  ? -2.504  -10.999 -8.803  1.00 37.92 ? 85  GLY A O   1 
ATOM   628  N N   . VAL A 1 86  ? -0.305  -10.647 -9.111  1.00 30.29 ? 86  VAL A N   1 
ATOM   629  C CA  . VAL A 1 86  ? -0.127  -9.843  -7.908  1.00 26.19 ? 86  VAL A CA  1 
ATOM   630  C C   . VAL A 1 86  ? 0.030   -8.393  -8.338  1.00 32.38 ? 86  VAL A C   1 
ATOM   631  O O   . VAL A 1 86  ? 0.949   -8.057  -9.094  1.00 39.12 ? 86  VAL A O   1 
ATOM   632  C CB  . VAL A 1 86  ? 1.081   -10.312 -7.086  1.00 21.50 ? 86  VAL A CB  1 
ATOM   633  C CG1 . VAL A 1 86  ? 1.446   -9.271  -6.051  1.00 33.64 ? 86  VAL A CG1 1 
ATOM   634  C CG2 . VAL A 1 86  ? 0.783   -11.641 -6.425  1.00 33.46 ? 86  VAL A CG2 1 
ATOM   635  N N   . ILE A 1 87  ? -0.865  -7.538  -7.856  1.00 35.34 ? 87  ILE A N   1 
ATOM   636  C CA  . ILE A 1 87  ? -0.885  -6.130  -8.230  1.00 28.24 ? 87  ILE A CA  1 
ATOM   637  C C   . ILE A 1 87  ? -0.117  -5.351  -7.171  1.00 32.93 ? 87  ILE A C   1 
ATOM   638  O O   . ILE A 1 87  ? -0.599  -5.166  -6.052  1.00 45.85 ? 87  ILE A O   1 
ATOM   639  C CB  . ILE A 1 87  ? -2.318  -5.611  -8.376  1.00 29.73 ? 87  ILE A CB  1 
ATOM   640  C CG1 . ILE A 1 87  ? -3.217  -6.698  -8.960  1.00 35.00 ? 87  ILE A CG1 1 
ATOM   641  C CG2 . ILE A 1 87  ? -2.347  -4.383  -9.256  1.00 39.97 ? 87  ILE A CG2 1 
ATOM   642  C CD1 . ILE A 1 87  ? -4.642  -6.262  -9.161  1.00 37.41 ? 87  ILE A CD1 1 
ATOM   643  N N   . THR A 1 88  ? 1.080   -4.892  -7.525  1.00 29.45 ? 88  THR A N   1 
ATOM   644  C CA  . THR A 1 88  ? 1.951   -4.163  -6.614  1.00 28.56 ? 88  THR A CA  1 
ATOM   645  C C   . THR A 1 88  ? 1.971   -2.697  -7.021  1.00 32.90 ? 88  THR A C   1 
ATOM   646  O O   . THR A 1 88  ? 2.318   -2.370  -8.160  1.00 47.32 ? 88  THR A O   1 
ATOM   647  C CB  . THR A 1 88  ? 3.364   -4.742  -6.626  1.00 31.88 ? 88  THR A CB  1 
ATOM   648  O OG1 . THR A 1 88  ? 3.298   -6.168  -6.516  1.00 37.05 ? 88  THR A OG1 1 
ATOM   649  C CG2 . THR A 1 88  ? 4.168   -4.195  -5.464  1.00 33.96 ? 88  THR A CG2 1 
ATOM   650  N N   . ALA A 1 89  ? 1.598   -1.822  -6.094  1.00 25.81 ? 89  ALA A N   1 
ATOM   651  C CA  . ALA A 1 89  ? 1.567   -0.387  -6.328  1.00 27.58 ? 89  ALA A CA  1 
ATOM   652  C C   . ALA A 1 89  ? 2.694   0.268   -5.549  1.00 37.54 ? 89  ALA A C   1 
ATOM   653  O O   . ALA A 1 89  ? 2.800   0.083   -4.333  1.00 43.83 ? 89  ALA A O   1 
ATOM   654  C CB  . ALA A 1 89  ? 0.220   0.208   -5.918  1.00 38.45 ? 89  ALA A CB  1 
ATOM   655  N N   . GLN A 1 90  ? 3.526   1.031   -6.246  1.00 38.79 ? 90  GLN A N   1 
ATOM   656  C CA  . GLN A 1 90  ? 4.668   1.701   -5.647  1.00 38.05 ? 90  GLN A CA  1 
ATOM   657  C C   . GLN A 1 90  ? 4.378   3.187   -5.499  1.00 42.58 ? 90  GLN A C   1 
ATOM   658  O O   . GLN A 1 90  ? 3.774   3.804   -6.382  1.00 51.02 ? 90  GLN A O   1 
ATOM   659  C CB  . GLN A 1 90  ? 5.931   1.497   -6.485  1.00 37.84 ? 90  GLN A CB  1 
ATOM   660  C CG  . GLN A 1 90  ? 7.192   2.020   -5.825  1.00 40.31 ? 90  GLN A CG  1 
ATOM   661  C CD  . GLN A 1 90  ? 8.442   1.684   -6.602  1.00 47.42 ? 90  GLN A CD  1 
ATOM   662  O OE1 . GLN A 1 90  ? 8.421   1.601   -7.829  1.00 53.27 ? 90  GLN A OE1 1 
ATOM   663  N NE2 . GLN A 1 90  ? 9.543   1.485   -5.892  1.00 47.37 ? 90  GLN A NE2 1 
ATOM   664  N N   . MET A 1 91  ? 4.811   3.754   -4.379  1.00 45.40 ? 91  MET A N   1 
ATOM   665  C CA  . MET A 1 91  ? 4.625   5.171   -4.130  1.00 41.79 ? 91  MET A CA  1 
ATOM   666  C C   . MET A 1 91  ? 5.576   5.995   -4.996  1.00 43.83 ? 91  MET A C   1 
ATOM   667  O O   . MET A 1 91  ? 6.413   5.468   -5.732  1.00 52.22 ? 91  MET A O   1 
ATOM   668  C CB  . MET A 1 91  ? 4.882   5.497   -2.665  1.00 43.40 ? 91  MET A CB  1 
ATOM   669  C CG  . MET A 1 91  ? 3.889   4.934   -1.676  1.00 45.89 ? 91  MET A CG  1 
ATOM   670  S SD  . MET A 1 91  ? 2.178   5.355   -1.977  1.00 42.08 ? 91  MET A SD  1 
ATOM   671  C CE  . MET A 1 91  ? 1.514   3.704   -2.023  1.00 49.32 ? 91  MET A CE  1 
ATOM   672  N N   . ALA A 1 92  ? 5.444   7.312   -4.886  1.00 38.01 ? 92  ALA A N   1 
ATOM   673  C CA  . ALA A 1 92  ? 6.371   8.220   -5.536  1.00 38.83 ? 92  ALA A CA  1 
ATOM   674  C C   . ALA A 1 92  ? 7.620   8.401   -4.681  1.00 44.98 ? 92  ALA A C   1 
ATOM   675  O O   . ALA A 1 92  ? 7.632   8.121   -3.480  1.00 54.39 ? 92  ALA A O   1 
ATOM   676  C CB  . ALA A 1 92  ? 5.709   9.571   -5.797  1.00 47.11 ? 92  ALA A CB  1 
ATOM   677  N N   . SER A 1 93  ? 8.689   8.869   -5.321  1.00 41.67 ? 93  SER A N   1 
ATOM   678  C CA  . SER A 1 93  ? 9.957   9.079   -4.639  1.00 40.23 ? 93  SER A CA  1 
ATOM   679  C C   . SER A 1 93  ? 10.109  10.485  -4.077  1.00 48.44 ? 93  SER A C   1 
ATOM   680  O O   . SER A 1 93  ? 11.087  10.749  -3.369  1.00 54.88 ? 93  SER A O   1 
ATOM   681  C CB  . SER A 1 93  ? 11.120  8.782   -5.589  1.00 46.45 ? 93  SER A CB  1 
ATOM   682  O OG  . SER A 1 93  ? 11.078  9.627   -6.725  1.00 51.74 ? 93  SER A OG  1 
ATOM   683  N N   . SER A 1 94  ? 9.176   11.385  -4.368  1.00 47.70 ? 94  SER A N   1 
ATOM   684  C CA  . SER A 1 94  ? 9.250   12.756  -3.887  1.00 42.98 ? 94  SER A CA  1 
ATOM   685  C C   . SER A 1 94  ? 7.847   13.340  -3.883  1.00 46.27 ? 94  SER A C   1 
ATOM   686  O O   . SER A 1 94  ? 6.924   12.785  -4.484  1.00 54.39 ? 94  SER A O   1 
ATOM   687  C CB  . SER A 1 94  ? 10.191  13.605  -4.745  1.00 48.76 ? 94  SER A CB  1 
ATOM   688  O OG  . SER A 1 94  ? 10.141  13.206  -6.103  1.00 54.82 ? 94  SER A OG  1 
ATOM   689  N N   . ASN A 1 95  ? 7.702   14.469  -3.188  1.00 43.71 ? 95  ASN A N   1 
ATOM   690  C CA  . ASN A 1 95  ? 6.416   15.151  -3.036  1.00 42.95 ? 95  ASN A CA  1 
ATOM   691  C C   . ASN A 1 95  ? 5.373   14.241  -2.399  1.00 47.57 ? 95  ASN A C   1 
ATOM   692  O O   . ASN A 1 95  ? 4.178   14.358  -2.676  1.00 54.24 ? 95  ASN A O   1 
ATOM   693  C CB  . ASN A 1 95  ? 5.907   15.694  -4.374  1.00 46.78 ? 95  ASN A CB  1 
ATOM   694  C CG  . ASN A 1 95  ? 6.377   17.104  -4.644  1.00 54.50 ? 95  ASN A CG  1 
ATOM   695  O OD1 . ASN A 1 95  ? 5.624   18.064  -4.483  1.00 55.81 ? 95  ASN A OD1 1 
ATOM   696  N ND2 . ASN A 1 95  ? 7.631   17.242  -5.059  1.00 54.77 ? 95  ASN A ND2 1 
ATOM   697  N N   . VAL A 1 96  ? 5.822   13.325  -1.543  1.00 42.00 ? 96  VAL A N   1 
ATOM   698  C CA  . VAL A 1 96  ? 4.952   12.411  -0.818  1.00 37.74 ? 96  VAL A CA  1 
ATOM   699  C C   . VAL A 1 96  ? 5.411   12.369  0.632   1.00 41.77 ? 96  VAL A C   1 
ATOM   700  O O   . VAL A 1 96  ? 6.448   12.926  0.996   1.00 52.29 ? 96  VAL A O   1 
ATOM   701  C CB  . VAL A 1 96  ? 4.950   10.993  -1.424  1.00 43.45 ? 96  VAL A CB  1 
ATOM   702  C CG1 . VAL A 1 96  ? 4.142   10.967  -2.707  1.00 46.36 ? 96  VAL A CG1 1 
ATOM   703  C CG2 . VAL A 1 96  ? 6.368   10.526  -1.675  1.00 45.49 ? 96  VAL A CG2 1 
ATOM   704  N N   . ASN A 1 97  ? 4.616   11.704  1.464   1.00 43.54 ? 97  ASN A N   1 
ATOM   705  C CA  . ASN A 1 97  ? 4.979   11.539  2.863   1.00 38.17 ? 97  ASN A CA  1 
ATOM   706  C C   . ASN A 1 97  ? 6.292   10.778  2.976   1.00 44.80 ? 97  ASN A C   1 
ATOM   707  O O   . ASN A 1 97  ? 6.512   9.779   2.285   1.00 52.29 ? 97  ASN A O   1 
ATOM   708  C CB  . ASN A 1 97  ? 3.871   10.805  3.614   1.00 38.63 ? 97  ASN A CB  1 
ATOM   709  C CG  . ASN A 1 97  ? 3.884   11.092  5.097   1.00 47.38 ? 97  ASN A CG  1 
ATOM   710  O OD1 . ASN A 1 97  ? 4.893   11.532  5.646   1.00 56.10 ? 97  ASN A OD1 1 
ATOM   711  N ND2 . ASN A 1 97  ? 2.761   10.846  5.756   1.00 51.08 ? 97  ASN A ND2 1 
ATOM   712  N N   . ASN A 1 98  ? 7.174   11.266  3.849   1.00 46.35 ? 98  ASN A N   1 
ATOM   713  C CA  . ASN A 1 98  ? 8.494   10.663  3.983   1.00 44.07 ? 98  ASN A CA  1 
ATOM   714  C C   . ASN A 1 98  ? 8.410   9.225   4.472   1.00 49.90 ? 98  ASN A C   1 
ATOM   715  O O   . ASN A 1 98  ? 9.312   8.424   4.206   1.00 54.72 ? 98  ASN A O   1 
ATOM   716  C CB  . ASN A 1 98  ? 9.354   11.497  4.931   1.00 45.47 ? 98  ASN A CB  1 
ATOM   717  C CG  . ASN A 1 98  ? 10.822  11.147  4.844   1.00 53.87 ? 98  ASN A CG  1 
ATOM   718  O OD1 . ASN A 1 98  ? 11.488  11.449  3.854   1.00 55.28 ? 98  ASN A OD1 1 
ATOM   719  N ND2 . ASN A 1 98  ? 11.338  10.503  5.884   1.00 55.00 ? 98  ASN A ND2 1 
ATOM   720  N N   . GLU A 1 99  ? 7.337   8.878   5.183   1.00 51.07 ? 99  GLU A N   1 
ATOM   721  C CA  . GLU A 1 99  ? 7.194   7.527   5.707   1.00 49.65 ? 99  GLU A CA  1 
ATOM   722  C C   . GLU A 1 99  ? 6.881   6.513   4.618   1.00 47.88 ? 99  GLU A C   1 
ATOM   723  O O   . GLU A 1 99  ? 7.173   5.327   4.792   1.00 54.65 ? 99  GLU A O   1 
ATOM   724  C CB  . GLU A 1 99  ? 6.100   7.497   6.775   1.00 48.59 ? 99  GLU A CB  1 
ATOM   725  C CG  . GLU A 1 99  ? 6.133   8.646   7.781   1.00 48.55 ? 99  GLU A CG  1 
ATOM   726  C CD  . GLU A 1 99  ? 7.498   8.889   8.413   1.00 57.01 ? 99  GLU A CD  1 
ATOM   727  O OE1 . GLU A 1 99  ? 8.342   7.968   8.437   1.00 56.57 ? 99  GLU A OE1 1 
ATOM   728  O OE2 . GLU A 1 99  ? 7.729   10.020  8.890   1.00 60.96 ? 99  GLU A OE2 1 
ATOM   729  N N   . ILE A 1 100 ? 6.300   6.950   3.505   1.00 44.44 ? 100 ILE A N   1 
ATOM   730  C CA  . ILE A 1 100 ? 5.895   6.047   2.437   1.00 42.78 ? 100 ILE A CA  1 
ATOM   731  C C   . ILE A 1 100 ? 6.589   6.414   1.133   1.00 49.93 ? 100 ILE A C   1 
ATOM   732  O O   . ILE A 1 100 ? 6.045   6.198   0.050   1.00 53.01 ? 100 ILE A O   1 
ATOM   733  C CB  . ILE A 1 100 ? 4.363   6.044   2.281   1.00 42.28 ? 100 ILE A CB  1 
ATOM   734  C CG1 . ILE A 1 100 ? 3.838   7.457   2.004   1.00 47.09 ? 100 ILE A CG1 1 
ATOM   735  C CG2 . ILE A 1 100 ? 3.707   5.449   3.509   1.00 46.22 ? 100 ILE A CG2 1 
ATOM   736  C CD1 . ILE A 1 100 ? 3.347   7.683   0.596   1.00 48.48 ? 100 ILE A CD1 1 
ATOM   737  N N   . LYS A 1 101 ? 7.799   6.952   1.220   1.00 49.06 ? 101 LYS A N   1 
ATOM   738  C CA  . LYS A 1 101 ? 8.541   7.300   0.015   1.00 41.18 ? 101 LYS A CA  1 
ATOM   739  C C   . LYS A 1 101 ? 9.060   6.036   -0.660  1.00 45.92 ? 101 LYS A C   1 
ATOM   740  O O   . LYS A 1 101 ? 9.783   5.247   -0.041  1.00 53.73 ? 101 LYS A O   1 
ATOM   741  C CB  . LYS A 1 101 ? 9.700   8.232   0.358   1.00 43.91 ? 101 LYS A CB  1 
ATOM   742  C CG  . LYS A 1 101 ? 9.341   9.703   0.353   1.00 49.40 ? 101 LYS A CG  1 
ATOM   743  C CD  . LYS A 1 101 ? 10.580  10.567  0.494   1.00 51.43 ? 101 LYS A CD  1 
ATOM   744  C CE  . LYS A 1 101 ? 10.222  12.043  0.557   1.00 49.99 ? 101 LYS A CE  1 
ATOM   745  N NZ  . LYS A 1 101 ? 9.075   12.375  -0.331  1.00 51.83 ? 101 LYS A NZ  1 
ATOM   746  N N   . SER A 1 102 ? 8.697   5.851   -1.930  1.00 41.86 ? 102 SER A N   1 
ATOM   747  C CA  . SER A 1 102 ? 9.175   4.736   -2.750  1.00 41.84 ? 102 SER A CA  1 
ATOM   748  C C   . SER A 1 102 ? 8.892   3.388   -2.088  1.00 44.29 ? 102 SER A C   1 
ATOM   749  O O   . SER A 1 102 ? 9.729   2.484   -2.080  1.00 53.79 ? 102 SER A O   1 
ATOM   750  C CB  . SER A 1 102 ? 10.666  4.886   -3.061  1.00 50.47 ? 102 SER A CB  1 
ATOM   751  O OG  . SER A 1 102 ? 10.930  6.112   -3.719  1.00 54.98 ? 102 SER A OG  1 
ATOM   752  N N   . LYS A 1 103 ? 7.693   3.255   -1.533  1.00 46.20 ? 103 LYS A N   1 
ATOM   753  C CA  . LYS A 1 103 ? 7.270   2.035   -0.868  1.00 44.79 ? 103 LYS A CA  1 
ATOM   754  C C   . LYS A 1 103 ? 6.154   1.369   -1.661  1.00 47.49 ? 103 LYS A C   1 
ATOM   755  O O   . LYS A 1 103 ? 5.416   2.028   -2.399  1.00 54.38 ? 103 LYS A O   1 
ATOM   756  C CB  . LYS A 1 103 ? 6.802   2.319   0.561   1.00 44.42 ? 103 LYS A CB  1 
ATOM   757  C CG  . LYS A 1 103 ? 7.856   2.966   1.436   1.00 47.59 ? 103 LYS A CG  1 
ATOM   758  C CD  . LYS A 1 103 ? 8.521   1.948   2.335   1.00 49.33 ? 103 LYS A CD  1 
ATOM   759  C CE  . LYS A 1 103 ? 9.351   2.621   3.409   1.00 49.75 ? 103 LYS A CE  1 
ATOM   760  N NZ  . LYS A 1 103 ? 10.740  2.880   2.947   1.00 50.94 ? 103 LYS A NZ  1 
ATOM   761  N N   . LYS A 1 104 ? 6.036   0.054   -1.502  1.00 41.88 ? 104 LYS A N   1 
ATOM   762  C CA  . LYS A 1 104 ? 5.129   -0.751  -2.303  1.00 39.13 ? 104 LYS A CA  1 
ATOM   763  C C   . LYS A 1 104 ? 4.147   -1.506  -1.419  1.00 38.50 ? 104 LYS A C   1 
ATOM   764  O O   . LYS A 1 104 ? 4.442   -1.835  -0.267  1.00 47.45 ? 104 LYS A O   1 
ATOM   765  C CB  . LYS A 1 104 ? 5.897   -1.753  -3.176  1.00 40.25 ? 104 LYS A CB  1 
ATOM   766  C CG  . LYS A 1 104 ? 7.336   -1.374  -3.442  1.00 41.98 ? 104 LYS A CG  1 
ATOM   767  C CD  . LYS A 1 104 ? 8.067   -2.474  -4.187  1.00 43.71 ? 104 LYS A CD  1 
ATOM   768  C CE  . LYS A 1 104 ? 8.006   -2.259  -5.683  1.00 43.39 ? 104 LYS A CE  1 
ATOM   769  N NZ  . LYS A 1 104 ? 9.178   -2.862  -6.370  1.00 41.27 ? 104 LYS A NZ  1 
ATOM   770  N N   . LEU A 1 105 ? 2.968   -1.769  -1.977  1.00 34.97 ? 105 LEU A N   1 
ATOM   771  C CA  . LEU A 1 105 ? 1.964   -2.615  -1.354  1.00 27.25 ? 105 LEU A CA  1 
ATOM   772  C C   . LEU A 1 105 ? 1.347   -3.497  -2.428  1.00 26.65 ? 105 LEU A C   1 
ATOM   773  O O   . LEU A 1 105 ? 1.319   -3.133  -3.605  1.00 39.00 ? 105 LEU A O   1 
ATOM   774  C CB  . LEU A 1 105 ? 0.880   -1.790  -0.648  1.00 33.22 ? 105 LEU A CB  1 
ATOM   775  C CG  . LEU A 1 105 ? -0.266  -1.247  -1.500  1.00 35.54 ? 105 LEU A CG  1 
ATOM   776  C CD1 . LEU A 1 105 ? -1.477  -0.983  -0.636  1.00 38.03 ? 105 LEU A CD1 1 
ATOM   777  C CD2 . LEU A 1 105 ? 0.160   0.020   -2.217  1.00 36.75 ? 105 LEU A CD2 1 
ATOM   778  N N   . SER A 1 106 ? 0.855   -4.661  -2.019  1.00 31.29 ? 106 SER A N   1 
ATOM   779  C CA  . SER A 1 106 ? 0.357   -5.659  -2.949  1.00 28.92 ? 106 SER A CA  1 
ATOM   780  C C   . SER A 1 106 ? -1.122  -5.930  -2.720  1.00 35.75 ? 106 SER A C   1 
ATOM   781  O O   . SER A 1 106 ? -1.632  -5.809  -1.603  1.00 40.90 ? 106 SER A O   1 
ATOM   782  C CB  . SER A 1 106 ? 1.136   -6.968  -2.837  1.00 32.84 ? 106 SER A CB  1 
ATOM   783  O OG  . SER A 1 106 ? 2.335   -6.908  -3.586  1.00 44.81 ? 106 SER A OG  1 
ATOM   784  N N   . LEU A 1 107 ? -1.800  -6.302  -3.803  1.00 36.38 ? 107 LEU A N   1 
ATOM   785  C CA  . LEU A 1 107 ? -3.220  -6.646  -3.807  1.00 35.40 ? 107 LEU A CA  1 
ATOM   786  C C   . LEU A 1 107 ? -3.349  -7.933  -4.614  1.00 34.22 ? 107 LEU A C   1 
ATOM   787  O O   . LEU A 1 107 ? -3.523  -7.896  -5.835  1.00 42.16 ? 107 LEU A O   1 
ATOM   788  C CB  . LEU A 1 107 ? -4.052  -5.508  -4.393  1.00 33.00 ? 107 LEU A CB  1 
ATOM   789  C CG  . LEU A 1 107 ? -5.578  -5.568  -4.324  1.00 37.81 ? 107 LEU A CG  1 
ATOM   790  C CD1 . LEU A 1 107 ? -6.052  -6.161  -3.012  1.00 45.98 ? 107 LEU A CD1 1 
ATOM   791  C CD2 . LEU A 1 107 ? -6.158  -4.180  -4.523  1.00 36.36 ? 107 LEU A CD2 1 
ATOM   792  N N   . TRP A 1 108 ? -3.257  -9.070  -3.932  1.00 35.72 ? 108 TRP A N   1 
ATOM   793  C CA  . TRP A 1 108 ? -3.261  -10.377 -4.571  1.00 34.11 ? 108 TRP A CA  1 
ATOM   794  C C   . TRP A 1 108 ? -4.550  -11.123 -4.251  1.00 35.68 ? 108 TRP A C   1 
ATOM   795  O O   . TRP A 1 108 ? -5.261  -10.788 -3.299  1.00 41.87 ? 108 TRP A O   1 
ATOM   796  C CB  . TRP A 1 108 ? -2.055  -11.208 -4.129  1.00 34.64 ? 108 TRP A CB  1 
ATOM   797  C CG  . TRP A 1 108 ? -2.123  -11.692 -2.716  1.00 36.43 ? 108 TRP A CG  1 
ATOM   798  C CD1 . TRP A 1 108 ? -2.475  -12.937 -2.298  1.00 36.09 ? 108 TRP A CD1 1 
ATOM   799  C CD2 . TRP A 1 108 ? -1.820  -10.942 -1.535  1.00 33.41 ? 108 TRP A CD2 1 
ATOM   800  N NE1 . TRP A 1 108 ? -2.415  -13.012 -0.930  1.00 39.21 ? 108 TRP A NE1 1 
ATOM   801  C CE2 . TRP A 1 108 ? -2.014  -11.799 -0.438  1.00 30.63 ? 108 TRP A CE2 1 
ATOM   802  C CE3 . TRP A 1 108 ? -1.406  -9.629  -1.299  1.00 30.15 ? 108 TRP A CE3 1 
ATOM   803  C CZ2 . TRP A 1 108 ? -1.809  -11.388 0.874   1.00 39.44 ? 108 TRP A CZ2 1 
ATOM   804  C CZ3 . TRP A 1 108 ? -1.204  -9.224  0.003   1.00 30.98 ? 108 TRP A CZ3 1 
ATOM   805  C CH2 . TRP A 1 108 ? -1.404  -10.099 1.072   1.00 38.43 ? 108 TRP A CH2 1 
ATOM   806  N N   . ALA A 1 109 ? -4.844  -12.139 -5.056  1.00 34.13 ? 109 ALA A N   1 
ATOM   807  C CA  . ALA A 1 109 ? -6.092  -12.879 -4.964  1.00 31.45 ? 109 ALA A CA  1 
ATOM   808  C C   . ALA A 1 109 ? -5.824  -14.371 -4.850  1.00 33.59 ? 109 ALA A C   1 
ATOM   809  O O   . ALA A 1 109 ? -4.905  -14.899 -5.482  1.00 40.37 ? 109 ALA A O   1 
ATOM   810  C CB  . ALA A 1 109 ? -6.982  -12.613 -6.179  1.00 35.11 ? 109 ALA A CB  1 
ATOM   811  N N   . LYS A 1 110 ? -6.632  -15.041 -4.037  1.00 36.61 ? 110 LYS A N   1 
ATOM   812  C CA  . LYS A 1 110 ? -6.607  -16.489 -3.896  1.00 31.52 ? 110 LYS A CA  1 
ATOM   813  C C   . LYS A 1 110 ? -7.944  -17.048 -4.354  1.00 38.04 ? 110 LYS A C   1 
ATOM   814  O O   . LYS A 1 110 ? -9.000  -16.585 -3.913  1.00 45.42 ? 110 LYS A O   1 
ATOM   815  C CB  . LYS A 1 110 ? -6.330  -16.900 -2.450  1.00 36.10 ? 110 LYS A CB  1 
ATOM   816  C CG  . LYS A 1 110 ? -4.938  -16.560 -1.957  1.00 40.85 ? 110 LYS A CG  1 
ATOM   817  C CD  . LYS A 1 110 ? -4.075  -17.802 -1.860  1.00 39.39 ? 110 LYS A CD  1 
ATOM   818  C CE  . LYS A 1 110 ? -2.922  -17.600 -0.894  1.00 40.30 ? 110 LYS A CE  1 
ATOM   819  N NZ  . LYS A 1 110 ? -3.390  -17.491 0.512   1.00 48.88 ? 110 LYS A NZ  1 
ATOM   820  N N   . ARG A 1 111 ? -7.897  -18.043 -5.235  1.00 36.10 ? 111 ARG A N   1 
ATOM   821  C CA  . ARG A 1 111 ? -9.102  -18.650 -5.783  1.00 34.15 ? 111 ARG A CA  1 
ATOM   822  C C   . ARG A 1 111 ? -9.579  -19.741 -4.833  1.00 31.56 ? 111 ARG A C   1 
ATOM   823  O O   . ARG A 1 111 ? -8.906  -20.761 -4.657  1.00 37.81 ? 111 ARG A O   1 
ATOM   824  C CB  . ARG A 1 111 ? -8.835  -19.216 -7.175  1.00 36.90 ? 111 ARG A CB  1 
ATOM   825  C CG  . ARG A 1 111 ? -9.879  -20.208 -7.650  1.00 34.12 ? 111 ARG A CG  1 
ATOM   826  C CD  . ARG A 1 111 ? -9.291  -21.598 -7.795  1.00 32.44 ? 111 ARG A CD  1 
ATOM   827  N NE  . ARG A 1 111 ? -10.320 -22.604 -8.017  1.00 36.14 ? 111 ARG A NE  1 
ATOM   828  C CZ  . ARG A 1 111 ? -10.655 -23.542 -7.141  1.00 37.14 ? 111 ARG A CZ  1 
ATOM   829  N NH1 . ARG A 1 111 ? -10.056 -23.634 -5.966  1.00 35.17 ? 111 ARG A NH1 1 
ATOM   830  N NH2 . ARG A 1 111 ? -11.613 -24.408 -7.452  1.00 37.82 ? 111 ARG A NH2 1 
ATOM   831  N N   . GLN A 1 112 ? -10.733 -19.521 -4.213  1.00 37.88 ? 112 GLN A N   1 
ATOM   832  C CA  . GLN A 1 112 ? -11.373 -20.543 -3.407  1.00 36.62 ? 112 GLN A CA  1 
ATOM   833  C C   . GLN A 1 112 ? -12.333 -21.346 -4.280  1.00 44.50 ? 112 GLN A C   1 
ATOM   834  O O   . GLN A 1 112 ? -12.519 -21.065 -5.467  1.00 45.50 ? 112 GLN A O   1 
ATOM   835  C CB  . GLN A 1 112 ? -12.094 -19.917 -2.215  1.00 34.49 ? 112 GLN A CB  1 
ATOM   836  C CG  . GLN A 1 112 ? -11.292 -18.860 -1.483  1.00 39.21 ? 112 GLN A CG  1 
ATOM   837  C CD  . GLN A 1 112 ? -10.074 -19.427 -0.787  1.00 41.77 ? 112 GLN A CD  1 
ATOM   838  O OE1 . GLN A 1 112 ? -10.192 -20.231 0.136   1.00 44.00 ? 112 GLN A OE1 1 
ATOM   839  N NE2 . GLN A 1 112 ? -8.894  -19.008 -1.224  1.00 44.98 ? 112 GLN A NE2 1 
ATOM   840  N N   . ASN A 1 113 ? -12.958 -22.363 -3.689  1.00 40.50 ? 113 ASN A N   1 
ATOM   841  C CA  . ASN A 1 113 ? -13.859 -23.216 -4.452  1.00 38.07 ? 113 ASN A CA  1 
ATOM   842  C C   . ASN A 1 113 ? -15.175 -22.526 -4.787  1.00 42.58 ? 113 ASN A C   1 
ATOM   843  O O   . ASN A 1 113 ? -15.897 -22.999 -5.669  1.00 47.07 ? 113 ASN A O   1 
ATOM   844  C CB  . ASN A 1 113 ? -14.132 -24.509 -3.687  1.00 40.72 ? 113 ASN A CB  1 
ATOM   845  C CG  . ASN A 1 113 ? -13.134 -25.598 -4.013  1.00 43.73 ? 113 ASN A CG  1 
ATOM   846  O OD1 . ASN A 1 113 ? -12.217 -25.867 -3.239  1.00 45.02 ? 113 ASN A OD1 1 
ATOM   847  N ND2 . ASN A 1 113 ? -13.307 -26.233 -5.164  1.00 46.94 ? 113 ASN A ND2 1 
ATOM   848  N N   . GLY A 1 114 ? -15.503 -21.429 -4.110  1.00 40.24 ? 114 GLY A N   1 
ATOM   849  C CA  . GLY A 1 114 ? -16.764 -20.757 -4.344  1.00 36.51 ? 114 GLY A CA  1 
ATOM   850  C C   . GLY A 1 114 ? -16.641 -19.263 -4.545  1.00 38.76 ? 114 GLY A C   1 
ATOM   851  O O   . GLY A 1 114 ? -17.618 -18.597 -4.898  1.00 48.07 ? 114 GLY A O   1 
ATOM   852  N N   . SER A 1 115 ? -15.447 -18.722 -4.324  1.00 36.58 ? 115 SER A N   1 
ATOM   853  C CA  . SER A 1 115 ? -15.210 -17.296 -4.481  1.00 38.27 ? 115 SER A CA  1 
ATOM   854  C C   . SER A 1 115 ? -13.738 -17.081 -4.801  1.00 38.55 ? 115 SER A C   1 
ATOM   855  O O   . SER A 1 115 ? -12.936 -18.018 -4.802  1.00 45.45 ? 115 SER A O   1 
ATOM   856  C CB  . SER A 1 115 ? -15.625 -16.527 -3.225  1.00 41.74 ? 115 SER A CB  1 
ATOM   857  O OG  . SER A 1 115 ? -15.302 -17.256 -2.054  1.00 46.82 ? 115 SER A OG  1 
ATOM   858  N N   . VAL A 1 116 ? -13.388 -15.832 -5.085  1.00 37.50 ? 116 VAL A N   1 
ATOM   859  C CA  . VAL A 1 116 ? -12.007 -15.426 -5.305  1.00 31.28 ? 116 VAL A CA  1 
ATOM   860  C C   . VAL A 1 116 ? -11.681 -14.405 -4.224  1.00 36.69 ? 116 VAL A C   1 
ATOM   861  O O   . VAL A 1 116 ? -11.998 -13.218 -4.359  1.00 44.20 ? 116 VAL A O   1 
ATOM   862  C CB  . VAL A 1 116 ? -11.782 -14.851 -6.706  1.00 31.89 ? 116 VAL A CB  1 
ATOM   863  C CG1 . VAL A 1 116 ? -10.323 -14.486 -6.897  1.00 37.00 ? 116 VAL A CG1 1 
ATOM   864  C CG2 . VAL A 1 116 ? -12.222 -15.848 -7.761  1.00 37.46 ? 116 VAL A CG2 1 
ATOM   865  N N   . LYS A 1 117 ? -11.054 -14.864 -3.144  1.00 33.42 ? 117 LYS A N   1 
ATOM   866  C CA  . LYS A 1 117 ? -10.718 -13.980 -2.039  1.00 31.03 ? 117 LYS A CA  1 
ATOM   867  C C   . LYS A 1 117 ? -9.605  -13.027 -2.447  1.00 31.38 ? 117 LYS A C   1 
ATOM   868  O O   . LYS A 1 117 ? -8.599  -13.442 -3.028  1.00 43.71 ? 117 LYS A O   1 
ATOM   869  C CB  . LYS A 1 117 ? -10.297 -14.794 -0.818  1.00 36.35 ? 117 LYS A CB  1 
ATOM   870  C CG  . LYS A 1 117 ? -11.428 -15.118 0.134   1.00 37.80 ? 117 LYS A CG  1 
ATOM   871  C CD  . LYS A 1 117 ? -10.995 -16.137 1.169   1.00 36.01 ? 117 LYS A CD  1 
ATOM   872  C CE  . LYS A 1 117 ? -10.618 -15.466 2.474   1.00 35.93 ? 117 LYS A CE  1 
ATOM   873  N NZ  . LYS A 1 117 ? -11.184 -16.184 3.647   1.00 39.78 ? 117 LYS A NZ  1 
ATOM   874  N N   . TRP A 1 118 ? -9.785  -11.747 -2.142  1.00 27.55 ? 118 TRP A N   1 
ATOM   875  C CA  . TRP A 1 118 ? -8.812  -10.714 -2.464  1.00 29.27 ? 118 TRP A CA  1 
ATOM   876  C C   . TRP A 1 118 ? -8.156  -10.226 -1.181  1.00 36.21 ? 118 TRP A C   1 
ATOM   877  O O   . TRP A 1 118 ? -8.847  -9.902  -0.210  1.00 43.48 ? 118 TRP A O   1 
ATOM   878  C CB  . TRP A 1 118 ? -9.472  -9.551  -3.204  1.00 32.93 ? 118 TRP A CB  1 
ATOM   879  C CG  . TRP A 1 118 ? -9.530  -9.749  -4.685  1.00 35.38 ? 118 TRP A CG  1 
ATOM   880  C CD1 . TRP A 1 118 ? -10.604 -10.156 -5.414  1.00 35.45 ? 118 TRP A CD1 1 
ATOM   881  C CD2 . TRP A 1 118 ? -8.464  -9.550  -5.619  1.00 35.14 ? 118 TRP A CD2 1 
ATOM   882  N NE1 . TRP A 1 118 ? -10.277 -10.225 -6.743  1.00 39.77 ? 118 TRP A NE1 1 
ATOM   883  C CE2 . TRP A 1 118 ? -8.968  -9.858  -6.896  1.00 32.93 ? 118 TRP A CE2 1 
ATOM   884  C CE3 . TRP A 1 118 ? -7.135  -9.142  -5.500  1.00 37.02 ? 118 TRP A CE3 1 
ATOM   885  C CZ2 . TRP A 1 118 ? -8.188  -9.769  -8.043  1.00 34.18 ? 118 TRP A CZ2 1 
ATOM   886  C CZ3 . TRP A 1 118 ? -6.364  -9.058  -6.641  1.00 35.94 ? 118 TRP A CZ3 1 
ATOM   887  C CH2 . TRP A 1 118 ? -6.891  -9.368  -7.895  1.00 33.10 ? 118 TRP A CH2 1 
ATOM   888  N N   . PHE A 1 119 ? -6.828  -10.177 -1.180  1.00 36.67 ? 119 PHE A N   1 
ATOM   889  C CA  . PHE A 1 119 ? -6.056  -9.784  -0.012  1.00 29.99 ? 119 PHE A CA  1 
ATOM   890  C C   . PHE A 1 119 ? -5.195  -8.574  -0.342  1.00 37.46 ? 119 PHE A C   1 
ATOM   891  O O   . PHE A 1 119 ? -4.590  -8.503  -1.415  1.00 44.81 ? 119 PHE A O   1 
ATOM   892  C CB  . PHE A 1 119 ? -5.171  -10.930 0.475   1.00 33.46 ? 119 PHE A CB  1 
ATOM   893  C CG  . PHE A 1 119 ? -5.928  -12.171 0.850   1.00 34.36 ? 119 PHE A CG  1 
ATOM   894  C CD1 . PHE A 1 119 ? -6.567  -12.265 2.071   1.00 39.18 ? 119 PHE A CD1 1 
ATOM   895  C CD2 . PHE A 1 119 ? -5.984  -13.249 -0.012  1.00 35.82 ? 119 PHE A CD2 1 
ATOM   896  C CE1 . PHE A 1 119 ? -7.254  -13.405 2.419   1.00 40.03 ? 119 PHE A CE1 1 
ATOM   897  C CE2 . PHE A 1 119 ? -6.669  -14.390 0.331   1.00 38.48 ? 119 PHE A CE2 1 
ATOM   898  C CZ  . PHE A 1 119 ? -7.305  -14.469 1.547   1.00 42.86 ? 119 PHE A CZ  1 
ATOM   899  N N   . CYS A 1 120 ? -5.137  -7.632  0.593   1.00 37.02 ? 120 CYS A N   1 
ATOM   900  C CA  . CYS A 1 120 ? -4.388  -6.396  0.436   1.00 33.61 ? 120 CYS A CA  1 
ATOM   901  C C   . CYS A 1 120 ? -3.421  -6.242  1.598   1.00 38.85 ? 120 CYS A C   1 
ATOM   902  O O   . CYS A 1 120 ? -3.768  -6.532  2.745   1.00 49.11 ? 120 CYS A O   1 
ATOM   903  C CB  . CYS A 1 120 ? -5.332  -5.192  0.368   1.00 37.44 ? 120 CYS A CB  1 
ATOM   904  S SG  . CYS A 1 120 ? -4.562  -3.598  0.674   1.00 55.41 ? 120 CYS A SG  1 
ATOM   905  N N   . GLY A 1 121 ? -2.206  -5.786  1.301   1.00 32.88 ? 121 GLY A N   1 
ATOM   906  C CA  . GLY A 1 121 ? -1.217  -5.601  2.341   1.00 31.78 ? 121 GLY A CA  1 
ATOM   907  C C   . GLY A 1 121 ? 0.200   -5.406  1.846   1.00 32.42 ? 121 GLY A C   1 
ATOM   908  O O   . GLY A 1 121 ? 0.425   -4.806  0.792   1.00 46.41 ? 121 GLY A O   1 
ATOM   909  N N   . GLN A 1 122 ? 1.164   -5.910  2.612   1.00 31.71 ? 122 GLN A N   1 
ATOM   910  C CA  . GLN A 1 122 ? 2.567   -5.771  2.271   1.00 29.17 ? 122 GLN A CA  1 
ATOM   911  C C   . GLN A 1 122 ? 2.881   -6.541  0.991   1.00 34.70 ? 122 GLN A C   1 
ATOM   912  O O   . GLN A 1 122 ? 2.159   -7.473  0.627   1.00 40.05 ? 122 GLN A O   1 
ATOM   913  C CB  . GLN A 1 122 ? 3.436   -6.272  3.420   1.00 36.02 ? 122 GLN A CB  1 
ATOM   914  C CG  . GLN A 1 122 ? 2.960   -5.828  4.789   1.00 33.61 ? 122 GLN A CG  1 
ATOM   915  C CD  . GLN A 1 122 ? 4.085   -5.304  5.651   1.00 34.58 ? 122 GLN A CD  1 
ATOM   916  O OE1 . GLN A 1 122 ? 4.865   -4.457  5.223   1.00 39.36 ? 122 GLN A OE1 1 
ATOM   917  N NE2 . GLN A 1 122 ? 4.176   -5.807  6.874   1.00 39.63 ? 122 GLN A NE2 1 
ATOM   918  N N   . PRO A 1 123 ? 3.943   -6.156  0.281   1.00 35.26 ? 123 PRO A N   1 
ATOM   919  C CA  . PRO A 1 123 ? 4.232   -6.786  -1.012  1.00 31.53 ? 123 PRO A CA  1 
ATOM   920  C C   . PRO A 1 123 ? 4.392   -8.294  -0.903  1.00 40.03 ? 123 PRO A C   1 
ATOM   921  O O   . PRO A 1 123 ? 5.005   -8.811  0.033   1.00 48.33 ? 123 PRO A O   1 
ATOM   922  C CB  . PRO A 1 123 ? 5.538   -6.115  -1.446  1.00 35.15 ? 123 PRO A CB  1 
ATOM   923  C CG  . PRO A 1 123 ? 5.520   -4.809  -0.780  1.00 39.33 ? 123 PRO A CG  1 
ATOM   924  C CD  . PRO A 1 123 ? 4.813   -4.994  0.527   1.00 35.31 ? 123 PRO A CD  1 
ATOM   925  N N   . VAL A 1 124 ? 3.828   -8.998  -1.885  1.00 34.14 ? 124 VAL A N   1 
ATOM   926  C CA  . VAL A 1 124 ? 3.900   -10.448 -1.977  1.00 25.35 ? 124 VAL A CA  1 
ATOM   927  C C   . VAL A 1 124 ? 4.364   -10.817 -3.378  1.00 31.94 ? 124 VAL A C   1 
ATOM   928  O O   . VAL A 1 124 ? 4.295   -10.017 -4.313  1.00 40.14 ? 124 VAL A O   1 
ATOM   929  C CB  . VAL A 1 124 ? 2.555   -11.131 -1.660  1.00 32.27 ? 124 VAL A CB  1 
ATOM   930  C CG1 . VAL A 1 124 ? 2.034   -10.683 -0.308  1.00 36.89 ? 124 VAL A CG1 1 
ATOM   931  C CG2 . VAL A 1 124 ? 1.544   -10.841 -2.751  1.00 39.40 ? 124 VAL A CG2 1 
ATOM   932  N N   . THR A 1 125 ? 4.851   -12.047 -3.514  1.00 34.75 ? 125 THR A N   1 
ATOM   933  C CA  . THR A 1 125 ? 5.394   -12.540 -4.770  1.00 31.18 ? 125 THR A CA  1 
ATOM   934  C C   . THR A 1 125 ? 4.831   -13.921 -5.060  1.00 38.19 ? 125 THR A C   1 
ATOM   935  O O   . THR A 1 125 ? 4.874   -14.805 -4.198  1.00 48.82 ? 125 THR A O   1 
ATOM   936  C CB  . THR A 1 125 ? 6.926   -12.592 -4.723  1.00 38.39 ? 125 THR A CB  1 
ATOM   937  O OG1 . THR A 1 125 ? 7.454   -11.265 -4.839  1.00 47.20 ? 125 THR A OG1 1 
ATOM   938  C CG2 . THR A 1 125 ? 7.474   -13.446 -5.854  1.00 38.36 ? 125 THR A CG2 1 
ATOM   939  N N   . ARG A 1 126 ? 4.305   -14.104 -6.267  1.00 32.05 ? 126 ARG A N   1 
ATOM   940  C CA  . ARG A 1 126 ? 3.851   -15.404 -6.744  1.00 31.71 ? 126 ARG A CA  1 
ATOM   941  C C   . ARG A 1 126 ? 4.879   -15.939 -7.733  1.00 33.98 ? 126 ARG A C   1 
ATOM   942  O O   . ARG A 1 126 ? 5.201   -15.269 -8.719  1.00 42.55 ? 126 ARG A O   1 
ATOM   943  C CB  . ARG A 1 126 ? 2.474   -15.296 -7.394  1.00 34.95 ? 126 ARG A CB  1 
ATOM   944  C CG  . ARG A 1 126 ? 1.749   -16.617 -7.536  1.00 35.52 ? 126 ARG A CG  1 
ATOM   945  C CD  . ARG A 1 126 ? 0.341   -16.418 -8.056  1.00 32.03 ? 126 ARG A CD  1 
ATOM   946  N NE  . ARG A 1 126 ? -0.622  -16.266 -6.974  1.00 19.92 ? 126 ARG A NE  1 
ATOM   947  C CZ  . ARG A 1 126 ? -1.579  -15.351 -6.946  1.00 28.45 ? 126 ARG A CZ  1 
ATOM   948  N NH1 . ARG A 1 126 ? -1.729  -14.478 -7.927  1.00 37.76 ? 126 ARG A NH1 1 
ATOM   949  N NH2 . ARG A 1 126 ? -2.405  -15.310 -5.906  1.00 34.73 ? 126 ARG A NH2 1 
ATOM   950  N N   . THR A 1 127 ? 5.392   -17.142 -7.465  1.00 36.22 ? 127 THR A N   1 
ATOM   951  C CA  . THR A 1 127 ? 6.501   -17.669 -8.256  1.00 34.73 ? 127 THR A CA  1 
ATOM   952  C C   . THR A 1 127 ? 6.081   -17.944 -9.695  1.00 37.59 ? 127 THR A C   1 
ATOM   953  O O   . THR A 1 127 ? 6.747   -17.505 -10.640 1.00 44.54 ? 127 THR A O   1 
ATOM   954  C CB  . THR A 1 127 ? 7.049   -18.939 -7.608  1.00 39.31 ? 127 THR A CB  1 
ATOM   955  O OG1 . THR A 1 127 ? 5.980   -19.657 -6.982  1.00 46.38 ? 127 THR A OG1 1 
ATOM   956  C CG2 . THR A 1 127 ? 8.097   -18.591 -6.566  1.00 40.51 ? 127 THR A CG2 1 
ATOM   957  N N   . THR A 1 128 ? 4.984   -18.668 -9.882  1.00 34.98 ? 128 THR A N   1 
ATOM   958  C CA  . THR A 1 128 ? 4.507   -19.050 -11.202 1.00 33.38 ? 128 THR A CA  1 
ATOM   959  C C   . THR A 1 128 ? 3.076   -18.568 -11.395 1.00 34.48 ? 128 THR A C   1 
ATOM   960  O O   . THR A 1 128 ? 2.365   -18.260 -10.435 1.00 39.57 ? 128 THR A O   1 
ATOM   961  C CB  . THR A 1 128 ? 4.574   -20.569 -11.408 1.00 36.56 ? 128 THR A CB  1 
ATOM   962  O OG1 . THR A 1 128 ? 3.375   -21.175 -10.910 1.00 39.79 ? 128 THR A OG1 1 
ATOM   963  C CG2 . THR A 1 128 ? 5.771   -21.161 -10.683 1.00 39.09 ? 128 THR A CG2 1 
ATOM   964  N N   . ALA A 1 129 ? 2.661   -18.502 -12.661 1.00 31.36 ? 129 ALA A N   1 
ATOM   965  C CA  . ALA A 1 129 ? 1.310   -18.050 -12.975 1.00 34.19 ? 129 ALA A CA  1 
ATOM   966  C C   . ALA A 1 129 ? 0.255   -19.014 -12.453 1.00 37.39 ? 129 ALA A C   1 
ATOM   967  O O   . ALA A 1 129 ? -0.866  -18.595 -12.143 1.00 46.54 ? 129 ALA A O   1 
ATOM   968  C CB  . ALA A 1 129 ? 1.157   -17.864 -14.484 1.00 36.12 ? 129 ALA A CB  1 
ATOM   969  N N   . THR A 1 130 ? 0.586   -20.297 -12.351 1.00 36.73 ? 130 THR A N   1 
ATOM   970  C CA  . THR A 1 130 ? -0.341  -21.308 -11.864 1.00 31.29 ? 130 THR A CA  1 
ATOM   971  C C   . THR A 1 130 ? -0.257  -21.517 -10.358 1.00 34.11 ? 130 THR A C   1 
ATOM   972  O O   . THR A 1 130 ? -1.033  -22.306 -9.814  1.00 39.70 ? 130 THR A O   1 
ATOM   973  C CB  . THR A 1 130 ? -0.087  -22.639 -12.576 1.00 35.86 ? 130 THR A CB  1 
ATOM   974  O OG1 . THR A 1 130 ? 1.296   -22.992 -12.452 1.00 39.98 ? 130 THR A OG1 1 
ATOM   975  C CG2 . THR A 1 130 ? -0.442  -22.528 -14.048 1.00 40.73 ? 130 THR A CG2 1 
ATOM   976  N N   . ALA A 1 131 ? 0.659   -20.834 -9.678  1.00 34.99 ? 131 ALA A N   1 
ATOM   977  C CA  . ALA A 1 131 ? 0.826   -21.029 -8.246  1.00 33.59 ? 131 ALA A CA  1 
ATOM   978  C C   . ALA A 1 131 ? -0.370  -20.477 -7.483  1.00 40.29 ? 131 ALA A C   1 
ATOM   979  O O   . ALA A 1 131 ? -0.913  -19.422 -7.822  1.00 48.64 ? 131 ALA A O   1 
ATOM   980  C CB  . ALA A 1 131 ? 2.111   -20.357 -7.765  1.00 39.96 ? 131 ALA A CB  1 
ATOM   981  N N   . THR A 1 132 ? -0.783  -21.201 -6.447  1.00 48.49 ? 132 THR A N   1 
ATOM   982  C CA  . THR A 1 132 ? -1.890  -20.794 -5.596  1.00 42.28 ? 132 THR A CA  1 
ATOM   983  C C   . THR A 1 132 ? -1.424  -20.205 -4.273  1.00 42.60 ? 132 THR A C   1 
ATOM   984  O O   . THR A 1 132 ? -2.253  -19.936 -3.400  1.00 51.72 ? 132 THR A O   1 
ATOM   985  C CB  . THR A 1 132 ? -2.819  -21.979 -5.334  1.00 48.43 ? 132 THR A CB  1 
ATOM   986  O OG1 . THR A 1 132 ? -3.791  -21.616 -4.345  1.00 53.82 ? 132 THR A OG1 1 
ATOM   987  C CG2 . THR A 1 132 ? -2.027  -23.175 -4.838  1.00 45.71 ? 132 THR A CG2 1 
ATOM   988  N N   . ASP A 1 133 ? -0.121  -20.003 -4.104  1.00 43.19 ? 133 ASP A N   1 
ATOM   989  C CA  . ASP A 1 133 ? 0.435   -19.487 -2.865  1.00 42.08 ? 133 ASP A CA  1 
ATOM   990  C C   . ASP A 1 133 ? 1.314   -18.282 -3.162  1.00 48.66 ? 133 ASP A C   1 
ATOM   991  O O   . ASP A 1 133 ? 1.890   -18.164 -4.247  1.00 54.38 ? 133 ASP A O   1 
ATOM   992  C CB  . ASP A 1 133 ? 1.250   -20.556 -2.127  1.00 46.77 ? 133 ASP A CB  1 
ATOM   993  C CG  . ASP A 1 133 ? 0.376   -21.526 -1.359  1.00 54.34 ? 133 ASP A CG  1 
ATOM   994  O OD1 . ASP A 1 133 ? -0.842  -21.276 -1.251  1.00 55.13 ? 133 ASP A OD1 1 
ATOM   995  O OD2 . ASP A 1 133 ? 0.908   -22.540 -0.861  1.00 55.15 ? 133 ASP A OD2 1 
ATOM   996  N N   . VAL A 1 134 ? 1.410   -17.385 -2.182  1.00 43.51 ? 134 VAL A N   1 
ATOM   997  C CA  . VAL A 1 134 ? 2.220   -16.184 -2.295  1.00 36.31 ? 134 VAL A CA  1 
ATOM   998  C C   . VAL A 1 134 ? 3.174   -16.129 -1.109  1.00 43.62 ? 134 VAL A C   1 
ATOM   999  O O   . VAL A 1 134 ? 2.946   -16.747 -0.067  1.00 50.75 ? 134 VAL A O   1 
ATOM   1000 C CB  . VAL A 1 134 ? 1.365   -14.902 -2.357  1.00 39.80 ? 134 VAL A CB  1 
ATOM   1001 C CG1 . VAL A 1 134 ? 0.538   -14.879 -3.627  1.00 42.74 ? 134 VAL A CG1 1 
ATOM   1002 C CG2 . VAL A 1 134 ? 0.475   -14.801 -1.134  1.00 44.13 ? 134 VAL A CG2 1 
ATOM   1003 N N   . ALA A 1 135 ? 4.255   -15.378 -1.286  1.00 41.54 ? 135 ALA A N   1 
ATOM   1004 C CA  . ALA A 1 135 ? 5.266   -15.217 -0.256  1.00 37.44 ? 135 ALA A CA  1 
ATOM   1005 C C   . ALA A 1 135 ? 5.707   -13.763 -0.221  1.00 42.22 ? 135 ALA A C   1 
ATOM   1006 O O   . ALA A 1 135 ? 5.505   -13.012 -1.177  1.00 50.95 ? 135 ALA A O   1 
ATOM   1007 C CB  . ALA A 1 135 ? 6.472   -16.133 -0.496  1.00 39.77 ? 135 ALA A CB  1 
ATOM   1008 N N   . ALA A 1 136 ? 6.314   -13.374 0.896   1.00 47.19 ? 136 ALA A N   1 
ATOM   1009 C CA  . ALA A 1 136 ? 6.814   -12.014 1.038   1.00 43.57 ? 136 ALA A CA  1 
ATOM   1010 C C   . ALA A 1 136 ? 7.828   -11.712 -0.054  1.00 50.32 ? 136 ALA A C   1 
ATOM   1011 O O   . ALA A 1 136 ? 8.577   -12.593 -0.488  1.00 59.31 ? 136 ALA A O   1 
ATOM   1012 C CB  . ALA A 1 136 ? 7.443   -11.821 2.417   1.00 48.96 ? 136 ALA A CB  1 
ATOM   1013 N N   . ALA A 1 137 ? 7.843   -10.459 -0.508  1.00 49.81 ? 137 ALA A N   1 
ATOM   1014 C CA  . ALA A 1 137 ? 8.614   -10.085 -1.684  1.00 55.70 ? 137 ALA A CA  1 
ATOM   1015 C C   . ALA A 1 137 ? 10.099  -10.379 -1.514  1.00 65.10 ? 137 ALA A C   1 
ATOM   1016 O O   . ALA A 1 137 ? 10.636  -11.270 -2.182  1.00 66.48 ? 137 ALA A O   1 
ATOM   1017 C CB  . ALA A 1 137 ? 8.406   -8.603  -2.001  1.00 55.27 ? 137 ALA A CB  1 
ATOM   1018 N N   . ASN A 1 138 ? 10.760  -9.658  -0.611  1.00 79.94 ? 138 ASN A N   1 
ATOM   1019 C CA  . ASN A 1 138 ? 12.181  -9.833  -0.332  1.00 79.19 ? 138 ASN A CA  1 
ATOM   1020 C C   . ASN A 1 138 ? 12.563  -8.882  0.791   1.00 83.23 ? 138 ASN A C   1 
ATOM   1021 O O   . ASN A 1 138 ? 11.864  -7.899  1.056   1.00 83.96 ? 138 ASN A O   1 
ATOM   1022 C CB  . ASN A 1 138 ? 13.058  -9.562  -1.562  1.00 78.73 ? 138 ASN A CB  1 
ATOM   1023 C CG  . ASN A 1 138 ? 12.594  -8.354  -2.356  1.00 82.51 ? 138 ASN A CG  1 
ATOM   1024 O OD1 . ASN A 1 138 ? 12.964  -7.220  -2.054  1.00 81.88 ? 138 ASN A OD1 1 
ATOM   1025 N ND2 . ASN A 1 138 ? 11.790  -8.594  -3.386  1.00 82.62 ? 138 ASN A ND2 1 
ATOM   1026 N N   . GLY A 1 139 ? 13.678  -9.185  1.449   1.00 93.11 ? 139 GLY A N   1 
ATOM   1027 C CA  . GLY A 1 139 ? 14.236  -8.257  2.410   1.00 92.47 ? 139 GLY A CA  1 
ATOM   1028 C C   . GLY A 1 139 ? 14.827  -7.050  1.714   1.00 93.09 ? 139 GLY A C   1 
ATOM   1029 O O   . GLY A 1 139 ? 14.272  -5.950  1.792   1.00 92.60 ? 139 GLY A O   1 
ATOM   1030 N N   . LYS A 1 140 ? 15.943  -7.262  1.009   1.00 91.28 ? 140 LYS A N   1 
ATOM   1031 C CA  . LYS A 1 140 ? 16.591  -6.266  0.158   1.00 91.06 ? 140 LYS A CA  1 
ATOM   1032 C C   . LYS A 1 140 ? 16.682  -4.917  0.867   1.00 93.52 ? 140 LYS A C   1 
ATOM   1033 O O   . LYS A 1 140 ? 17.551  -4.729  1.725   1.00 92.25 ? 140 LYS A O   1 
ATOM   1034 C CB  . LYS A 1 140 ? 15.856  -6.179  -1.183  1.00 90.09 ? 140 LYS A CB  1 
ATOM   1035 C CG  . LYS A 1 140 ? 16.624  -5.479  -2.301  1.00 90.84 ? 140 LYS A CG  1 
ATOM   1036 C CD  . LYS A 1 140 ? 16.018  -4.145  -2.685  1.00 91.57 ? 140 LYS A CD  1 
ATOM   1037 C CE  . LYS A 1 140 ? 14.506  -4.255  -2.827  1.00 91.03 ? 140 LYS A CE  1 
ATOM   1038 N NZ  . LYS A 1 140 ? 13.873  -2.958  -3.189  1.00 90.99 ? 140 LYS A NZ  1 
ATOM   1039 N N   . THR A 1 141 ? 15.805  -3.973  0.531   1.00 89.19 ? 141 THR A N   1 
ATOM   1040 C CA  . THR A 1 141 ? 15.716  -2.723  1.271   1.00 89.80 ? 141 THR A CA  1 
ATOM   1041 C C   . THR A 1 141 ? 14.277  -2.506  1.738   1.00 86.78 ? 141 THR A C   1 
ATOM   1042 O O   . THR A 1 141 ? 13.405  -3.365  1.566   1.00 84.48 ? 141 THR A O   1 
ATOM   1043 C CB  . THR A 1 141 ? 16.214  -1.546  0.428   1.00 89.54 ? 141 THR A CB  1 
ATOM   1044 O OG1 . THR A 1 141 ? 16.206  -0.356  1.226   1.00 88.70 ? 141 THR A OG1 1 
ATOM   1045 C CG2 . THR A 1 141 ? 15.304  -1.320  -0.760  1.00 85.83 ? 141 THR A CG2 1 
ATOM   1046 N N   . ASP A 1 142 ? 14.027  -1.339  2.332   1.00 81.66 ? 142 ASP A N   1 
ATOM   1047 C CA  . ASP A 1 142 ? 12.717  -1.021  2.898   1.00 80.48 ? 142 ASP A CA  1 
ATOM   1048 C C   . ASP A 1 142 ? 11.773  -0.558  1.787   1.00 78.96 ? 142 ASP A C   1 
ATOM   1049 O O   . ASP A 1 142 ? 11.436  0.619   1.648   1.00 79.44 ? 142 ASP A O   1 
ATOM   1050 C CB  . ASP A 1 142 ? 12.852  0.029   3.992   1.00 80.49 ? 142 ASP A CB  1 
ATOM   1051 C CG  . ASP A 1 142 ? 13.871  1.099   3.652   1.00 81.45 ? 142 ASP A CG  1 
ATOM   1052 O OD1 . ASP A 1 142 ? 14.394  1.084   2.517   1.00 83.25 ? 142 ASP A OD1 1 
ATOM   1053 O OD2 . ASP A 1 142 ? 14.148  1.955   4.517   1.00 80.26 ? 142 ASP A OD2 1 
ATOM   1054 N N   . ASP A 1 143 ? 11.345  -1.525  0.979   1.00 59.62 ? 143 ASP A N   1 
ATOM   1055 C CA  . ASP A 1 143 ? 10.316  -1.306  -0.026  1.00 56.49 ? 143 ASP A CA  1 
ATOM   1056 C C   . ASP A 1 143 ? 8.933   -1.710  0.459   1.00 55.04 ? 143 ASP A C   1 
ATOM   1057 O O   . ASP A 1 143 ? 7.976   -1.656  -0.317  1.00 60.11 ? 143 ASP A O   1 
ATOM   1058 C CB  . ASP A 1 143 ? 10.653  -2.069  -1.309  1.00 63.00 ? 143 ASP A CB  1 
ATOM   1059 C CG  . ASP A 1 143 ? 11.358  -1.203  -2.332  1.00 68.19 ? 143 ASP A CG  1 
ATOM   1060 O OD1 . ASP A 1 143 ? 11.485  0.016   -2.094  1.00 66.85 ? 143 ASP A OD1 1 
ATOM   1061 O OD2 . ASP A 1 143 ? 11.784  -1.741  -3.376  1.00 66.62 ? 143 ASP A OD2 1 
ATOM   1062 N N   . LYS A 1 144 ? 8.808   -2.107  1.720   1.00 43.30 ? 144 LYS A N   1 
ATOM   1063 C CA  . LYS A 1 144 ? 7.547   -2.553  2.290   1.00 38.49 ? 144 LYS A CA  1 
ATOM   1064 C C   . LYS A 1 144 ? 6.866   -1.391  2.995   1.00 44.63 ? 144 LYS A C   1 
ATOM   1065 O O   . LYS A 1 144 ? 7.487   -0.709  3.815   1.00 54.13 ? 144 LYS A O   1 
ATOM   1066 C CB  . LYS A 1 144 ? 7.777   -3.697  3.278   1.00 41.92 ? 144 LYS A CB  1 
ATOM   1067 C CG  . LYS A 1 144 ? 7.718   -5.080  2.668   1.00 46.39 ? 144 LYS A CG  1 
ATOM   1068 C CD  . LYS A 1 144 ? 8.619   -6.052  3.415   1.00 49.08 ? 144 LYS A CD  1 
ATOM   1069 C CE  . LYS A 1 144 ? 8.553   -5.835  4.919   1.00 48.38 ? 144 LYS A CE  1 
ATOM   1070 N NZ  . LYS A 1 144 ? 7.214   -6.178  5.474   1.00 49.92 ? 144 LYS A NZ  1 
ATOM   1071 N N   . ILE A 1 145 ? 5.591   -1.172  2.679   1.00 34.20 ? 145 ILE A N   1 
ATOM   1072 C CA  . ILE A 1 145 ? 4.816   -0.179  3.408   1.00 36.72 ? 145 ILE A CA  1 
ATOM   1073 C C   . ILE A 1 145 ? 4.605   -0.670  4.830   1.00 45.34 ? 145 ILE A C   1 
ATOM   1074 O O   . ILE A 1 145 ? 4.121   -1.788  5.052   1.00 54.80 ? 145 ILE A O   1 
ATOM   1075 C CB  . ILE A 1 145 ? 3.477   0.087   2.707   1.00 36.14 ? 145 ILE A CB  1 
ATOM   1076 C CG1 . ILE A 1 145 ? 3.692   0.847   1.402   1.00 43.52 ? 145 ILE A CG1 1 
ATOM   1077 C CG2 . ILE A 1 145 ? 2.551   0.873   3.616   1.00 41.49 ? 145 ILE A CG2 1 
ATOM   1078 C CD1 . ILE A 1 145 ? 2.422   1.392   0.796   1.00 45.80 ? 145 ILE A CD1 1 
ATOM   1079 N N   . ASN A 1 146 ? 4.974   0.159   5.802   1.00 40.66 ? 146 ASN A N   1 
ATOM   1080 C CA  . ASN A 1 146 ? 4.791   -0.213  7.197   1.00 34.04 ? 146 ASN A CA  1 
ATOM   1081 C C   . ASN A 1 146 ? 3.311   -0.394  7.499   1.00 40.88 ? 146 ASN A C   1 
ATOM   1082 O O   . ASN A 1 146 ? 2.457   0.313   6.956   1.00 45.45 ? 146 ASN A O   1 
ATOM   1083 C CB  . ASN A 1 146 ? 5.400   0.848   8.111   1.00 40.48 ? 146 ASN A CB  1 
ATOM   1084 C CG  . ASN A 1 146 ? 5.924   0.269   9.406   1.00 47.62 ? 146 ASN A CG  1 
ATOM   1085 O OD1 . ASN A 1 146 ? 5.376   -0.695  9.936   1.00 49.42 ? 146 ASN A OD1 1 
ATOM   1086 N ND2 . ASN A 1 146 ? 6.997   0.855   9.923   1.00 48.18 ? 146 ASN A ND2 1 
ATOM   1087 N N   . THR A 1 147 ? 3.008   -1.355  8.369   1.00 41.76 ? 147 THR A N   1 
ATOM   1088 C CA  . THR A 1 147 ? 1.628   -1.718  8.662   1.00 40.67 ? 147 THR A CA  1 
ATOM   1089 C C   . THR A 1 147 ? 0.878   -0.572  9.326   1.00 44.97 ? 147 THR A C   1 
ATOM   1090 O O   . THR A 1 147 ? -0.356  -0.532  9.294   1.00 49.55 ? 147 THR A O   1 
ATOM   1091 C CB  . THR A 1 147 ? 1.577   -2.964  9.545   1.00 44.37 ? 147 THR A CB  1 
ATOM   1092 O OG1 . THR A 1 147 ? 2.781   -3.055  10.315  1.00 48.84 ? 147 THR A OG1 1 
ATOM   1093 C CG2 . THR A 1 147 ? 1.431   -4.208  8.691   1.00 42.60 ? 147 THR A CG2 1 
ATOM   1094 N N   . LYS A 1 148 ? 1.606   0.363   9.932   1.00 40.00 ? 148 LYS A N   1 
ATOM   1095 C CA  . LYS A 1 148 ? 0.997   1.545   10.517  1.00 43.15 ? 148 LYS A CA  1 
ATOM   1096 C C   . LYS A 1 148 ? 0.672   2.618   9.490   1.00 49.31 ? 148 LYS A C   1 
ATOM   1097 O O   . LYS A 1 148 ? 0.006   3.600   9.834   1.00 55.41 ? 148 LYS A O   1 
ATOM   1098 C CB  . LYS A 1 148 ? 1.903   2.132   11.610  1.00 42.58 ? 148 LYS A CB  1 
ATOM   1099 C CG  . LYS A 1 148 ? 3.301   2.487   11.152  1.00 39.92 ? 148 LYS A CG  1 
ATOM   1100 C CD  . LYS A 1 148 ? 4.079   3.150   12.274  1.00 42.45 ? 148 LYS A CD  1 
ATOM   1101 C CE  . LYS A 1 148 ? 5.389   3.730   11.776  1.00 46.77 ? 148 LYS A CE  1 
ATOM   1102 N NZ  . LYS A 1 148 ? 6.046   4.577   12.808  1.00 47.58 ? 148 LYS A NZ  1 
ATOM   1103 N N   . HIS A 1 149 ? 1.119   2.458   8.244   1.00 44.65 ? 149 HIS A N   1 
ATOM   1104 C CA  . HIS A 1 149 ? 0.754   3.348   7.149   1.00 40.47 ? 149 HIS A CA  1 
ATOM   1105 C C   . HIS A 1 149 ? -0.242  2.696   6.200   1.00 42.76 ? 149 HIS A C   1 
ATOM   1106 O O   . HIS A 1 149 ? -0.395  3.142   5.060   1.00 49.57 ? 149 HIS A O   1 
ATOM   1107 C CB  . HIS A 1 149 ? 2.001   3.797   6.390   1.00 42.09 ? 149 HIS A CB  1 
ATOM   1108 C CG  . HIS A 1 149 ? 3.076   4.346   7.272   1.00 37.91 ? 149 HIS A CG  1 
ATOM   1109 N ND1 . HIS A 1 149 ? 4.370   3.878   7.246   1.00 43.22 ? 149 HIS A ND1 1 
ATOM   1110 C CD2 . HIS A 1 149 ? 3.046   5.318   8.211   1.00 40.51 ? 149 HIS A CD2 1 
ATOM   1111 C CE1 . HIS A 1 149 ? 5.094   4.541   8.131   1.00 47.87 ? 149 HIS A CE1 1 
ATOM   1112 N NE2 . HIS A 1 149 ? 4.314   5.421   8.730   1.00 49.04 ? 149 HIS A NE2 1 
ATOM   1113 N N   . LEU A 1 150 ? -0.919  1.648   6.653   1.00 36.89 ? 150 LEU A N   1 
ATOM   1114 C CA  . LEU A 1 150 ? -1.927  0.931   5.894   1.00 37.20 ? 150 LEU A CA  1 
ATOM   1115 C C   . LEU A 1 150 ? -3.209  0.858   6.704   1.00 42.70 ? 150 LEU A C   1 
ATOM   1116 O O   . LEU A 1 150 ? -3.168  0.854   7.938   1.00 45.69 ? 150 LEU A O   1 
ATOM   1117 C CB  . LEU A 1 150 ? -1.460  -0.492  5.556   1.00 34.47 ? 150 LEU A CB  1 
ATOM   1118 C CG  . LEU A 1 150 ? -0.720  -0.723  4.242   1.00 36.00 ? 150 LEU A CG  1 
ATOM   1119 C CD1 . LEU A 1 150 ? 0.049   -2.025  4.305   1.00 36.60 ? 150 LEU A CD1 1 
ATOM   1120 C CD2 . LEU A 1 150 ? -1.688  -0.732  3.077   1.00 44.24 ? 150 LEU A CD2 1 
ATOM   1121 N N   . PRO A 1 151 ? -4.363  0.809   6.040   1.00 35.78 ? 151 PRO A N   1 
ATOM   1122 C CA  . PRO A 1 151 ? -5.614  0.598   6.772   1.00 34.56 ? 151 PRO A CA  1 
ATOM   1123 C C   . PRO A 1 151 ? -5.608  -0.757  7.456   1.00 41.89 ? 151 PRO A C   1 
ATOM   1124 O O   . PRO A 1 151 ? -4.974  -1.708  6.994   1.00 50.15 ? 151 PRO A O   1 
ATOM   1125 C CB  . PRO A 1 151 ? -6.686  0.674   5.680   1.00 39.45 ? 151 PRO A CB  1 
ATOM   1126 C CG  . PRO A 1 151 ? -6.038  1.396   4.554   1.00 41.80 ? 151 PRO A CG  1 
ATOM   1127 C CD  . PRO A 1 151 ? -4.594  1.024   4.604   1.00 42.57 ? 151 PRO A CD  1 
ATOM   1128 N N   . SER A 1 152 ? -6.320  -0.836  8.582   1.00 36.50 ? 152 SER A N   1 
ATOM   1129 C CA  . SER A 1 152 ? -6.393  -2.095  9.316   1.00 35.94 ? 152 SER A CA  1 
ATOM   1130 C C   . SER A 1 152 ? -6.999  -3.201  8.466   1.00 43.47 ? 152 SER A C   1 
ATOM   1131 O O   . SER A 1 152 ? -6.704  -4.382  8.679   1.00 48.16 ? 152 SER A O   1 
ATOM   1132 C CB  . SER A 1 152 ? -7.198  -1.911  10.601  1.00 39.71 ? 152 SER A CB  1 
ATOM   1133 O OG  . SER A 1 152 ? -7.690  -3.152  11.073  1.00 46.65 ? 152 SER A OG  1 
ATOM   1134 N N   . THR A 1 153 ? -7.840  -2.841  7.499   1.00 41.09 ? 153 THR A N   1 
ATOM   1135 C CA  . THR A 1 153 ? -8.410  -3.807  6.574   1.00 34.38 ? 153 THR A CA  1 
ATOM   1136 C C   . THR A 1 153 ? -7.444  -4.206  5.468   1.00 41.02 ? 153 THR A C   1 
ATOM   1137 O O   . THR A 1 153 ? -7.752  -5.124  4.702   1.00 43.51 ? 153 THR A O   1 
ATOM   1138 C CB  . THR A 1 153 ? -9.689  -3.240  5.955   1.00 39.43 ? 153 THR A CB  1 
ATOM   1139 O OG1 . THR A 1 153 ? -9.378  -2.051  5.219   1.00 45.78 ? 153 THR A OG1 1 
ATOM   1140 C CG2 . THR A 1 153 ? -10.699 -2.906  7.037   1.00 37.55 ? 153 THR A CG2 1 
ATOM   1141 N N   . CYS A 1 154 ? -6.292  -3.550  5.371   1.00 43.55 ? 154 CYS A N   1 
ATOM   1142 C CA  . CYS A 1 154 ? -5.310  -3.795  4.322   1.00 37.93 ? 154 CYS A CA  1 
ATOM   1143 C C   . CYS A 1 154 ? -3.975  -4.232  4.913   1.00 41.52 ? 154 CYS A C   1 
ATOM   1144 O O   . CYS A 1 154 ? -2.910  -3.779  4.490   1.00 49.70 ? 154 CYS A O   1 
ATOM   1145 C CB  . CYS A 1 154 ? -5.127  -2.554  3.454   1.00 40.09 ? 154 CYS A CB  1 
ATOM   1146 S SG  . CYS A 1 154 ? -5.917  -2.633  1.836   1.00 65.05 ? 154 CYS A SG  1 
ATOM   1147 N N   . ARG A 1 155 ? -4.018  -5.122  5.903   1.00 40.62 ? 155 ARG A N   1 
ATOM   1148 C CA  . ARG A 1 155 ? -2.817  -5.612  6.568   1.00 37.78 ? 155 ARG A CA  1 
ATOM   1149 C C   . ARG A 1 155 ? -2.719  -7.129  6.482   1.00 43.22 ? 155 ARG A C   1 
ATOM   1150 O O   . ARG A 1 155 ? -2.230  -7.777  7.409   1.00 48.33 ? 155 ARG A O   1 
ATOM   1151 C CB  . ARG A 1 155 ? -2.776  -5.161  8.027   1.00 40.72 ? 155 ARG A CB  1 
ATOM   1152 C CG  . ARG A 1 155 ? -2.378  -3.716  8.223   1.00 38.57 ? 155 ARG A CG  1 
ATOM   1153 C CD  . ARG A 1 155 ? -2.523  -3.313  9.675   1.00 38.00 ? 155 ARG A CD  1 
ATOM   1154 N NE  . ARG A 1 155 ? -2.940  -1.925  9.816   1.00 39.52 ? 155 ARG A NE  1 
ATOM   1155 C CZ  . ARG A 1 155 ? -3.000  -1.277  10.971  1.00 44.64 ? 155 ARG A CZ  1 
ATOM   1156 N NH1 . ARG A 1 155 ? -2.682  -1.869  12.109  1.00 45.14 ? 155 ARG A NH1 1 
ATOM   1157 N NH2 . ARG A 1 155 ? -3.391  -0.007  10.983  1.00 51.88 ? 155 ARG A NH2 1 
ATOM   1158 N N   . ASP A 1 156 ? -3.182  -7.706  5.379   1.00 44.56 ? 156 ASP A N   1 
ATOM   1159 C CA  . ASP A 1 156 ? -3.163  -9.153  5.229   1.00 38.59 ? 156 ASP A CA  1 
ATOM   1160 C C   . ASP A 1 156 ? -1.739  -9.660  5.052   1.00 43.30 ? 156 ASP A C   1 
ATOM   1161 O O   . ASP A 1 156 ? -0.894  -8.995  4.446   1.00 48.51 ? 156 ASP A O   1 
ATOM   1162 C CB  . ASP A 1 156 ? -4.023  -9.573  4.040   1.00 43.07 ? 156 ASP A CB  1 
ATOM   1163 C CG  . ASP A 1 156 ? -5.477  -9.188  4.210   1.00 46.91 ? 156 ASP A CG  1 
ATOM   1164 O OD1 . ASP A 1 156 ? -5.861  -8.792  5.328   1.00 50.75 ? 156 ASP A OD1 1 
ATOM   1165 O OD2 . ASP A 1 156 ? -6.238  -9.285  3.226   1.00 46.25 ? 156 ASP A OD2 1 
ATOM   1166 N N   . ASP A 1 157 ? -1.476  -10.845 5.589   1.00 47.66 ? 157 ASP A N   1 
ATOM   1167 C CA  . ASP A 1 157 ? -0.160  -11.456 5.521   1.00 44.56 ? 157 ASP A CA  1 
ATOM   1168 C C   . ASP A 1 157 ? -0.046  -12.343 4.284   1.00 49.60 ? 157 ASP A C   1 
ATOM   1169 O O   . ASP A 1 157 ? -1.033  -12.659 3.617   1.00 55.63 ? 157 ASP A O   1 
ATOM   1170 C CB  . ASP A 1 157 ? 0.116   -12.265 6.787   1.00 46.45 ? 157 ASP A CB  1 
ATOM   1171 C CG  . ASP A 1 157 ? 1.589   -12.332 7.126   1.00 57.37 ? 157 ASP A CG  1 
ATOM   1172 O OD1 . ASP A 1 157 ? 2.307   -11.345 6.861   1.00 59.63 ? 157 ASP A OD1 1 
ATOM   1173 O OD2 . ASP A 1 157 ? 2.032   -13.372 7.657   1.00 57.31 ? 157 ASP A OD2 1 
ATOM   1174 N N   . SER A 1 158 ? 1.188   -12.745 3.979   1.00 45.69 ? 158 SER A N   1 
ATOM   1175 C CA  . SER A 1 158 ? 1.413   -13.643 2.852   1.00 42.13 ? 158 SER A CA  1 
ATOM   1176 C C   . SER A 1 158 ? 0.785   -15.009 3.092   1.00 42.40 ? 158 SER A C   1 
ATOM   1177 O O   . SER A 1 158 ? 0.441   -15.709 2.133   1.00 45.66 ? 158 SER A O   1 
ATOM   1178 C CB  . SER A 1 158 ? 2.908   -13.787 2.583   1.00 48.75 ? 158 SER A CB  1 
ATOM   1179 O OG  . SER A 1 158 ? 3.415   -14.980 3.157   1.00 53.28 ? 158 SER A OG  1 
ATOM   1180 N N   . SER A 1 159 ? 0.630   -15.404 4.351   1.00 44.24 ? 159 SER A N   1 
ATOM   1181 C CA  . SER A 1 159 ? 0.023   -16.678 4.704   1.00 42.02 ? 159 SER A CA  1 
ATOM   1182 C C   . SER A 1 159 ? -1.494  -16.609 4.780   1.00 48.11 ? 159 SER A C   1 
ATOM   1183 O O   . SER A 1 159 ? -2.133  -17.636 5.035   1.00 54.57 ? 159 SER A O   1 
ATOM   1184 C CB  . SER A 1 159 ? 0.583   -17.173 6.040   1.00 47.41 ? 159 SER A CB  1 
ATOM   1185 O OG  . SER A 1 159 ? 0.213   -16.309 7.099   1.00 51.21 ? 159 SER A OG  1 
ATOM   1186 N N   . ALA A 1 160 ? -2.082  -15.435 4.574   1.00 46.80 ? 160 ALA A N   1 
ATOM   1187 C CA  . ALA A 1 160 ? -3.528  -15.295 4.654   1.00 42.67 ? 160 ALA A CA  1 
ATOM   1188 C C   . ALA A 1 160 ? -4.208  -16.088 3.546   1.00 44.98 ? 160 ALA A C   1 
ATOM   1189 O O   . ALA A 1 160 ? -3.765  -16.087 2.395   1.00 49.73 ? 160 ALA A O   1 
ATOM   1190 C CB  . ALA A 1 160 ? -3.926  -13.824 4.564   1.00 47.16 ? 160 ALA A CB  1 
ATOM   1191 N N   . SER A 1 161 ? -5.291  -16.769 3.902   1.00 52.67 ? 161 SER A N   1 
ATOM   1192 C CA  . SER A 1 161 ? -6.036  -17.577 2.947   1.00 55.20 ? 161 SER A CA  1 
ATOM   1193 C C   . SER A 1 161 ? -7.508  -17.650 3.331   1.00 59.65 ? 161 SER A C   1 
ATOM   1194 O O   . SER A 1 161 ? -7.877  -17.385 4.475   1.00 58.29 ? 161 SER A O   1 
ATOM   1195 C CB  . SER A 1 161 ? -5.443  -18.984 2.856   1.00 56.41 ? 161 SER A CB  1 
ATOM   1196 O OG  . SER A 1 161 ? -5.737  -19.738 4.019   1.00 61.44 ? 161 SER A OG  1 
ATOM   1197 O OXT . SER A 1 161 ? -8.363  -17.975 2.508   1.00 58.92 ? 161 SER A OXT 1 
HETATM 1198 O O1  . G3P B 2 .   ? 8.167   0.808   -12.065 1.00 65.79 ? 201 G3P A O1  1 
HETATM 1199 C C1  . G3P B 2 .   ? 9.351   1.514   -12.358 1.00 64.49 ? 201 G3P A C1  1 
HETATM 1200 C C2  . G3P B 2 .   ? 10.103  0.835   -13.499 1.00 64.68 ? 201 G3P A C2  1 
HETATM 1201 O O2  . G3P B 2 .   ? 11.386  0.455   -13.055 1.00 63.94 ? 201 G3P A O2  1 
HETATM 1202 C C3  . G3P B 2 .   ? 9.344   -0.397  -13.979 1.00 64.02 ? 201 G3P A C3  1 
HETATM 1203 O O1P . G3P B 2 .   ? 7.966   -0.110  -14.048 1.00 64.21 ? 201 G3P A O1P 1 
HETATM 1204 O O4P . G3P B 2 .   ? 5.627   -0.697  -14.873 1.00 60.64 ? 201 G3P A O4P 1 
HETATM 1205 O O2P . G3P B 2 .   ? 6.614   -1.963  -12.999 1.00 60.83 ? 201 G3P A O2P 1 
HETATM 1206 O O3P . G3P B 2 .   ? 7.464   -2.281  -15.291 1.00 58.16 ? 201 G3P A O3P 1 
HETATM 1207 P P   . G3P B 2 .   ? 6.898   -1.282  -14.315 1.00 55.31 ? 201 G3P A P   1 
HETATM 1208 C C1  . B6D C 3 .   ? 0.440   -12.984 -20.444 1.00 57.10 ? 202 B6D A C1  1 
HETATM 1209 N N2  . B6D C 3 .   ? 1.187   -12.669 -22.772 1.00 56.85 ? 202 B6D A N2  1 
HETATM 1210 C C3  . B6D C 3 .   ? 1.913   -14.652 -21.606 1.00 56.87 ? 202 B6D A C3  1 
HETATM 1211 C C4  . B6D C 3 .   ? 2.113   -15.313 -20.250 1.00 55.80 ? 202 B6D A C4  1 
HETATM 1212 C C5  . B6D C 3 .   ? 0.953   -14.989 -19.318 1.00 56.17 ? 202 B6D A C5  1 
HETATM 1213 C C6  . B6D C 3 .   ? 1.176   -15.607 -17.943 1.00 57.44 ? 202 B6D A C6  1 
HETATM 1214 C C7  . B6D C 3 .   ? 1.705   -11.548 -23.262 1.00 58.86 ? 202 B6D A C7  1 
HETATM 1215 C C8  . B6D C 3 .   ? 1.167   -11.117 -24.593 1.00 54.32 ? 202 B6D A C8  1 
HETATM 1216 C C9  . B6D C 3 .   ? 3.292   -18.890 -20.289 1.00 57.49 ? 202 B6D A C9  1 
HETATM 1217 C C2  . B6D C 3 .   ? 1.561   -13.177 -21.466 1.00 55.91 ? 202 B6D A C2  1 
HETATM 1218 O O7  . B6D C 3 .   ? 2.559   -10.912 -22.667 1.00 61.07 ? 202 B6D A O7  1 
HETATM 1219 N N4  . B6D C 3 .   ? 2.226   -16.748 -20.418 1.00 58.01 ? 202 B6D A N4  1 
HETATM 1220 C C10 . B6D C 3 .   ? 3.318   -17.410 -20.048 1.00 61.42 ? 202 B6D A C10 1 
HETATM 1221 O O10 . B6D C 3 .   ? 4.278   -16.851 -19.544 1.00 63.65 ? 202 B6D A O10 1 
HETATM 1222 O O5  . B6D C 3 .   ? 0.824   -13.572 -19.202 1.00 59.65 ? 202 B6D A O5  1 
HETATM 1223 O O3  . B6D C 3 .   ? 3.112   -14.784 -22.379 1.00 61.63 ? 202 B6D A O3  1 
# 
